data_6R2E
#
_entry.id   6R2E
#
_cell.length_a   139.939
_cell.length_b   167.070
_cell.length_c   189.970
_cell.angle_alpha   90.00
_cell.angle_beta   90.00
_cell.angle_gamma   90.00
#
_symmetry.space_group_name_H-M   'P 21 2 21'
#
loop_
_entity.id
_entity.type
_entity.pdbx_description
1 polymer 'Thymidylate synthase'
2 polymer 'Thymidylate synthase'
3 non-polymer 'SULFATE ION'
4 non-polymer 'N-[4-({[(6S)-2-amino-5-formyl-4-oxo-3,4,5,6,7,8-hexahydropteridin-6-yl]methyl}amino)benzoyl]-L-glutamic acid'
5 non-polymer 'CHLORIDE ION'
6 non-polymer GLYCEROL
7 water water
#
loop_
_entity_poly.entity_id
_entity_poly.type
_entity_poly.pdbx_seq_one_letter_code
_entity_poly.pdbx_strand_id
1 'polypeptide(L)'
;MRGSHHHHHHGSMPVAGSELPRRPLPPAAQERDAEPRPPHGELQYLGQIQHILR(CME)GVRKDDRTGTGTLSVFGMRAR
YSLRDEFPLLTTKRVFWKGVLEELLWFIKGSTNAKELSSKGVKIWDANGSRDFLDSLGFSTREEGDLGPVYGFQWRHFGA
EYRDMESDYSGQGVDQLQRVIDTIKTNPDDRRIIMCAWNPRDLPLMALPP(CME)HALCQFYVVNSELSCQLYQRSGDMG
LGVPFNIASYALLTYMIAHITGLKPGDFIHTLGDAHIYLNHIEPLKIQLQREPRPFPKLRILRKVEKIDDFKAEDFQIEG
YNPHPTIKMEMAV
;
A,C,D,B,F,H
2 'polypeptide(L)'
;MRGSHHHHHHGSMPVAGSELPRRPLPPAAQERDAEPRPPHGELQYLGQIQHILR(SCH)GVRKDDRTGTGTLSVFGMRAR
YSLRDEFPLLTTKRVFWKGVLEELLWFIKGSTNAKELSSKGVKIWDANGSRDFLDSLGFSTREEGDLGPVYGFQWRHFGA
EYRDMESDYSGQGVDQLQRVIDTIKTNPDDRRIIMCAWNPRDLPLMALPP(CME)HALCQFYVVNSELSCQLYQRSGDMG
LGVPFNIASYALLTYMIAHITGLKPGDFIHTLGDAHIYLNHIEPLKIQLQREPRPFPKLRILRKVEKIDDFKAEDFQIEG
YNPHPTIKMEMAV
;
E,G
#
# COMPACT_ATOMS: atom_id res chain seq x y z
N PRO A 38 -19.72 -19.36 -12.25
CA PRO A 38 -19.28 -18.57 -13.44
C PRO A 38 -18.17 -17.55 -13.14
N PRO A 39 -17.38 -17.05 -14.14
CA PRO A 39 -16.44 -15.95 -13.88
C PRO A 39 -17.20 -14.63 -13.78
N HIS A 40 -16.57 -13.64 -13.18
CA HIS A 40 -17.14 -12.31 -13.13
C HIS A 40 -17.25 -11.73 -14.56
N GLY A 41 -18.43 -11.20 -14.92
CA GLY A 41 -18.62 -10.58 -16.23
C GLY A 41 -17.70 -9.37 -16.49
N GLU A 42 -17.29 -8.68 -15.42
CA GLU A 42 -16.40 -7.55 -15.58
C GLU A 42 -15.11 -7.97 -16.29
N LEU A 43 -14.69 -9.22 -16.13
CA LEU A 43 -13.51 -9.73 -16.82
C LEU A 43 -13.68 -9.63 -18.34
N GLN A 44 -14.90 -9.69 -18.87
CA GLN A 44 -14.99 -9.54 -20.32
C GLN A 44 -14.47 -8.16 -20.74
N TYR A 45 -14.93 -7.13 -20.03
CA TYR A 45 -14.57 -5.76 -20.33
C TYR A 45 -13.05 -5.53 -20.18
N LEU A 46 -12.51 -5.98 -19.03
CA LEU A 46 -11.06 -5.94 -18.82
C LEU A 46 -10.31 -6.77 -19.87
N GLY A 47 -10.92 -7.88 -20.31
CA GLY A 47 -10.38 -8.67 -21.41
C GLY A 47 -10.24 -7.81 -22.67
N GLN A 48 -11.32 -7.09 -22.98
CA GLN A 48 -11.37 -6.23 -24.15
C GLN A 48 -10.28 -5.15 -24.11
N ILE A 49 -10.13 -4.51 -22.94
CA ILE A 49 -9.15 -3.45 -22.72
C ILE A 49 -7.75 -4.01 -23.06
N GLN A 50 -7.39 -5.10 -22.38
CA GLN A 50 -6.11 -5.74 -22.57
C GLN A 50 -5.87 -6.07 -24.03
N HIS A 51 -6.87 -6.66 -24.69
CA HIS A 51 -6.78 -7.01 -26.11
C HIS A 51 -6.41 -5.79 -26.94
N ILE A 52 -7.06 -4.63 -26.67
CA ILE A 52 -6.78 -3.45 -27.47
C ILE A 52 -5.37 -2.90 -27.14
N LEU A 53 -5.00 -2.90 -25.84
CA LEU A 53 -3.68 -2.40 -25.49
C LEU A 53 -2.57 -3.21 -26.19
N ARG A 54 -2.75 -4.52 -26.36
CA ARG A 54 -1.72 -5.38 -26.90
C ARG A 54 -1.76 -5.43 -28.43
N GLY A 56 -4.22 -3.65 -30.64
CA GLY A 56 -4.94 -2.62 -31.38
C GLY A 56 -4.01 -1.78 -32.28
N VAL A 57 -4.47 -1.41 -33.50
CA VAL A 57 -3.74 -0.48 -34.35
C VAL A 57 -3.83 0.94 -33.82
N ARG A 58 -2.69 1.66 -33.99
CA ARG A 58 -2.59 3.11 -33.86
C ARG A 58 -3.26 3.86 -35.01
N LYS A 59 -4.32 4.62 -34.75
CA LYS A 59 -4.85 5.42 -35.83
C LYS A 59 -4.87 6.88 -35.38
N ASP A 60 -4.86 7.83 -36.35
CA ASP A 60 -5.31 9.21 -36.14
C ASP A 60 -6.82 9.29 -35.98
N ASP A 61 -7.29 10.33 -35.30
CA ASP A 61 -8.74 10.38 -35.15
C ASP A 61 -9.26 11.82 -35.26
N ARG A 62 -10.59 11.92 -35.44
CA ARG A 62 -11.27 13.18 -35.66
C ARG A 62 -10.97 14.15 -34.50
N THR A 63 -10.77 13.60 -33.29
CA THR A 63 -10.69 14.44 -32.11
C THR A 63 -9.30 15.01 -31.88
N GLY A 64 -8.27 14.51 -32.61
CA GLY A 64 -6.88 14.91 -32.46
C GLY A 64 -6.10 14.05 -31.45
N THR A 65 -6.77 13.19 -30.67
CA THR A 65 -6.13 12.54 -29.54
C THR A 65 -5.26 11.37 -30.01
N GLY A 66 -5.69 10.68 -31.08
CA GLY A 66 -5.14 9.38 -31.43
C GLY A 66 -5.76 8.24 -30.60
N THR A 67 -5.85 7.05 -31.21
CA THR A 67 -6.43 5.88 -30.59
C THR A 67 -5.68 4.59 -30.92
N LEU A 68 -5.88 3.59 -30.05
CA LEU A 68 -5.64 2.19 -30.36
C LEU A 68 -7.00 1.59 -30.63
N SER A 69 -7.11 0.87 -31.75
CA SER A 69 -8.44 0.35 -32.02
C SER A 69 -8.42 -1.06 -32.63
N VAL A 70 -9.51 -1.81 -32.34
CA VAL A 70 -9.89 -3.12 -32.85
C VAL A 70 -11.31 -3.07 -33.41
N PHE A 71 -11.70 -4.03 -34.25
CA PHE A 71 -13.04 -4.01 -34.83
C PHE A 71 -13.66 -5.38 -34.56
N GLY A 72 -14.85 -5.39 -33.97
CA GLY A 72 -15.70 -6.56 -33.91
C GLY A 72 -15.51 -7.35 -32.64
N MET A 73 -16.05 -6.88 -31.48
CA MET A 73 -16.01 -7.60 -30.20
C MET A 73 -17.41 -7.83 -29.64
N ARG A 74 -17.48 -8.68 -28.62
CA ARG A 74 -18.73 -9.19 -28.08
C ARG A 74 -18.51 -9.58 -26.60
N ALA A 75 -19.43 -9.12 -25.74
CA ALA A 75 -19.48 -9.52 -24.34
C ALA A 75 -20.95 -9.76 -23.95
N ARG A 76 -21.14 -10.48 -22.86
CA ARG A 76 -22.50 -10.81 -22.42
C ARG A 76 -22.56 -10.66 -20.90
N TYR A 77 -23.34 -9.70 -20.45
CA TYR A 77 -23.50 -9.40 -19.05
C TYR A 77 -24.85 -9.93 -18.60
N SER A 78 -24.81 -10.83 -17.65
CA SER A 78 -26.01 -11.28 -16.99
C SER A 78 -26.65 -10.13 -16.21
N LEU A 79 -28.00 -10.11 -16.19
CA LEU A 79 -28.76 -9.13 -15.42
C LEU A 79 -29.59 -9.86 -14.35
N ARG A 80 -29.34 -11.15 -14.13
CA ARG A 80 -30.20 -11.93 -13.25
C ARG A 80 -29.63 -11.83 -11.84
N ASP A 81 -30.34 -11.10 -10.96
CA ASP A 81 -29.93 -10.75 -9.61
C ASP A 81 -28.56 -10.03 -9.54
N GLU A 82 -28.01 -9.56 -10.68
CA GLU A 82 -26.86 -8.66 -10.64
C GLU A 82 -27.08 -7.52 -11.63
N PHE A 83 -26.26 -6.48 -11.46
CA PHE A 83 -26.25 -5.31 -12.33
C PHE A 83 -24.82 -4.89 -12.71
N PRO A 84 -24.46 -4.81 -14.01
CA PRO A 84 -23.06 -4.62 -14.38
C PRO A 84 -22.60 -3.16 -14.31
N LEU A 85 -22.59 -2.63 -13.07
CA LEU A 85 -21.83 -1.41 -12.85
C LEU A 85 -20.38 -1.75 -12.53
N LEU A 86 -19.40 -1.28 -13.31
CA LEU A 86 -18.07 -1.87 -13.23
C LEU A 86 -17.47 -1.58 -11.86
N THR A 87 -16.70 -2.50 -11.31
CA THR A 87 -16.19 -2.30 -9.97
C THR A 87 -14.69 -1.99 -9.93
N THR A 88 -13.98 -2.16 -11.05
CA THR A 88 -12.54 -1.89 -11.08
C THR A 88 -12.25 -0.39 -11.08
N LYS A 89 -13.27 0.47 -11.23
CA LYS A 89 -13.14 1.91 -10.99
C LYS A 89 -14.51 2.40 -10.56
N ARG A 90 -14.61 3.46 -9.72
CA ARG A 90 -15.93 4.03 -9.44
C ARG A 90 -16.56 4.61 -10.71
N VAL A 91 -17.75 4.13 -11.09
CA VAL A 91 -18.47 4.66 -12.22
C VAL A 91 -19.48 5.65 -11.67
N PHE A 92 -19.67 6.76 -12.39
CA PHE A 92 -20.57 7.84 -11.96
C PHE A 92 -22.04 7.43 -12.17
N TRP A 93 -22.59 6.66 -11.23
CA TRP A 93 -23.94 6.11 -11.38
C TRP A 93 -25.03 7.15 -11.54
N LYS A 94 -25.03 8.23 -10.72
CA LYS A 94 -25.89 9.39 -10.99
C LYS A 94 -25.86 9.79 -12.47
N GLY A 95 -24.68 9.80 -13.09
CA GLY A 95 -24.50 10.17 -14.48
C GLY A 95 -25.29 9.23 -15.38
N VAL A 96 -25.17 7.92 -15.19
CA VAL A 96 -25.82 6.98 -16.08
C VAL A 96 -27.33 7.18 -15.97
N LEU A 97 -27.81 7.26 -14.71
CA LEU A 97 -29.23 7.31 -14.44
C LEU A 97 -29.86 8.65 -14.90
N GLU A 98 -29.24 9.79 -14.60
CA GLU A 98 -29.71 11.05 -15.16
C GLU A 98 -29.69 10.99 -16.69
N GLU A 99 -28.58 10.50 -17.24
CA GLU A 99 -28.39 10.40 -18.71
C GLU A 99 -29.57 9.67 -19.37
N LEU A 100 -29.86 8.44 -18.92
CA LEU A 100 -30.95 7.68 -19.54
C LEU A 100 -32.31 8.37 -19.38
N LEU A 101 -32.59 8.93 -18.21
CA LEU A 101 -33.90 9.56 -18.00
C LEU A 101 -34.14 10.68 -19.04
N TRP A 102 -33.07 11.43 -19.38
CA TRP A 102 -33.04 12.55 -20.29
C TRP A 102 -33.26 12.04 -21.72
N PHE A 103 -32.59 10.90 -22.05
CA PHE A 103 -32.84 10.11 -23.27
C PHE A 103 -34.34 9.85 -23.31
N ILE A 104 -34.89 9.23 -22.26
CA ILE A 104 -36.30 8.85 -22.30
C ILE A 104 -37.20 10.07 -22.50
N LYS A 105 -36.93 11.12 -21.70
CA LYS A 105 -37.52 12.43 -21.80
C LYS A 105 -37.60 12.96 -23.23
N GLY A 106 -36.64 12.58 -24.10
CA GLY A 106 -36.65 12.98 -25.50
C GLY A 106 -35.85 14.27 -25.74
N SER A 107 -35.10 14.67 -24.71
CA SER A 107 -34.38 15.93 -24.69
C SER A 107 -33.12 15.92 -25.59
N THR A 108 -32.86 17.04 -26.28
CA THR A 108 -31.59 17.20 -26.98
C THR A 108 -30.80 18.39 -26.39
N ASN A 109 -31.06 18.74 -25.13
CA ASN A 109 -30.55 19.96 -24.53
C ASN A 109 -29.57 19.60 -23.40
N ALA A 110 -28.26 19.77 -23.65
CA ALA A 110 -27.28 19.40 -22.64
C ALA A 110 -27.55 20.14 -21.29
N LYS A 111 -28.06 21.35 -21.35
CA LYS A 111 -28.19 22.10 -20.15
C LYS A 111 -29.25 21.40 -19.32
N GLU A 112 -30.32 20.85 -19.92
CA GLU A 112 -31.36 20.15 -19.15
C GLU A 112 -30.71 18.94 -18.45
N LEU A 113 -29.64 18.38 -19.04
CA LEU A 113 -28.89 17.35 -18.33
C LEU A 113 -28.00 17.93 -17.20
N SER A 114 -27.27 19.00 -17.56
CA SER A 114 -26.41 19.80 -16.70
C SER A 114 -27.13 20.32 -15.45
N SER A 115 -28.39 20.70 -15.61
CA SER A 115 -29.17 21.08 -14.45
C SER A 115 -29.19 19.99 -13.39
N LYS A 116 -28.90 18.73 -13.75
CA LYS A 116 -29.16 17.67 -12.80
C LYS A 116 -27.92 17.31 -11.98
N GLY A 117 -26.77 17.92 -12.25
CA GLY A 117 -25.52 17.50 -11.60
C GLY A 117 -24.56 16.71 -12.51
N VAL A 118 -24.83 16.67 -13.84
CA VAL A 118 -24.23 15.70 -14.74
C VAL A 118 -23.64 16.43 -15.93
N LYS A 119 -22.32 16.59 -15.95
CA LYS A 119 -21.73 17.46 -16.99
C LYS A 119 -21.21 16.68 -18.17
N ILE A 120 -21.61 15.43 -18.30
CA ILE A 120 -21.09 14.60 -19.39
C ILE A 120 -21.38 15.14 -20.81
N TRP A 121 -22.55 15.73 -21.13
CA TRP A 121 -22.79 16.09 -22.54
C TRP A 121 -22.28 17.51 -22.82
N ASP A 122 -21.87 18.19 -21.76
CA ASP A 122 -21.65 19.62 -21.88
C ASP A 122 -20.70 20.02 -22.99
N ALA A 123 -19.53 19.41 -23.10
CA ALA A 123 -18.55 19.81 -24.09
C ALA A 123 -19.09 19.54 -25.50
N ASN A 124 -19.96 18.54 -25.70
CA ASN A 124 -20.32 18.26 -27.08
C ASN A 124 -21.36 19.29 -27.51
N GLY A 125 -21.74 20.17 -26.56
CA GLY A 125 -22.90 21.03 -26.72
C GLY A 125 -22.56 22.52 -26.56
N SER A 126 -21.27 22.77 -26.26
CA SER A 126 -20.76 24.12 -26.03
C SER A 126 -20.69 24.98 -27.29
N ARG A 127 -20.68 26.31 -27.03
CA ARG A 127 -20.44 27.29 -28.06
C ARG A 127 -19.25 26.86 -28.95
N ASP A 128 -18.11 26.55 -28.31
CA ASP A 128 -16.89 26.26 -29.06
C ASP A 128 -17.11 25.11 -30.04
N PHE A 129 -17.65 24.01 -29.50
CA PHE A 129 -17.71 22.77 -30.22
C PHE A 129 -18.71 22.94 -31.35
N LEU A 130 -19.89 23.46 -30.97
CA LEU A 130 -20.96 23.81 -31.92
C LEU A 130 -20.38 24.64 -33.07
N ASP A 131 -19.54 25.64 -32.74
CA ASP A 131 -19.02 26.51 -33.80
C ASP A 131 -18.02 25.81 -34.72
N SER A 132 -17.28 24.85 -34.16
CA SER A 132 -16.29 24.06 -34.88
C SER A 132 -16.98 23.06 -35.83
N LEU A 133 -18.24 22.64 -35.55
CA LEU A 133 -19.05 21.90 -36.52
C LEU A 133 -19.82 22.80 -37.51
N GLY A 134 -19.72 24.13 -37.41
CA GLY A 134 -20.40 24.96 -38.39
C GLY A 134 -21.85 25.26 -38.03
N PHE A 135 -22.24 24.97 -36.80
CA PHE A 135 -23.61 25.11 -36.41
C PHE A 135 -23.81 26.49 -35.77
N SER A 136 -23.48 27.56 -36.51
CA SER A 136 -23.36 28.88 -35.90
C SER A 136 -24.70 29.43 -35.42
N THR A 137 -25.81 28.91 -35.96
CA THR A 137 -27.07 29.49 -35.52
C THR A 137 -27.56 28.85 -34.23
N ARG A 138 -27.18 27.57 -33.94
CA ARG A 138 -27.67 26.85 -32.77
C ARG A 138 -27.30 27.53 -31.45
N GLU A 139 -28.19 27.36 -30.46
CA GLU A 139 -28.05 27.87 -29.09
C GLU A 139 -27.08 26.99 -28.31
N GLU A 140 -26.48 27.56 -27.24
CA GLU A 140 -25.61 26.75 -26.41
C GLU A 140 -26.45 25.64 -25.76
N GLY A 141 -26.09 24.40 -26.17
CA GLY A 141 -26.54 23.17 -25.55
C GLY A 141 -27.37 22.27 -26.47
N ASP A 142 -27.60 22.73 -27.72
CA ASP A 142 -28.50 22.11 -28.69
C ASP A 142 -27.71 21.14 -29.56
N LEU A 143 -27.74 19.85 -29.17
CA LEU A 143 -26.86 18.83 -29.73
C LEU A 143 -27.40 18.37 -31.09
N GLY A 144 -28.59 18.82 -31.47
CA GLY A 144 -29.22 18.28 -32.66
C GLY A 144 -30.14 17.08 -32.39
N PRO A 145 -30.55 16.38 -33.47
CA PRO A 145 -31.43 15.21 -33.33
C PRO A 145 -30.73 13.91 -32.90
N VAL A 146 -30.18 13.92 -31.67
CA VAL A 146 -29.45 12.81 -31.06
C VAL A 146 -30.44 11.83 -30.41
N TYR A 147 -29.92 10.95 -29.61
CA TYR A 147 -30.65 9.84 -28.96
C TYR A 147 -32.11 10.12 -28.60
N GLY A 148 -32.39 11.07 -27.69
CA GLY A 148 -33.73 11.32 -27.15
C GLY A 148 -34.73 11.58 -28.28
N PHE A 149 -34.30 12.38 -29.23
CA PHE A 149 -35.19 12.75 -30.32
C PHE A 149 -35.53 11.53 -31.16
N GLN A 150 -34.55 10.64 -31.40
CA GLN A 150 -34.70 9.46 -32.27
C GLN A 150 -35.46 8.32 -31.59
N TRP A 151 -35.17 8.13 -30.32
CA TRP A 151 -35.86 7.13 -29.54
C TRP A 151 -37.34 7.44 -29.56
N ARG A 152 -37.72 8.74 -29.55
CA ARG A 152 -39.10 9.17 -29.29
C ARG A 152 -39.79 9.72 -30.53
N HIS A 153 -39.02 10.12 -31.53
CA HIS A 153 -39.62 10.87 -32.62
C HIS A 153 -38.90 10.60 -33.95
N PHE A 154 -38.36 9.39 -34.16
CA PHE A 154 -37.66 9.08 -35.39
C PHE A 154 -38.41 9.59 -36.63
N GLY A 155 -37.71 10.27 -37.52
CA GLY A 155 -38.40 10.67 -38.73
C GLY A 155 -38.97 12.09 -38.68
N ALA A 156 -39.17 12.64 -37.47
CA ALA A 156 -39.70 13.98 -37.33
C ALA A 156 -38.69 15.00 -37.87
N GLU A 157 -39.18 16.17 -38.34
CA GLU A 157 -38.33 17.29 -38.78
C GLU A 157 -37.73 18.03 -37.58
N TYR A 158 -36.42 17.90 -37.37
CA TYR A 158 -35.89 18.59 -36.21
C TYR A 158 -35.92 20.09 -36.54
N ARG A 159 -36.04 20.94 -35.50
CA ARG A 159 -35.83 22.40 -35.55
C ARG A 159 -34.83 22.90 -34.46
N ASP A 160 -35.28 22.92 -33.23
CA ASP A 160 -34.32 23.09 -32.18
C ASP A 160 -34.71 22.24 -30.98
N MET A 161 -33.80 22.23 -30.04
CA MET A 161 -34.03 21.54 -28.79
C MET A 161 -35.27 22.14 -28.10
N GLU A 162 -35.82 23.27 -28.57
CA GLU A 162 -36.86 23.88 -27.76
C GLU A 162 -38.21 23.43 -28.28
N SER A 163 -38.26 22.93 -29.51
CA SER A 163 -39.54 22.67 -30.18
C SER A 163 -40.38 21.63 -29.44
N ASP A 164 -41.69 21.70 -29.66
CA ASP A 164 -42.59 20.71 -29.09
C ASP A 164 -42.84 19.65 -30.17
N TYR A 165 -42.25 18.45 -29.97
CA TYR A 165 -42.21 17.43 -30.99
C TYR A 165 -43.29 16.36 -30.78
N SER A 166 -44.07 16.56 -29.71
CA SER A 166 -45.30 15.84 -29.34
C SER A 166 -46.08 15.31 -30.53
N GLY A 167 -46.28 13.97 -30.58
CA GLY A 167 -47.05 13.36 -31.64
C GLY A 167 -46.26 13.17 -32.94
N GLN A 168 -45.04 13.71 -33.05
CA GLN A 168 -44.36 13.64 -34.33
C GLN A 168 -43.32 12.53 -34.36
N GLY A 169 -43.08 11.97 -35.56
CA GLY A 169 -42.13 10.87 -35.76
C GLY A 169 -42.62 9.54 -35.18
N VAL A 170 -41.74 8.50 -35.17
CA VAL A 170 -42.05 7.20 -34.59
C VAL A 170 -41.54 7.14 -33.14
N ASP A 171 -42.42 6.77 -32.22
CA ASP A 171 -42.03 6.55 -30.83
C ASP A 171 -41.59 5.09 -30.66
N GLN A 172 -40.33 4.86 -31.03
CA GLN A 172 -39.66 3.59 -31.05
C GLN A 172 -39.72 2.94 -29.68
N LEU A 173 -39.38 3.73 -28.65
CA LEU A 173 -39.42 3.23 -27.27
C LEU A 173 -40.84 2.72 -26.92
N GLN A 174 -41.88 3.49 -27.22
CA GLN A 174 -43.14 3.04 -26.70
C GLN A 174 -43.55 1.81 -27.52
N ARG A 175 -43.12 1.78 -28.78
CA ARG A 175 -43.46 0.64 -29.62
C ARG A 175 -42.79 -0.66 -29.16
N VAL A 176 -41.54 -0.54 -28.71
CA VAL A 176 -40.82 -1.66 -28.12
C VAL A 176 -41.64 -2.26 -26.97
N ILE A 177 -42.08 -1.37 -26.06
CA ILE A 177 -42.80 -1.75 -24.86
C ILE A 177 -44.12 -2.42 -25.25
N ASP A 178 -44.85 -1.77 -26.17
CA ASP A 178 -46.11 -2.28 -26.67
C ASP A 178 -45.93 -3.63 -27.34
N THR A 179 -44.86 -3.79 -28.14
CA THR A 179 -44.64 -5.09 -28.76
C THR A 179 -44.33 -6.16 -27.70
N ILE A 180 -43.56 -5.80 -26.67
CA ILE A 180 -43.19 -6.81 -25.70
C ILE A 180 -44.42 -7.34 -24.95
N LYS A 181 -45.39 -6.47 -24.72
CA LYS A 181 -46.62 -6.86 -24.04
C LYS A 181 -47.55 -7.62 -24.98
N THR A 182 -47.61 -7.24 -26.26
CA THR A 182 -48.73 -7.83 -26.96
C THR A 182 -48.24 -9.01 -27.77
N ASN A 183 -47.02 -8.93 -28.33
CA ASN A 183 -46.58 -10.10 -29.09
C ASN A 183 -45.14 -10.43 -28.74
N PRO A 184 -44.85 -10.98 -27.54
CA PRO A 184 -43.45 -11.06 -27.13
C PRO A 184 -42.61 -11.90 -28.12
N ASP A 185 -43.25 -12.72 -28.95
CA ASP A 185 -42.50 -13.66 -29.86
C ASP A 185 -42.01 -13.00 -31.17
N ASP A 186 -42.39 -11.74 -31.41
CA ASP A 186 -42.06 -10.93 -32.58
C ASP A 186 -40.54 -10.75 -32.71
N ARG A 187 -40.04 -10.85 -33.95
CA ARG A 187 -38.63 -10.84 -34.27
C ARG A 187 -38.14 -9.42 -34.70
N ARG A 188 -38.97 -8.41 -34.47
CA ARG A 188 -38.70 -7.02 -34.95
C ARG A 188 -38.62 -6.02 -33.81
N ILE A 189 -38.25 -6.43 -32.61
CA ILE A 189 -38.31 -5.51 -31.49
C ILE A 189 -37.03 -4.66 -31.42
N ILE A 190 -37.00 -3.59 -32.24
CA ILE A 190 -35.83 -2.73 -32.46
C ILE A 190 -36.09 -1.27 -32.11
N MET A 191 -35.03 -0.67 -31.57
CA MET A 191 -34.88 0.77 -31.48
C MET A 191 -33.52 1.20 -32.13
N CYS A 192 -33.59 2.02 -33.17
CA CYS A 192 -32.44 2.48 -33.95
C CYS A 192 -32.29 3.99 -33.78
N ALA A 193 -31.08 4.46 -33.46
CA ALA A 193 -30.81 5.88 -33.37
C ALA A 193 -30.02 6.39 -34.59
N TRP A 194 -29.58 5.44 -35.44
CA TRP A 194 -28.81 5.76 -36.63
C TRP A 194 -29.76 6.33 -37.70
N ASN A 195 -29.79 7.64 -37.84
CA ASN A 195 -30.71 8.27 -38.75
C ASN A 195 -29.86 8.93 -39.83
N PRO A 196 -29.62 8.32 -41.02
CA PRO A 196 -28.69 8.91 -41.99
C PRO A 196 -29.07 10.31 -42.50
N ARG A 197 -30.37 10.59 -42.65
CA ARG A 197 -30.86 11.94 -42.98
C ARG A 197 -30.46 12.95 -41.90
N ASP A 198 -30.61 12.55 -40.63
CA ASP A 198 -30.36 13.39 -39.45
C ASP A 198 -28.87 13.56 -39.18
N LEU A 199 -28.01 12.71 -39.78
CA LEU A 199 -26.59 12.65 -39.44
C LEU A 199 -26.02 14.08 -39.45
N PRO A 200 -26.17 14.89 -40.53
CA PRO A 200 -25.54 16.21 -40.62
C PRO A 200 -25.85 17.23 -39.53
N LEU A 201 -26.91 17.00 -38.71
CA LEU A 201 -27.33 17.92 -37.67
C LEU A 201 -26.93 17.51 -36.26
N MET A 202 -26.32 16.32 -36.11
CA MET A 202 -25.97 15.83 -34.77
C MET A 202 -24.63 16.38 -34.30
N ALA A 203 -24.60 16.82 -33.05
CA ALA A 203 -23.35 17.34 -32.52
C ALA A 203 -22.36 16.20 -32.71
N LEU A 204 -22.88 14.99 -32.51
CA LEU A 204 -22.14 13.76 -32.69
C LEU A 204 -23.15 12.63 -33.06
N PRO A 205 -22.84 11.73 -34.05
CA PRO A 205 -23.75 10.66 -34.45
C PRO A 205 -23.74 9.55 -33.38
N PRO A 206 -24.80 8.74 -33.24
CA PRO A 206 -24.91 7.86 -32.08
C PRO A 206 -23.81 6.82 -32.10
N HIS A 208 -23.85 4.26 -29.73
CA HIS A 208 -24.78 3.17 -29.48
C HIS A 208 -25.96 3.28 -30.44
N ALA A 209 -25.88 2.55 -31.53
CA ALA A 209 -26.56 2.94 -32.74
C ALA A 209 -27.93 2.28 -32.74
N LEU A 210 -28.02 1.00 -32.24
CA LEU A 210 -29.15 0.10 -32.48
C LEU A 210 -29.24 -1.01 -31.41
N CYS A 211 -30.44 -1.18 -30.82
CA CYS A 211 -30.67 -2.30 -29.92
C CYS A 211 -31.91 -3.09 -30.35
N GLN A 212 -31.82 -4.39 -29.96
CA GLN A 212 -32.86 -5.37 -30.14
C GLN A 212 -33.18 -6.02 -28.79
N PHE A 213 -34.48 -6.15 -28.50
CA PHE A 213 -34.92 -6.88 -27.32
C PHE A 213 -35.51 -8.20 -27.79
N TYR A 214 -35.50 -9.19 -26.90
CA TYR A 214 -35.96 -10.51 -27.26
C TYR A 214 -36.45 -11.15 -25.98
N VAL A 215 -37.59 -11.85 -26.03
CA VAL A 215 -38.20 -12.42 -24.83
C VAL A 215 -38.13 -13.97 -24.94
N VAL A 216 -37.65 -14.62 -23.87
CA VAL A 216 -37.69 -16.07 -23.85
C VAL A 216 -38.07 -16.49 -22.44
N ASN A 217 -39.05 -17.42 -22.32
CA ASN A 217 -39.67 -17.74 -21.04
C ASN A 217 -40.30 -16.44 -20.50
N SER A 218 -39.78 -15.95 -19.37
CA SER A 218 -40.26 -14.70 -18.74
C SER A 218 -39.08 -13.75 -18.49
N GLU A 219 -38.07 -13.80 -19.37
CA GLU A 219 -36.87 -12.96 -19.26
C GLU A 219 -36.76 -12.02 -20.46
N LEU A 220 -36.42 -10.76 -20.18
CA LEU A 220 -36.22 -9.83 -21.26
C LEU A 220 -34.71 -9.65 -21.43
N SER A 221 -34.19 -9.89 -22.64
CA SER A 221 -32.79 -9.57 -22.99
C SER A 221 -32.70 -8.43 -23.97
N CYS A 222 -31.49 -7.87 -24.09
CA CYS A 222 -31.21 -6.77 -25.00
C CYS A 222 -29.84 -6.99 -25.62
N GLN A 223 -29.72 -6.75 -26.93
CA GLN A 223 -28.45 -6.74 -27.60
C GLN A 223 -28.23 -5.32 -28.12
N LEU A 224 -27.08 -4.72 -27.81
CA LEU A 224 -26.73 -3.41 -28.34
C LEU A 224 -25.75 -3.58 -29.52
N TYR A 225 -26.05 -2.98 -30.69
CA TYR A 225 -24.96 -2.77 -31.63
C TYR A 225 -24.32 -1.38 -31.48
N GLN A 226 -23.14 -1.35 -30.82
CA GLN A 226 -22.35 -0.14 -30.62
C GLN A 226 -21.32 0.07 -31.75
N ARG A 227 -21.64 0.95 -32.70
CA ARG A 227 -20.77 1.18 -33.85
C ARG A 227 -19.39 1.76 -33.46
N SER A 228 -19.34 2.36 -32.28
CA SER A 228 -18.15 3.11 -31.90
C SER A 228 -18.10 3.22 -30.36
N GLY A 229 -16.98 2.75 -29.78
CA GLY A 229 -16.91 2.54 -28.34
C GLY A 229 -15.62 3.13 -27.80
N ASP A 230 -15.83 4.22 -27.04
CA ASP A 230 -14.82 4.88 -26.23
C ASP A 230 -14.61 3.95 -25.03
N MET A 231 -13.61 3.07 -25.10
CA MET A 231 -13.59 1.93 -24.19
C MET A 231 -13.35 2.37 -22.74
N GLY A 232 -12.54 3.44 -22.60
CA GLY A 232 -12.11 4.06 -21.35
C GLY A 232 -13.30 4.71 -20.64
N LEU A 233 -14.07 5.56 -21.35
CA LEU A 233 -14.96 6.48 -20.69
C LEU A 233 -16.42 6.19 -20.98
N GLY A 234 -16.73 5.92 -22.25
CA GLY A 234 -18.13 5.80 -22.67
C GLY A 234 -18.69 4.43 -22.28
N VAL A 235 -17.90 3.38 -22.61
CA VAL A 235 -18.38 2.02 -22.57
C VAL A 235 -18.82 1.67 -21.15
N PRO A 236 -18.07 2.02 -20.08
CA PRO A 236 -18.55 1.74 -18.72
C PRO A 236 -19.93 2.36 -18.54
N PHE A 237 -20.13 3.57 -19.10
CA PHE A 237 -21.42 4.24 -19.01
C PHE A 237 -22.44 3.49 -19.84
N ASN A 238 -22.10 3.22 -21.10
CA ASN A 238 -23.06 2.66 -22.02
C ASN A 238 -23.60 1.29 -21.54
N ILE A 239 -22.72 0.40 -21.02
CA ILE A 239 -23.10 -0.92 -20.50
C ILE A 239 -24.18 -0.74 -19.41
N ALA A 240 -23.86 -0.03 -18.31
CA ALA A 240 -24.82 0.27 -17.26
C ALA A 240 -26.10 0.93 -17.82
N SER A 241 -25.94 1.80 -18.80
CA SER A 241 -27.05 2.48 -19.42
C SER A 241 -28.06 1.48 -20.02
N TYR A 242 -27.55 0.47 -20.71
CA TYR A 242 -28.46 -0.44 -21.39
C TYR A 242 -29.01 -1.51 -20.44
N ALA A 243 -28.18 -1.91 -19.48
CA ALA A 243 -28.63 -2.80 -18.43
C ALA A 243 -29.80 -2.13 -17.71
N LEU A 244 -29.64 -0.84 -17.35
CA LEU A 244 -30.68 -0.09 -16.65
C LEU A 244 -31.95 0.04 -17.51
N LEU A 245 -31.81 0.33 -18.81
CA LEU A 245 -32.97 0.41 -19.71
C LEU A 245 -33.75 -0.92 -19.71
N THR A 246 -33.01 -2.05 -19.70
CA THR A 246 -33.60 -3.38 -19.78
C THR A 246 -34.33 -3.64 -18.48
N TYR A 247 -33.73 -3.21 -17.35
CA TYR A 247 -34.45 -3.29 -16.08
C TYR A 247 -35.76 -2.50 -16.12
N MET A 248 -35.77 -1.30 -16.71
CA MET A 248 -36.96 -0.48 -16.67
C MET A 248 -38.06 -1.14 -17.47
N ILE A 249 -37.74 -1.59 -18.69
CA ILE A 249 -38.71 -2.19 -19.59
C ILE A 249 -39.21 -3.53 -19.03
N ALA A 250 -38.32 -4.29 -18.38
CA ALA A 250 -38.70 -5.54 -17.73
C ALA A 250 -39.73 -5.24 -16.64
N HIS A 251 -39.54 -4.14 -15.90
CA HIS A 251 -40.41 -3.79 -14.80
C HIS A 251 -41.81 -3.51 -15.33
N ILE A 252 -41.92 -2.71 -16.41
CA ILE A 252 -43.24 -2.30 -16.81
C ILE A 252 -43.95 -3.36 -17.64
N THR A 253 -43.21 -4.38 -18.12
CA THR A 253 -43.84 -5.41 -18.95
C THR A 253 -44.09 -6.69 -18.15
N GLY A 254 -43.64 -6.71 -16.90
CA GLY A 254 -43.84 -7.84 -16.01
C GLY A 254 -42.87 -8.97 -16.35
N LEU A 255 -41.79 -8.63 -17.06
CA LEU A 255 -40.84 -9.66 -17.42
C LEU A 255 -39.72 -9.59 -16.42
N LYS A 256 -38.85 -10.59 -16.38
CA LYS A 256 -37.65 -10.48 -15.53
C LYS A 256 -36.53 -10.19 -16.50
N PRO A 257 -35.54 -9.35 -16.11
CA PRO A 257 -34.38 -9.10 -16.96
C PRO A 257 -33.46 -10.32 -17.10
N GLY A 258 -32.94 -10.55 -18.32
CA GLY A 258 -32.16 -11.73 -18.71
C GLY A 258 -30.66 -11.43 -18.91
N ASP A 259 -30.25 -11.34 -20.18
CA ASP A 259 -28.93 -10.88 -20.60
C ASP A 259 -28.97 -9.50 -21.28
N PHE A 260 -27.88 -8.74 -21.04
CA PHE A 260 -27.46 -7.68 -21.94
C PHE A 260 -26.25 -8.16 -22.74
N ILE A 261 -26.39 -8.23 -24.09
CA ILE A 261 -25.34 -8.60 -25.04
C ILE A 261 -24.82 -7.34 -25.75
N HIS A 262 -23.50 -7.14 -25.62
CA HIS A 262 -22.84 -5.95 -26.13
C HIS A 262 -22.00 -6.33 -27.36
N THR A 263 -22.46 -5.96 -28.59
CA THR A 263 -21.67 -6.12 -29.77
C THR A 263 -20.97 -4.79 -30.06
N LEU A 264 -19.62 -4.82 -30.19
CA LEU A 264 -18.91 -3.62 -30.59
C LEU A 264 -18.50 -3.74 -32.03
N GLY A 265 -18.63 -2.62 -32.75
CA GLY A 265 -17.94 -2.39 -34.02
C GLY A 265 -16.51 -1.89 -33.79
N ASP A 266 -16.36 -0.55 -33.83
CA ASP A 266 -15.07 0.13 -33.76
C ASP A 266 -14.82 0.46 -32.29
N ALA A 267 -14.02 -0.38 -31.63
CA ALA A 267 -13.72 -0.23 -30.21
C ALA A 267 -12.34 0.41 -30.05
N HIS A 268 -12.25 1.59 -29.41
CA HIS A 268 -10.98 2.33 -29.34
C HIS A 268 -10.64 2.76 -27.91
N ILE A 269 -9.33 2.79 -27.65
CA ILE A 269 -8.80 3.47 -26.48
C ILE A 269 -8.08 4.72 -26.98
N TYR A 270 -8.44 5.89 -26.45
CA TYR A 270 -7.72 7.13 -26.70
C TYR A 270 -6.32 7.03 -26.04
N LEU A 271 -5.27 7.67 -26.57
CA LEU A 271 -3.94 7.45 -26.02
C LEU A 271 -3.78 7.99 -24.60
N ASN A 272 -4.48 9.09 -24.25
CA ASN A 272 -4.45 9.63 -22.89
C ASN A 272 -5.27 8.76 -21.94
N HIS A 273 -5.79 7.64 -22.40
CA HIS A 273 -6.39 6.68 -21.49
C HIS A 273 -5.50 5.47 -21.16
N ILE A 274 -4.38 5.28 -21.89
CA ILE A 274 -3.57 4.09 -21.79
C ILE A 274 -3.05 3.86 -20.36
N GLU A 275 -2.35 4.86 -19.80
CA GLU A 275 -1.80 4.80 -18.44
C GLU A 275 -2.94 4.60 -17.44
N PRO A 276 -4.00 5.45 -17.45
CA PRO A 276 -5.18 5.25 -16.59
C PRO A 276 -5.76 3.82 -16.56
N LEU A 277 -5.88 3.22 -17.75
CA LEU A 277 -6.42 1.87 -17.82
C LEU A 277 -5.39 0.81 -17.39
N LYS A 278 -4.08 1.17 -17.41
CA LYS A 278 -3.08 0.19 -16.98
C LYS A 278 -3.16 0.06 -15.47
N ILE A 279 -3.50 1.17 -14.81
CA ILE A 279 -3.82 1.15 -13.39
C ILE A 279 -5.05 0.27 -13.13
N GLN A 280 -6.11 0.48 -13.94
CA GLN A 280 -7.37 -0.24 -13.79
C GLN A 280 -7.20 -1.75 -13.96
N LEU A 281 -6.31 -2.16 -14.88
CA LEU A 281 -6.15 -3.54 -15.26
C LEU A 281 -5.59 -4.37 -14.12
N GLN A 282 -5.05 -3.69 -13.10
CA GLN A 282 -4.42 -4.42 -12.02
C GLN A 282 -5.38 -4.69 -10.87
N ARG A 283 -6.61 -4.18 -10.96
CA ARG A 283 -7.58 -4.37 -9.88
C ARG A 283 -8.37 -5.65 -10.11
N GLU A 284 -8.75 -6.26 -9.00
CA GLU A 284 -9.61 -7.43 -9.02
C GLU A 284 -11.06 -6.95 -9.03
N PRO A 285 -11.94 -7.43 -9.94
CA PRO A 285 -13.38 -7.12 -9.83
C PRO A 285 -13.90 -7.51 -8.44
N ARG A 286 -14.74 -6.67 -7.83
CA ARG A 286 -15.57 -7.14 -6.71
C ARG A 286 -16.97 -7.45 -7.22
N PRO A 287 -17.74 -8.33 -6.53
CA PRO A 287 -19.08 -8.69 -7.01
C PRO A 287 -19.90 -7.46 -7.41
N PHE A 288 -20.60 -7.60 -8.56
CA PHE A 288 -21.45 -6.57 -9.14
C PHE A 288 -22.51 -6.19 -8.11
N PRO A 289 -23.03 -4.96 -8.09
CA PRO A 289 -24.14 -4.64 -7.20
C PRO A 289 -25.46 -5.19 -7.75
N LYS A 290 -26.54 -4.95 -7.00
CA LYS A 290 -27.91 -5.22 -7.42
C LYS A 290 -28.56 -3.87 -7.69
N LEU A 291 -29.47 -3.84 -8.66
CA LEU A 291 -30.33 -2.68 -8.82
C LEU A 291 -31.69 -3.01 -8.19
N ARG A 292 -32.17 -2.12 -7.30
CA ARG A 292 -33.51 -2.23 -6.72
C ARG A 292 -34.42 -1.11 -7.27
N ILE A 293 -35.60 -1.48 -7.79
CA ILE A 293 -36.62 -0.49 -8.15
C ILE A 293 -37.62 -0.39 -7.00
N LEU A 294 -38.00 0.85 -6.63
CA LEU A 294 -38.58 1.12 -5.32
C LEU A 294 -40.10 1.22 -5.31
N ARG A 295 -40.78 1.26 -6.47
CA ARG A 295 -42.25 1.25 -6.51
C ARG A 295 -42.73 0.59 -7.80
N LYS A 296 -43.97 0.08 -7.82
CA LYS A 296 -44.62 -0.26 -9.09
C LYS A 296 -44.75 1.00 -9.95
N VAL A 297 -44.12 0.98 -11.14
CA VAL A 297 -44.25 2.05 -12.14
C VAL A 297 -44.96 1.47 -13.36
N GLU A 298 -45.82 2.26 -14.00
CA GLU A 298 -46.70 1.68 -15.00
C GLU A 298 -46.19 1.99 -16.40
N LYS A 299 -45.64 3.20 -16.60
CA LYS A 299 -45.28 3.73 -17.91
C LYS A 299 -43.86 4.29 -17.92
N ILE A 300 -43.15 4.14 -19.06
CA ILE A 300 -41.71 4.41 -19.07
C ILE A 300 -41.44 5.83 -18.55
N ASP A 301 -42.41 6.74 -18.76
CA ASP A 301 -42.32 8.18 -18.54
C ASP A 301 -42.40 8.54 -17.05
N ASP A 302 -42.94 7.63 -16.22
CA ASP A 302 -43.18 7.91 -14.81
C ASP A 302 -41.93 7.67 -13.97
N PHE A 303 -40.93 6.94 -14.53
CA PHE A 303 -39.73 6.65 -13.78
C PHE A 303 -39.02 7.95 -13.38
N LYS A 304 -38.60 8.02 -12.11
CA LYS A 304 -37.85 9.15 -11.58
C LYS A 304 -36.56 8.60 -10.99
N ALA A 305 -35.51 9.44 -10.89
CA ALA A 305 -34.19 9.08 -10.39
C ALA A 305 -34.28 8.39 -9.03
N GLU A 306 -35.25 8.84 -8.21
CA GLU A 306 -35.49 8.41 -6.83
C GLU A 306 -36.16 7.04 -6.77
N ASP A 307 -36.57 6.51 -7.92
CA ASP A 307 -37.18 5.18 -7.97
C ASP A 307 -36.14 4.06 -7.97
N PHE A 308 -34.84 4.38 -8.09
CA PHE A 308 -33.81 3.36 -8.15
C PHE A 308 -32.81 3.44 -6.99
N GLN A 309 -32.23 2.29 -6.62
CA GLN A 309 -31.21 2.22 -5.60
C GLN A 309 -30.23 1.12 -6.02
N ILE A 310 -28.95 1.47 -6.08
CA ILE A 310 -27.87 0.54 -6.32
C ILE A 310 -27.38 0.01 -4.96
N GLU A 311 -27.48 -1.32 -4.77
CA GLU A 311 -27.20 -1.93 -3.49
C GLU A 311 -25.88 -2.71 -3.56
N GLY A 312 -24.99 -2.47 -2.59
CA GLY A 312 -23.83 -3.33 -2.39
C GLY A 312 -22.75 -3.11 -3.45
N TYR A 313 -22.58 -1.85 -3.82
CA TYR A 313 -21.63 -1.44 -4.84
C TYR A 313 -20.34 -1.04 -4.15
N ASN A 314 -19.27 -1.82 -4.30
CA ASN A 314 -18.01 -1.54 -3.63
C ASN A 314 -16.90 -1.36 -4.67
N PRO A 315 -16.85 -0.20 -5.34
CA PRO A 315 -15.85 -0.05 -6.41
C PRO A 315 -14.46 0.20 -5.82
N HIS A 316 -13.43 -0.09 -6.64
CA HIS A 316 -12.10 0.47 -6.47
C HIS A 316 -12.23 1.98 -6.65
N PRO A 317 -11.20 2.79 -6.34
CA PRO A 317 -11.30 4.26 -6.53
C PRO A 317 -11.57 4.73 -7.97
N THR A 318 -12.12 5.93 -8.10
CA THR A 318 -12.19 6.69 -9.34
C THR A 318 -10.83 6.78 -10.03
N ILE A 319 -10.81 6.69 -11.38
CA ILE A 319 -9.64 6.96 -12.19
C ILE A 319 -9.95 8.07 -13.18
N LYS A 320 -9.44 9.24 -12.92
CA LYS A 320 -9.76 10.37 -13.80
C LYS A 320 -9.22 10.12 -15.20
N MET A 321 -10.10 10.11 -16.20
CA MET A 321 -9.69 10.07 -17.61
C MET A 321 -10.33 11.27 -18.28
N GLU A 322 -9.60 11.92 -19.20
CA GLU A 322 -10.12 13.05 -19.98
C GLU A 322 -10.97 12.67 -21.21
N MET A 323 -12.08 13.38 -21.39
CA MET A 323 -12.95 13.21 -22.54
C MET A 323 -12.33 13.81 -23.79
N ALA A 324 -12.28 13.02 -24.86
CA ALA A 324 -11.84 13.50 -26.16
C ALA A 324 -12.94 14.30 -26.86
N VAL A 325 -12.68 15.54 -27.22
CA VAL A 325 -13.81 16.31 -27.70
C VAL A 325 -13.77 16.29 -29.20
N PRO B 38 5.72 -12.93 17.84
CA PRO B 38 6.44 -11.97 18.72
C PRO B 38 6.22 -10.56 18.19
N PRO B 39 6.20 -9.48 19.03
CA PRO B 39 6.37 -8.13 18.50
C PRO B 39 7.82 -7.95 18.00
N HIS B 40 7.96 -7.14 16.94
CA HIS B 40 9.26 -6.71 16.49
C HIS B 40 9.98 -6.05 17.68
N GLY B 41 11.24 -6.40 17.87
CA GLY B 41 12.00 -5.79 18.95
C GLY B 41 12.02 -4.26 18.89
N GLU B 42 12.12 -3.74 17.65
CA GLU B 42 12.28 -2.31 17.44
C GLU B 42 11.09 -1.51 18.01
N LEU B 43 9.94 -2.16 18.26
CA LEU B 43 8.80 -1.46 18.85
C LEU B 43 9.09 -1.05 20.28
N GLN B 44 10.00 -1.76 20.97
CA GLN B 44 10.39 -1.23 22.28
C GLN B 44 11.04 0.15 22.19
N TYR B 45 12.09 0.25 21.41
CA TYR B 45 12.72 1.51 21.16
C TYR B 45 11.70 2.57 20.75
N LEU B 46 10.89 2.29 19.73
CA LEU B 46 9.92 3.30 19.32
C LEU B 46 8.94 3.60 20.46
N GLY B 47 8.62 2.57 21.27
CA GLY B 47 7.93 2.75 22.53
C GLY B 47 8.55 3.82 23.43
N GLN B 48 9.87 3.68 23.66
CA GLN B 48 10.61 4.56 24.56
C GLN B 48 10.57 6.02 24.06
N ILE B 49 10.70 6.17 22.71
CA ILE B 49 10.74 7.46 22.06
C ILE B 49 9.38 8.14 22.32
N GLN B 50 8.29 7.41 22.06
CA GLN B 50 6.94 7.94 22.25
C GLN B 50 6.71 8.27 23.73
N HIS B 51 7.22 7.43 24.64
CA HIS B 51 7.07 7.78 26.04
C HIS B 51 7.78 9.10 26.35
N ILE B 52 9.02 9.34 25.84
CA ILE B 52 9.76 10.54 26.24
C ILE B 52 9.11 11.79 25.65
N LEU B 53 8.68 11.68 24.39
CA LEU B 53 7.96 12.75 23.77
C LEU B 53 6.69 13.12 24.53
N ARG B 54 5.96 12.14 25.09
CA ARG B 54 4.68 12.46 25.67
C ARG B 54 4.81 12.90 27.12
N GLY B 56 7.99 13.07 28.92
CA GLY B 56 9.31 13.48 29.36
C GLY B 56 9.36 14.90 29.95
N VAL B 57 10.27 15.14 30.88
CA VAL B 57 10.43 16.45 31.44
C VAL B 57 11.48 17.26 30.70
N ARG B 58 11.08 18.50 30.38
CA ARG B 58 11.91 19.55 29.80
C ARG B 58 13.04 20.00 30.75
N LYS B 59 14.28 19.91 30.31
CA LYS B 59 15.42 20.26 31.14
C LYS B 59 16.47 21.02 30.34
N ASP B 60 17.21 21.90 31.03
CA ASP B 60 18.44 22.46 30.48
C ASP B 60 19.52 21.40 30.54
N ASP B 61 20.51 21.47 29.67
CA ASP B 61 21.56 20.47 29.71
C ASP B 61 22.94 21.11 29.48
N ARG B 62 24.00 20.39 29.87
CA ARG B 62 25.41 20.76 29.68
C ARG B 62 25.71 21.24 28.25
N THR B 63 24.96 20.77 27.23
CA THR B 63 25.31 21.09 25.84
C THR B 63 24.59 22.32 25.31
N GLY B 64 23.60 22.85 26.07
CA GLY B 64 22.85 24.03 25.70
C GLY B 64 21.67 23.78 24.74
N THR B 65 21.47 22.54 24.28
CA THR B 65 20.40 22.23 23.36
C THR B 65 19.02 22.19 24.02
N GLY B 66 18.98 21.64 25.24
CA GLY B 66 17.76 21.29 25.96
C GLY B 66 17.29 19.88 25.61
N THR B 67 16.70 19.20 26.60
CA THR B 67 16.24 17.82 26.39
C THR B 67 14.83 17.59 26.91
N LEU B 68 14.15 16.56 26.39
CA LEU B 68 13.08 15.88 27.11
C LEU B 68 13.68 14.63 27.74
N SER B 69 13.34 14.36 29.02
CA SER B 69 13.97 13.19 29.62
C SER B 69 13.08 12.43 30.61
N VAL B 70 13.38 11.13 30.74
CA VAL B 70 12.77 10.21 31.68
C VAL B 70 13.89 9.39 32.30
N PHE B 71 13.60 8.72 33.43
CA PHE B 71 14.62 7.96 34.13
C PHE B 71 14.15 6.53 34.38
N GLY B 72 14.96 5.52 34.07
CA GLY B 72 14.67 4.13 34.43
C GLY B 72 13.84 3.41 33.36
N MET B 73 14.43 3.08 32.21
CA MET B 73 13.68 2.30 31.23
C MET B 73 14.46 1.03 30.94
N ARG B 74 13.78 0.09 30.30
CA ARG B 74 14.35 -1.23 30.02
C ARG B 74 13.83 -1.79 28.68
N ALA B 75 14.68 -2.49 27.91
CA ALA B 75 14.11 -3.25 26.78
C ALA B 75 14.95 -4.53 26.60
N ARG B 76 14.38 -5.51 25.91
CA ARG B 76 15.08 -6.81 25.66
C ARG B 76 15.07 -7.11 24.15
N TYR B 77 16.25 -7.11 23.53
CA TYR B 77 16.39 -7.38 22.10
C TYR B 77 16.89 -8.80 21.91
N SER B 78 16.08 -9.66 21.26
CA SER B 78 16.65 -10.97 20.93
C SER B 78 17.86 -10.83 20.00
N LEU B 79 18.85 -11.70 20.23
CA LEU B 79 19.91 -11.89 19.26
C LEU B 79 19.79 -13.25 18.58
N ARG B 80 18.69 -13.99 18.81
CA ARG B 80 18.67 -15.36 18.29
C ARG B 80 18.32 -15.35 16.79
N ASP B 81 19.30 -15.50 15.90
CA ASP B 81 19.04 -15.51 14.47
C ASP B 81 18.53 -14.20 13.91
N GLU B 82 18.81 -13.07 14.55
CA GLU B 82 18.40 -11.74 14.12
C GLU B 82 19.38 -10.73 14.74
N PHE B 83 19.52 -9.54 14.13
CA PHE B 83 20.43 -8.57 14.72
C PHE B 83 19.77 -7.20 14.87
N PRO B 84 19.74 -6.60 16.09
CA PRO B 84 18.90 -5.43 16.31
C PRO B 84 19.50 -4.13 15.75
N LEU B 85 19.58 -4.06 14.41
CA LEU B 85 19.95 -2.81 13.75
C LEU B 85 18.66 -2.10 13.33
N LEU B 86 18.35 -0.94 13.94
CA LEU B 86 17.03 -0.31 13.75
C LEU B 86 16.71 -0.19 12.26
N THR B 87 15.44 -0.39 11.88
CA THR B 87 15.07 -0.38 10.48
C THR B 87 14.22 0.85 10.12
N THR B 88 13.70 1.58 11.11
CA THR B 88 12.86 2.75 10.85
C THR B 88 13.71 3.96 10.45
N LYS B 89 15.04 3.83 10.39
CA LYS B 89 15.91 4.80 9.73
C LYS B 89 17.24 4.08 9.41
N ARG B 90 17.96 4.50 8.37
CA ARG B 90 19.19 3.80 8.08
C ARG B 90 20.23 4.11 9.15
N VAL B 91 20.68 3.07 9.85
CA VAL B 91 21.75 3.19 10.86
C VAL B 91 23.10 2.93 10.16
N PHE B 92 24.11 3.75 10.48
CA PHE B 92 25.39 3.75 9.78
C PHE B 92 26.23 2.60 10.33
N TRP B 93 26.05 1.43 9.70
CA TRP B 93 26.58 0.19 10.21
C TRP B 93 28.10 0.21 10.25
N LYS B 94 28.74 0.70 9.16
CA LYS B 94 30.17 0.97 9.17
C LYS B 94 30.61 1.74 10.43
N GLY B 95 29.81 2.74 10.83
CA GLY B 95 30.12 3.51 12.02
C GLY B 95 30.19 2.64 13.28
N VAL B 96 29.17 1.83 13.48
CA VAL B 96 29.07 0.97 14.64
C VAL B 96 30.22 -0.03 14.65
N LEU B 97 30.48 -0.66 13.52
CA LEU B 97 31.49 -1.70 13.46
C LEU B 97 32.89 -1.11 13.65
N GLU B 98 33.18 0.05 13.01
CA GLU B 98 34.50 0.64 13.19
C GLU B 98 34.66 1.15 14.62
N GLU B 99 33.58 1.70 15.21
CA GLU B 99 33.70 2.19 16.58
C GLU B 99 34.03 1.05 17.56
N LEU B 100 33.36 -0.10 17.37
CA LEU B 100 33.59 -1.19 18.30
C LEU B 100 35.02 -1.69 18.18
N LEU B 101 35.53 -1.84 16.93
CA LEU B 101 36.89 -2.31 16.71
C LEU B 101 37.91 -1.39 17.37
N TRP B 102 37.65 -0.08 17.34
CA TRP B 102 38.51 0.96 17.89
C TRP B 102 38.49 0.91 19.43
N PHE B 103 37.29 0.68 20.04
CA PHE B 103 37.13 0.33 21.44
C PHE B 103 38.03 -0.85 21.77
N ILE B 104 37.98 -1.91 20.97
CA ILE B 104 38.66 -3.16 21.31
C ILE B 104 40.17 -2.98 21.34
N LYS B 105 40.67 -2.27 20.31
CA LYS B 105 42.07 -1.88 20.15
C LYS B 105 42.57 -1.00 21.30
N GLY B 106 41.70 -0.48 22.18
CA GLY B 106 42.07 0.34 23.32
C GLY B 106 42.42 1.80 22.93
N SER B 107 42.10 2.18 21.69
CA SER B 107 42.38 3.51 21.19
C SER B 107 41.57 4.58 21.94
N THR B 108 42.21 5.75 22.16
CA THR B 108 41.51 6.92 22.67
C THR B 108 41.77 8.13 21.76
N ASN B 109 42.06 7.85 20.50
CA ASN B 109 42.37 8.87 19.52
C ASN B 109 41.26 8.91 18.46
N ALA B 110 40.52 10.03 18.42
CA ALA B 110 39.45 10.25 17.47
C ALA B 110 39.96 10.11 16.04
N LYS B 111 41.20 10.54 15.80
CA LYS B 111 41.77 10.51 14.47
C LYS B 111 41.90 9.08 13.94
N GLU B 112 42.05 8.08 14.84
CA GLU B 112 42.28 6.70 14.45
C GLU B 112 40.96 6.13 13.93
N LEU B 113 39.86 6.62 14.50
CA LEU B 113 38.55 6.26 14.02
C LEU B 113 38.23 7.05 12.75
N SER B 114 38.61 8.32 12.75
CA SER B 114 38.24 9.23 11.69
C SER B 114 38.89 8.75 10.38
N SER B 115 40.07 8.16 10.55
CA SER B 115 40.80 7.67 9.40
C SER B 115 40.12 6.42 8.81
N LYS B 116 39.07 5.88 9.47
CA LYS B 116 38.39 4.71 8.90
C LYS B 116 37.13 5.13 8.14
N GLY B 117 36.90 6.44 8.03
CA GLY B 117 35.69 6.97 7.41
C GLY B 117 34.55 7.18 8.41
N VAL B 118 34.86 7.24 9.70
CA VAL B 118 33.81 7.33 10.69
C VAL B 118 34.11 8.55 11.57
N LYS B 119 33.23 9.57 11.52
CA LYS B 119 33.57 10.88 12.03
C LYS B 119 32.83 11.12 13.33
N ILE B 120 32.06 10.11 13.80
CA ILE B 120 31.14 10.30 14.90
C ILE B 120 31.86 10.88 16.13
N TRP B 121 33.17 10.59 16.35
CA TRP B 121 33.89 11.01 17.55
C TRP B 121 34.68 12.32 17.34
N ASP B 122 34.74 12.82 16.09
CA ASP B 122 35.60 13.94 15.77
C ASP B 122 35.28 15.18 16.61
N ALA B 123 33.99 15.44 16.85
CA ALA B 123 33.59 16.69 17.51
C ALA B 123 34.09 16.70 18.94
N ASN B 124 34.01 15.56 19.61
CA ASN B 124 34.32 15.52 21.01
C ASN B 124 35.84 15.49 21.20
N GLY B 125 36.61 15.49 20.07
CA GLY B 125 38.07 15.45 20.07
C GLY B 125 38.69 16.70 19.44
N SER B 126 37.83 17.65 19.01
CA SER B 126 38.32 18.86 18.33
C SER B 126 39.05 19.81 19.29
N ARG B 127 39.88 20.64 18.66
CA ARG B 127 40.65 21.67 19.33
C ARG B 127 39.68 22.47 20.19
N ASP B 128 38.58 22.93 19.60
CA ASP B 128 37.63 23.79 20.30
C ASP B 128 37.02 23.08 21.51
N PHE B 129 36.62 21.83 21.28
CA PHE B 129 35.97 21.09 22.34
C PHE B 129 36.94 20.81 23.50
N LEU B 130 38.11 20.25 23.17
CA LEU B 130 39.13 20.07 24.20
C LEU B 130 39.42 21.36 24.98
N ASP B 131 39.46 22.50 24.26
CA ASP B 131 39.70 23.80 24.87
C ASP B 131 38.59 24.22 25.84
N SER B 132 37.32 23.95 25.49
CA SER B 132 36.18 24.31 26.32
C SER B 132 36.13 23.47 27.60
N LEU B 133 36.90 22.38 27.61
CA LEU B 133 37.01 21.58 28.82
C LEU B 133 38.25 21.94 29.65
N GLY B 134 39.10 22.86 29.16
CA GLY B 134 40.26 23.26 29.93
C GLY B 134 41.49 22.40 29.65
N PHE B 135 41.39 21.54 28.61
CA PHE B 135 42.38 20.53 28.21
C PHE B 135 43.33 21.16 27.20
N SER B 136 44.03 22.22 27.61
CA SER B 136 44.65 23.05 26.59
C SER B 136 45.99 22.45 26.11
N THR B 137 46.48 21.39 26.78
CA THR B 137 47.70 20.75 26.32
C THR B 137 47.52 19.37 25.72
N ARG B 138 46.27 18.98 25.36
CA ARG B 138 45.99 17.76 24.62
C ARG B 138 46.17 18.02 23.14
N GLU B 139 46.79 17.07 22.44
CA GLU B 139 46.81 17.05 20.99
C GLU B 139 45.36 16.85 20.51
N GLU B 140 45.03 17.37 19.34
CA GLU B 140 43.69 17.18 18.78
C GLU B 140 43.44 15.69 18.58
N GLY B 141 42.27 15.23 19.05
CA GLY B 141 41.89 13.84 18.91
C GLY B 141 41.97 13.08 20.23
N ASP B 142 42.65 13.66 21.21
CA ASP B 142 42.94 12.98 22.47
C ASP B 142 41.75 13.11 23.43
N LEU B 143 40.92 12.05 23.49
CA LEU B 143 39.64 12.11 24.18
C LEU B 143 39.85 11.81 25.65
N GLY B 144 41.06 11.34 26.00
CA GLY B 144 41.37 10.99 27.38
C GLY B 144 41.04 9.52 27.63
N PRO B 145 41.08 9.05 28.91
CA PRO B 145 40.90 7.62 29.23
C PRO B 145 39.45 7.13 29.09
N VAL B 146 38.90 7.21 27.85
CA VAL B 146 37.51 6.84 27.56
C VAL B 146 37.45 5.33 27.34
N TYR B 147 36.33 4.87 26.78
CA TYR B 147 35.92 3.45 26.67
C TYR B 147 37.07 2.51 26.35
N GLY B 148 37.77 2.73 25.26
CA GLY B 148 38.84 1.82 24.88
C GLY B 148 39.85 1.60 25.99
N PHE B 149 40.42 2.67 26.49
CA PHE B 149 41.29 2.59 27.65
C PHE B 149 40.66 1.85 28.82
N GLN B 150 39.46 2.22 29.27
CA GLN B 150 38.95 1.54 30.45
C GLN B 150 38.77 0.05 30.17
N TRP B 151 38.35 -0.31 28.94
CA TRP B 151 37.99 -1.70 28.68
C TRP B 151 39.23 -2.60 28.75
N ARG B 152 40.40 -2.02 28.41
CA ARG B 152 41.59 -2.79 28.15
C ARG B 152 42.63 -2.50 29.24
N HIS B 153 42.50 -1.39 29.98
CA HIS B 153 43.58 -0.87 30.84
C HIS B 153 43.07 -0.22 32.15
N PHE B 154 41.91 -0.64 32.66
CA PHE B 154 41.28 0.01 33.79
C PHE B 154 42.31 0.14 34.90
N GLY B 155 42.48 1.35 35.42
CA GLY B 155 43.33 1.44 36.59
C GLY B 155 44.71 1.93 36.16
N ALA B 156 45.07 1.77 34.88
CA ALA B 156 46.36 2.27 34.43
C ALA B 156 46.40 3.78 34.58
N GLU B 157 47.64 4.28 34.58
CA GLU B 157 47.96 5.72 34.58
C GLU B 157 47.84 6.35 33.19
N TYR B 158 46.87 7.22 32.95
CA TYR B 158 46.74 7.77 31.61
C TYR B 158 47.80 8.89 31.43
N ARG B 159 48.53 8.86 30.30
CA ARG B 159 49.37 9.97 29.85
C ARG B 159 48.71 10.65 28.63
N ASP B 160 48.92 10.08 27.43
CA ASP B 160 48.28 10.59 26.23
C ASP B 160 47.80 9.43 25.36
N MET B 161 47.10 9.78 24.29
CA MET B 161 46.65 8.83 23.29
C MET B 161 47.81 8.16 22.53
N GLU B 162 49.07 8.58 22.70
CA GLU B 162 50.15 7.89 22.02
C GLU B 162 50.90 6.91 22.93
N SER B 163 50.69 6.95 24.26
CA SER B 163 51.46 6.09 25.14
C SER B 163 51.26 4.62 24.81
N ASP B 164 52.30 3.85 25.03
CA ASP B 164 52.14 2.41 24.98
C ASP B 164 51.57 1.97 26.33
N TYR B 165 50.36 1.37 26.37
CA TYR B 165 49.83 0.99 27.68
C TYR B 165 49.67 -0.52 27.75
N SER B 166 50.56 -1.22 26.93
CA SER B 166 51.00 -2.61 26.97
C SER B 166 50.98 -3.17 28.38
N GLY B 167 50.14 -4.19 28.60
CA GLY B 167 50.11 -4.82 29.90
C GLY B 167 49.90 -3.89 31.10
N GLN B 168 49.47 -2.66 30.89
CA GLN B 168 49.11 -1.87 32.06
C GLN B 168 47.59 -1.94 32.38
N GLY B 169 47.22 -1.90 33.66
CA GLY B 169 45.82 -1.95 34.08
C GLY B 169 45.16 -3.34 33.95
N VAL B 170 43.84 -3.34 34.19
CA VAL B 170 43.06 -4.56 34.15
C VAL B 170 42.47 -4.64 32.75
N ASP B 171 42.78 -5.74 32.04
CA ASP B 171 42.18 -6.10 30.76
C ASP B 171 40.86 -6.83 31.03
N GLN B 172 39.88 -6.00 31.35
CA GLN B 172 38.52 -6.42 31.59
C GLN B 172 37.94 -7.30 30.49
N LEU B 173 38.11 -6.86 29.20
CA LEU B 173 37.59 -7.57 28.05
C LEU B 173 38.18 -8.98 27.98
N GLN B 174 39.52 -9.12 28.11
CA GLN B 174 40.10 -10.44 28.08
C GLN B 174 39.62 -11.28 29.27
N ARG B 175 39.52 -10.66 30.45
CA ARG B 175 39.13 -11.38 31.66
C ARG B 175 37.65 -11.82 31.57
N VAL B 176 36.79 -11.03 30.89
CA VAL B 176 35.44 -11.48 30.57
C VAL B 176 35.44 -12.78 29.73
N ILE B 177 36.22 -12.80 28.63
CA ILE B 177 36.30 -13.92 27.73
C ILE B 177 36.82 -15.16 28.46
N ASP B 178 37.91 -14.98 29.24
CA ASP B 178 38.49 -16.07 30.01
C ASP B 178 37.43 -16.66 30.93
N THR B 179 36.74 -15.79 31.69
CA THR B 179 35.75 -16.26 32.64
C THR B 179 34.60 -17.01 31.95
N ILE B 180 34.18 -16.54 30.77
CA ILE B 180 33.13 -17.31 30.13
C ILE B 180 33.63 -18.72 29.78
N LYS B 181 34.90 -18.84 29.36
CA LYS B 181 35.37 -20.09 28.79
C LYS B 181 35.53 -21.10 29.92
N THR B 182 36.14 -20.64 31.02
CA THR B 182 36.60 -21.54 32.04
C THR B 182 35.49 -21.66 33.08
N ASN B 183 34.74 -20.58 33.31
CA ASN B 183 33.82 -20.70 34.42
C ASN B 183 32.45 -20.03 34.13
N PRO B 184 31.69 -20.53 33.15
CA PRO B 184 30.56 -19.75 32.68
C PRO B 184 29.56 -19.51 33.80
N ASP B 185 29.64 -20.29 34.89
CA ASP B 185 28.67 -20.23 35.98
C ASP B 185 28.77 -18.96 36.80
N ASP B 186 29.97 -18.35 36.85
CA ASP B 186 30.41 -17.24 37.69
C ASP B 186 29.48 -16.04 37.57
N ARG B 187 29.20 -15.36 38.70
CA ARG B 187 28.26 -14.26 38.72
C ARG B 187 28.97 -12.90 38.74
N ARG B 188 30.24 -12.87 38.34
CA ARG B 188 31.03 -11.61 38.32
C ARG B 188 31.66 -11.37 36.94
N ILE B 189 30.88 -11.55 35.87
CA ILE B 189 31.34 -11.31 34.50
C ILE B 189 30.91 -9.94 34.02
N ILE B 190 31.72 -8.93 34.37
CA ILE B 190 31.41 -7.51 34.28
C ILE B 190 32.55 -6.81 33.56
N MET B 191 32.21 -5.78 32.78
CA MET B 191 33.14 -4.86 32.14
C MET B 191 32.55 -3.48 32.40
N CYS B 192 33.24 -2.67 33.20
CA CYS B 192 32.78 -1.36 33.63
C CYS B 192 33.67 -0.25 33.08
N ALA B 193 33.12 0.78 32.45
CA ALA B 193 33.94 1.87 31.94
C ALA B 193 33.91 3.07 32.87
N TRP B 194 32.95 3.07 33.79
CA TRP B 194 32.83 4.15 34.75
C TRP B 194 34.01 4.15 35.73
N ASN B 195 34.89 5.12 35.64
CA ASN B 195 36.06 5.12 36.50
C ASN B 195 36.14 6.49 37.17
N PRO B 196 35.66 6.67 38.42
CA PRO B 196 35.50 7.99 39.01
C PRO B 196 36.82 8.76 39.07
N ARG B 197 37.94 8.06 39.25
CA ARG B 197 39.27 8.73 39.32
C ARG B 197 39.59 9.38 37.97
N ASP B 198 39.41 8.62 36.88
CA ASP B 198 39.68 9.06 35.52
C ASP B 198 38.66 10.08 35.00
N LEU B 199 37.49 10.27 35.66
CA LEU B 199 36.40 11.08 35.08
C LEU B 199 36.84 12.47 34.63
N PRO B 200 37.57 13.26 35.43
CA PRO B 200 37.97 14.60 35.02
C PRO B 200 38.97 14.69 33.86
N LEU B 201 39.54 13.57 33.38
CA LEU B 201 40.36 13.56 32.17
C LEU B 201 39.59 13.23 30.87
N MET B 202 38.29 12.83 30.94
CA MET B 202 37.59 12.33 29.76
C MET B 202 36.90 13.47 29.04
N ALA B 203 36.99 13.46 27.73
CA ALA B 203 36.22 14.40 26.90
C ALA B 203 34.72 14.26 27.23
N LEU B 204 34.31 13.04 27.55
CA LEU B 204 32.94 12.77 27.94
C LEU B 204 33.00 11.51 28.79
N PRO B 205 32.37 11.43 30.01
CA PRO B 205 32.36 10.19 30.78
C PRO B 205 31.46 9.18 30.08
N PRO B 206 31.69 7.86 30.27
CA PRO B 206 30.96 6.82 29.53
C PRO B 206 29.46 6.93 29.68
N HIS B 208 27.52 4.47 28.07
CA HIS B 208 27.28 3.05 28.31
C HIS B 208 28.33 2.68 29.33
N ALA B 209 27.93 2.63 30.59
CA ALA B 209 28.84 2.71 31.70
C ALA B 209 29.26 1.32 32.19
N LEU B 210 28.40 0.28 32.07
CA LEU B 210 28.71 -1.02 32.68
C LEU B 210 27.90 -2.15 32.06
N CYS B 211 28.58 -3.25 31.72
CA CYS B 211 27.79 -4.35 31.21
C CYS B 211 28.23 -5.65 31.89
N GLN B 212 27.27 -6.61 31.81
CA GLN B 212 27.37 -7.91 32.42
C GLN B 212 26.92 -8.98 31.44
N PHE B 213 27.76 -10.02 31.29
CA PHE B 213 27.47 -11.21 30.52
C PHE B 213 26.94 -12.30 31.47
N TYR B 214 26.12 -13.22 30.90
CA TYR B 214 25.55 -14.35 31.61
C TYR B 214 25.37 -15.46 30.60
N VAL B 215 25.73 -16.68 31.01
CA VAL B 215 25.70 -17.93 30.25
C VAL B 215 24.58 -18.82 30.79
N VAL B 216 23.71 -19.30 29.90
CA VAL B 216 22.70 -20.26 30.31
C VAL B 216 22.50 -21.19 29.13
N ASN B 217 22.84 -22.48 29.33
CA ASN B 217 22.61 -23.58 28.40
C ASN B 217 23.24 -23.27 27.03
N SER B 218 24.52 -22.80 27.04
CA SER B 218 25.25 -22.51 25.80
C SER B 218 24.87 -21.21 25.06
N GLU B 219 23.97 -20.38 25.63
CA GLU B 219 23.60 -19.10 25.05
C GLU B 219 24.29 -17.99 25.83
N LEU B 220 24.93 -17.04 25.12
CA LEU B 220 25.56 -15.91 25.79
C LEU B 220 24.67 -14.69 25.71
N SER B 221 24.28 -14.09 26.87
CA SER B 221 23.44 -12.90 26.98
C SER B 221 24.24 -11.76 27.59
N CYS B 222 23.86 -10.52 27.25
CA CYS B 222 24.53 -9.32 27.77
C CYS B 222 23.49 -8.31 28.29
N GLN B 223 23.72 -7.69 29.47
CA GLN B 223 22.95 -6.52 29.97
C GLN B 223 23.88 -5.31 30.06
N LEU B 224 23.41 -4.19 29.48
CA LEU B 224 24.11 -2.89 29.55
C LEU B 224 23.38 -1.95 30.54
N TYR B 225 24.13 -1.39 31.48
CA TYR B 225 23.56 -0.27 32.22
C TYR B 225 24.01 1.04 31.55
N GLN B 226 23.11 1.71 30.81
CA GLN B 226 23.43 2.94 30.14
C GLN B 226 23.04 4.13 31.00
N ARG B 227 24.02 4.82 31.58
CA ARG B 227 23.65 5.81 32.58
C ARG B 227 23.07 7.05 31.87
N SER B 228 23.41 7.20 30.61
CA SER B 228 22.83 8.33 29.93
C SER B 228 22.70 7.94 28.45
N GLY B 229 21.47 8.10 27.93
CA GLY B 229 21.20 7.68 26.56
C GLY B 229 20.70 8.83 25.70
N ASP B 230 21.47 9.17 24.66
CA ASP B 230 21.02 10.10 23.64
C ASP B 230 20.07 9.32 22.74
N MET B 231 18.78 9.44 23.02
CA MET B 231 17.81 8.50 22.47
C MET B 231 17.73 8.57 20.96
N GLY B 232 17.87 9.77 20.37
CA GLY B 232 17.78 9.97 18.93
C GLY B 232 18.99 9.46 18.17
N LEU B 233 20.21 9.76 18.62
CA LEU B 233 21.44 9.56 17.87
C LEU B 233 22.23 8.37 18.42
N GLY B 234 22.50 8.39 19.74
CA GLY B 234 23.46 7.45 20.32
C GLY B 234 22.90 6.03 20.47
N VAL B 235 21.67 5.94 20.98
CA VAL B 235 21.10 4.68 21.39
C VAL B 235 21.01 3.71 20.22
N PRO B 236 20.61 4.13 18.99
CA PRO B 236 20.58 3.21 17.86
C PRO B 236 21.96 2.62 17.61
N PHE B 237 23.02 3.45 17.74
CA PHE B 237 24.39 2.96 17.68
C PHE B 237 24.75 2.02 18.85
N ASN B 238 24.43 2.44 20.09
CA ASN B 238 24.80 1.68 21.27
C ASN B 238 24.18 0.26 21.30
N ILE B 239 22.89 0.17 20.93
CA ILE B 239 22.17 -1.11 20.89
C ILE B 239 22.96 -2.04 19.98
N ALA B 240 23.25 -1.58 18.75
CA ALA B 240 23.92 -2.39 17.73
C ALA B 240 25.29 -2.79 18.27
N SER B 241 25.96 -1.78 18.84
CA SER B 241 27.30 -1.94 19.36
C SER B 241 27.34 -3.10 20.35
N TYR B 242 26.42 -3.11 21.31
CA TYR B 242 26.48 -4.24 22.23
C TYR B 242 26.07 -5.57 21.58
N ALA B 243 25.03 -5.51 20.76
CA ALA B 243 24.59 -6.73 20.08
C ALA B 243 25.83 -7.27 19.38
N LEU B 244 26.61 -6.38 18.75
CA LEU B 244 27.76 -6.85 17.97
C LEU B 244 28.82 -7.48 18.91
N LEU B 245 29.13 -6.82 20.04
CA LEU B 245 30.16 -7.35 20.93
C LEU B 245 29.72 -8.72 21.45
N THR B 246 28.40 -8.89 21.77
CA THR B 246 27.86 -10.17 22.23
C THR B 246 28.14 -11.29 21.23
N TYR B 247 27.74 -11.09 19.96
CA TYR B 247 28.09 -11.88 18.79
C TYR B 247 29.59 -12.20 18.69
N MET B 248 30.52 -11.26 18.74
CA MET B 248 31.95 -11.55 18.71
C MET B 248 32.33 -12.42 19.93
N ILE B 249 31.91 -12.06 21.16
CA ILE B 249 32.33 -12.88 22.28
C ILE B 249 31.68 -14.27 22.17
N ALA B 250 30.47 -14.36 21.64
CA ALA B 250 29.92 -15.70 21.67
C ALA B 250 30.68 -16.58 20.71
N HIS B 251 31.26 -15.96 19.69
CA HIS B 251 31.97 -16.64 18.60
C HIS B 251 33.26 -17.29 19.11
N ILE B 252 34.05 -16.54 19.91
CA ILE B 252 35.34 -17.04 20.36
C ILE B 252 35.19 -18.04 21.52
N THR B 253 34.01 -18.10 22.18
CA THR B 253 33.80 -18.88 23.41
C THR B 253 33.03 -20.18 23.08
N GLY B 254 32.69 -20.24 21.79
CA GLY B 254 31.87 -21.25 21.15
C GLY B 254 30.44 -21.29 21.69
N LEU B 255 29.75 -20.15 21.75
CA LEU B 255 28.40 -20.21 22.30
C LEU B 255 27.54 -19.52 21.30
N LYS B 256 26.25 -19.51 21.52
CA LYS B 256 25.38 -18.84 20.59
C LYS B 256 24.92 -17.62 21.36
N PRO B 257 24.75 -16.47 20.71
CA PRO B 257 24.19 -15.29 21.38
C PRO B 257 22.72 -15.42 21.80
N GLY B 258 22.35 -14.77 22.91
CA GLY B 258 21.05 -14.97 23.53
C GLY B 258 20.24 -13.67 23.47
N ASP B 259 20.20 -12.94 24.60
CA ASP B 259 19.52 -11.65 24.68
C ASP B 259 20.49 -10.49 24.93
N PHE B 260 20.17 -9.31 24.41
CA PHE B 260 20.80 -8.11 24.92
C PHE B 260 19.73 -7.30 25.64
N ILE B 261 19.91 -7.16 26.95
CA ILE B 261 19.04 -6.41 27.82
C ILE B 261 19.65 -5.00 28.01
N HIS B 262 18.96 -4.02 27.40
CA HIS B 262 19.33 -2.62 27.49
C HIS B 262 18.68 -1.96 28.73
N THR B 263 19.49 -1.72 29.82
CA THR B 263 18.94 -0.95 30.93
C THR B 263 19.35 0.53 30.85
N LEU B 264 18.34 1.46 30.74
CA LEU B 264 18.52 2.89 30.60
C LEU B 264 18.32 3.57 31.94
N GLY B 265 19.23 4.52 32.20
CA GLY B 265 19.24 5.48 33.31
C GLY B 265 18.56 6.78 32.91
N ASP B 266 19.37 7.79 32.60
CA ASP B 266 18.89 9.09 32.14
C ASP B 266 18.67 9.03 30.63
N ALA B 267 17.43 8.72 30.19
CA ALA B 267 17.12 8.64 28.76
C ALA B 267 16.58 9.98 28.23
N HIS B 268 17.25 10.59 27.25
CA HIS B 268 16.85 11.94 26.87
C HIS B 268 16.76 12.08 25.35
N ILE B 269 15.85 12.97 24.92
CA ILE B 269 15.77 13.40 23.54
C ILE B 269 16.18 14.88 23.50
N TYR B 270 17.21 15.23 22.75
CA TYR B 270 17.54 16.63 22.51
C TYR B 270 16.40 17.28 21.71
N LEU B 271 16.07 18.55 22.02
CA LEU B 271 14.93 19.24 21.39
C LEU B 271 14.99 19.25 19.86
N ASN B 272 16.19 19.38 19.29
CA ASN B 272 16.30 19.39 17.84
C ASN B 272 16.18 17.99 17.22
N HIS B 273 15.78 16.98 18.02
CA HIS B 273 15.57 15.64 17.48
C HIS B 273 14.07 15.32 17.41
N ILE B 274 13.26 16.20 18.02
CA ILE B 274 11.84 15.95 18.18
C ILE B 274 11.17 15.73 16.80
N GLU B 275 11.27 16.76 15.94
CA GLU B 275 10.73 16.71 14.58
C GLU B 275 11.24 15.48 13.83
N PRO B 276 12.58 15.25 13.74
CA PRO B 276 13.12 14.03 13.14
C PRO B 276 12.55 12.72 13.69
N LEU B 277 12.42 12.64 15.02
CA LEU B 277 11.85 11.45 15.65
C LEU B 277 10.34 11.32 15.41
N LYS B 278 9.68 12.46 15.18
CA LYS B 278 8.25 12.44 14.87
C LYS B 278 8.09 11.84 13.47
N ILE B 279 9.09 12.02 12.61
CA ILE B 279 9.01 11.42 11.30
C ILE B 279 9.25 9.92 11.42
N GLN B 280 10.15 9.55 12.35
CA GLN B 280 10.57 8.15 12.43
C GLN B 280 9.45 7.27 13.00
N LEU B 281 8.65 7.82 13.92
CA LEU B 281 7.53 7.12 14.52
C LEU B 281 6.40 6.84 13.53
N GLN B 282 6.37 7.55 12.40
CA GLN B 282 5.42 7.26 11.33
C GLN B 282 5.69 5.93 10.65
N ARG B 283 6.93 5.38 10.71
CA ARG B 283 7.31 4.24 9.89
C ARG B 283 7.10 2.89 10.58
N GLU B 284 6.78 1.86 9.81
CA GLU B 284 6.67 0.48 10.28
C GLU B 284 8.06 -0.14 10.24
N PRO B 285 8.52 -0.72 11.37
CA PRO B 285 9.68 -1.61 11.36
C PRO B 285 9.64 -2.67 10.26
N ARG B 286 10.71 -2.83 9.48
CA ARG B 286 10.87 -4.00 8.62
C ARG B 286 11.70 -5.03 9.39
N PRO B 287 11.67 -6.35 9.10
CA PRO B 287 12.41 -7.29 9.95
C PRO B 287 13.89 -6.93 10.09
N PHE B 288 14.36 -7.06 11.34
CA PHE B 288 15.75 -6.89 11.70
C PHE B 288 16.61 -7.75 10.79
N PRO B 289 17.81 -7.32 10.43
CA PRO B 289 18.69 -8.16 9.62
C PRO B 289 19.38 -9.30 10.38
N LYS B 290 20.24 -10.00 9.66
CA LYS B 290 21.13 -10.98 10.25
C LYS B 290 22.58 -10.47 10.19
N LEU B 291 23.38 -10.93 11.13
CA LEU B 291 24.82 -10.70 11.16
C LEU B 291 25.50 -12.03 10.91
N ARG B 292 26.32 -12.14 9.87
CA ARG B 292 27.11 -13.34 9.65
C ARG B 292 28.57 -13.04 10.03
N ILE B 293 29.21 -13.94 10.77
CA ILE B 293 30.66 -13.87 10.78
C ILE B 293 31.30 -14.81 9.73
N LEU B 294 32.26 -14.31 8.95
CA LEU B 294 32.63 -14.93 7.69
C LEU B 294 33.78 -15.95 7.80
N ARG B 295 34.42 -16.04 8.97
CA ARG B 295 35.53 -16.96 9.19
C ARG B 295 35.67 -17.30 10.68
N LYS B 296 36.30 -18.44 11.00
CA LYS B 296 36.58 -18.80 12.39
C LYS B 296 37.62 -17.82 12.96
N VAL B 297 37.26 -17.04 13.98
CA VAL B 297 38.24 -16.18 14.62
C VAL B 297 38.55 -16.69 16.03
N GLU B 298 39.79 -16.53 16.51
CA GLU B 298 40.19 -17.24 17.73
C GLU B 298 40.25 -16.30 18.95
N LYS B 299 40.75 -15.08 18.77
CA LYS B 299 40.96 -14.04 19.78
C LYS B 299 40.20 -12.74 19.40
N ILE B 300 39.71 -11.99 20.41
CA ILE B 300 38.94 -10.80 20.11
C ILE B 300 39.75 -9.81 19.27
N ASP B 301 41.07 -9.74 19.49
CA ASP B 301 41.93 -8.83 18.77
C ASP B 301 42.03 -9.11 17.27
N ASP B 302 41.73 -10.34 16.79
CA ASP B 302 41.90 -10.65 15.39
C ASP B 302 40.70 -10.22 14.57
N PHE B 303 39.59 -9.86 15.20
CA PHE B 303 38.48 -9.43 14.36
C PHE B 303 38.89 -8.23 13.51
N LYS B 304 38.64 -8.33 12.19
CA LYS B 304 38.75 -7.24 11.24
C LYS B 304 37.31 -6.92 10.79
N ALA B 305 37.06 -5.69 10.31
CA ALA B 305 35.79 -5.25 9.73
C ALA B 305 35.25 -6.22 8.65
N GLU B 306 36.15 -6.82 7.85
CA GLU B 306 35.86 -7.61 6.67
C GLU B 306 35.32 -8.97 7.07
N ASP B 307 35.42 -9.28 8.37
CA ASP B 307 34.94 -10.53 8.91
C ASP B 307 33.43 -10.49 9.10
N PHE B 308 32.78 -9.35 8.89
CA PHE B 308 31.36 -9.29 9.24
C PHE B 308 30.53 -8.91 8.04
N GLN B 309 29.30 -9.41 8.03
CA GLN B 309 28.39 -9.07 6.95
C GLN B 309 27.00 -8.85 7.55
N ILE B 310 26.39 -7.70 7.26
CA ILE B 310 25.01 -7.47 7.65
C ILE B 310 24.11 -7.89 6.48
N GLU B 311 23.29 -8.94 6.72
CA GLU B 311 22.47 -9.54 5.69
C GLU B 311 21.01 -9.12 5.81
N GLY B 312 20.38 -8.83 4.67
CA GLY B 312 18.94 -8.66 4.63
C GLY B 312 18.44 -7.40 5.33
N TYR B 313 19.19 -6.29 5.21
CA TYR B 313 18.87 -5.10 5.98
C TYR B 313 18.22 -4.06 5.09
N ASN B 314 16.92 -3.83 5.28
CA ASN B 314 16.16 -3.00 4.36
C ASN B 314 15.55 -1.85 5.13
N PRO B 315 16.35 -0.85 5.54
CA PRO B 315 15.82 0.20 6.42
C PRO B 315 15.01 1.20 5.61
N HIS B 316 14.11 1.94 6.26
CA HIS B 316 13.60 3.22 5.76
C HIS B 316 14.77 4.20 5.59
N PRO B 317 14.61 5.32 4.85
CA PRO B 317 15.73 6.22 4.55
C PRO B 317 16.38 6.86 5.78
N THR B 318 17.62 7.36 5.62
CA THR B 318 18.33 8.12 6.65
C THR B 318 17.49 9.31 7.14
N ILE B 319 17.55 9.60 8.46
CA ILE B 319 17.03 10.83 9.03
C ILE B 319 18.19 11.64 9.62
N LYS B 320 18.51 12.78 9.02
CA LYS B 320 19.50 13.73 9.50
C LYS B 320 19.09 14.20 10.91
N MET B 321 20.00 14.03 11.88
CA MET B 321 19.89 14.52 13.25
C MET B 321 21.26 15.07 13.64
N GLU B 322 21.32 16.30 14.17
CA GLU B 322 22.63 16.85 14.48
C GLU B 322 23.07 16.46 15.90
N MET B 323 24.39 16.26 16.05
CA MET B 323 24.94 15.88 17.33
C MET B 323 25.08 17.10 18.26
N ALA B 324 24.74 16.92 19.52
CA ALA B 324 24.89 17.98 20.53
C ALA B 324 26.28 17.83 21.14
N VAL B 325 27.13 18.83 20.97
CA VAL B 325 28.51 18.69 21.51
C VAL B 325 28.59 19.29 22.91
N PRO C 38 -0.44 -5.34 35.90
CA PRO C 38 0.98 -5.55 36.27
C PRO C 38 1.20 -5.44 37.78
N PRO C 39 2.21 -6.12 38.40
CA PRO C 39 2.47 -6.03 39.85
C PRO C 39 3.15 -4.73 40.34
N HIS C 40 3.00 -4.46 41.63
CA HIS C 40 3.45 -3.23 42.27
C HIS C 40 3.77 -3.52 43.72
N GLY C 41 4.69 -2.74 44.29
CA GLY C 41 5.00 -2.94 45.70
C GLY C 41 5.71 -4.27 45.92
N GLU C 42 5.43 -4.91 47.04
CA GLU C 42 6.12 -6.11 47.44
C GLU C 42 5.86 -7.26 46.46
N LEU C 43 4.79 -7.11 45.64
CA LEU C 43 4.24 -8.16 44.79
C LEU C 43 5.26 -8.41 43.69
N GLN C 44 6.06 -7.38 43.40
CA GLN C 44 7.16 -7.41 42.43
C GLN C 44 8.22 -8.40 42.89
N TYR C 45 8.63 -8.25 44.17
CA TYR C 45 9.54 -9.20 44.80
C TYR C 45 8.95 -10.61 44.87
N LEU C 46 7.71 -10.77 45.37
CA LEU C 46 7.14 -12.13 45.39
C LEU C 46 7.13 -12.75 44.00
N GLY C 47 6.64 -11.96 43.01
CA GLY C 47 6.68 -12.23 41.58
C GLY C 47 8.07 -12.64 41.06
N GLN C 48 9.12 -11.96 41.51
CA GLN C 48 10.44 -12.37 41.05
C GLN C 48 10.79 -13.76 41.61
N ILE C 49 10.52 -13.99 42.90
CA ILE C 49 10.77 -15.28 43.51
C ILE C 49 10.09 -16.36 42.68
N GLN C 50 8.77 -16.26 42.57
CA GLN C 50 7.94 -17.12 41.75
C GLN C 50 8.59 -17.36 40.36
N HIS C 51 9.07 -16.32 39.70
CA HIS C 51 9.56 -16.49 38.35
C HIS C 51 10.77 -17.44 38.37
N ILE C 52 11.55 -17.31 39.45
CA ILE C 52 12.76 -18.09 39.46
C ILE C 52 12.49 -19.55 39.84
N LEU C 53 11.61 -19.80 40.82
CA LEU C 53 11.14 -21.15 41.08
C LEU C 53 10.59 -21.79 39.83
N ARG C 54 9.99 -21.03 38.92
CA ARG C 54 9.33 -21.64 37.73
C ARG C 54 10.17 -21.56 36.44
N GLY C 56 13.98 -20.62 36.66
CA GLY C 56 15.42 -20.49 36.90
C GLY C 56 16.21 -21.73 36.44
N VAL C 57 17.40 -21.52 35.83
CA VAL C 57 18.34 -22.63 35.61
C VAL C 57 19.02 -23.09 36.91
N ARG C 58 19.36 -24.39 36.90
CA ARG C 58 19.99 -25.06 38.03
C ARG C 58 21.50 -24.91 37.84
N LYS C 59 22.23 -24.47 38.87
CA LYS C 59 23.66 -24.24 38.70
C LYS C 59 24.45 -24.59 39.95
N ASP C 60 25.70 -25.01 39.78
CA ASP C 60 26.61 -25.04 40.91
C ASP C 60 27.14 -23.62 41.13
N ASP C 61 27.36 -23.24 42.39
CA ASP C 61 27.91 -21.91 42.64
C ASP C 61 29.17 -21.98 43.51
N ARG C 62 29.89 -20.87 43.60
CA ARG C 62 31.13 -20.79 44.37
C ARG C 62 30.94 -21.20 45.84
N THR C 63 29.70 -21.19 46.36
CA THR C 63 29.43 -21.51 47.76
C THR C 63 29.17 -23.00 48.02
N GLY C 64 29.02 -23.84 47.00
CA GLY C 64 28.66 -25.26 47.17
C GLY C 64 27.15 -25.59 47.34
N THR C 65 26.28 -24.58 47.35
CA THR C 65 24.88 -24.83 47.69
C THR C 65 24.07 -25.25 46.47
N GLY C 66 24.32 -24.58 45.36
CA GLY C 66 23.53 -24.72 44.14
C GLY C 66 22.51 -23.61 44.12
N THR C 67 22.11 -23.17 42.95
CA THR C 67 21.10 -22.10 42.91
C THR C 67 20.20 -22.30 41.70
N LEU C 68 19.10 -21.58 41.71
CA LEU C 68 18.20 -21.40 40.57
C LEU C 68 18.47 -19.95 40.15
N SER C 69 18.78 -19.70 38.89
CA SER C 69 19.03 -18.32 38.42
C SER C 69 18.27 -17.89 37.16
N VAL C 70 18.00 -16.59 37.07
CA VAL C 70 17.50 -15.89 35.89
C VAL C 70 18.34 -14.62 35.74
N PHE C 71 18.38 -14.02 34.55
CA PHE C 71 19.29 -12.90 34.31
C PHE C 71 18.47 -11.71 33.86
N GLY C 72 18.50 -10.62 34.63
CA GLY C 72 17.93 -9.35 34.19
C GLY C 72 16.42 -9.20 34.47
N MET C 73 16.10 -8.81 35.73
CA MET C 73 14.79 -8.38 36.20
C MET C 73 14.80 -6.89 36.57
N ARG C 74 13.62 -6.29 36.71
CA ARG C 74 13.50 -4.92 37.15
C ARG C 74 12.22 -4.77 37.97
N ALA C 75 12.29 -3.97 39.06
CA ALA C 75 11.14 -3.48 39.82
C ALA C 75 11.31 -2.01 40.21
N ARG C 76 10.16 -1.33 40.31
CA ARG C 76 10.10 0.12 40.67
C ARG C 76 9.27 0.28 41.94
N TYR C 77 9.92 0.66 43.04
CA TYR C 77 9.27 0.86 44.35
C TYR C 77 9.06 2.35 44.65
N SER C 78 7.81 2.75 44.88
CA SER C 78 7.54 4.13 45.23
C SER C 78 8.16 4.37 46.61
N LEU C 79 8.70 5.58 46.78
CA LEU C 79 9.18 6.04 48.09
C LEU C 79 8.24 7.12 48.63
N ARG C 80 7.13 7.36 47.92
CA ARG C 80 6.26 8.49 48.26
C ARG C 80 5.32 8.09 49.39
N ASP C 81 5.65 8.49 50.61
CA ASP C 81 4.81 8.25 51.81
C ASP C 81 4.75 6.76 52.11
N GLU C 82 5.71 5.99 51.61
CA GLU C 82 5.84 4.54 51.91
C GLU C 82 7.32 4.16 51.93
N PHE C 83 7.70 3.26 52.81
CA PHE C 83 9.08 2.76 52.90
C PHE C 83 9.03 1.27 52.59
N PRO C 84 9.78 0.75 51.62
CA PRO C 84 9.59 -0.65 51.20
C PRO C 84 10.38 -1.66 52.05
N LEU C 85 10.02 -1.78 53.32
CA LEU C 85 10.54 -2.85 54.13
C LEU C 85 9.56 -4.02 53.95
N LEU C 86 10.02 -5.21 53.51
CA LEU C 86 9.04 -6.24 53.17
C LEU C 86 8.15 -6.59 54.35
N THR C 87 6.89 -6.97 54.06
CA THR C 87 5.93 -7.39 55.09
C THR C 87 5.69 -8.92 55.15
N THR C 88 6.01 -9.63 54.06
CA THR C 88 5.74 -11.05 53.99
C THR C 88 6.75 -11.82 54.87
N LYS C 89 7.74 -11.09 55.41
CA LYS C 89 8.57 -11.61 56.49
C LYS C 89 9.18 -10.40 57.23
N ARG C 90 9.45 -10.62 58.53
CA ARG C 90 10.13 -9.62 59.34
C ARG C 90 11.57 -9.44 58.81
N VAL C 91 11.74 -8.23 58.25
CA VAL C 91 13.08 -7.81 57.94
C VAL C 91 13.73 -7.16 59.18
N PHE C 92 15.00 -7.57 59.47
CA PHE C 92 15.91 -7.02 60.47
C PHE C 92 16.38 -5.60 60.08
N TRP C 93 15.49 -4.65 60.38
CA TRP C 93 15.66 -3.24 60.08
C TRP C 93 16.96 -2.72 60.67
N LYS C 94 17.21 -3.11 61.91
CA LYS C 94 18.44 -2.70 62.58
C LYS C 94 19.65 -3.16 61.75
N GLY C 95 19.65 -4.46 61.35
CA GLY C 95 20.55 -4.99 60.35
C GLY C 95 20.77 -3.95 59.27
N VAL C 96 19.68 -3.53 58.60
CA VAL C 96 19.74 -2.65 57.42
C VAL C 96 20.36 -1.29 57.77
N LEU C 97 19.89 -0.69 58.87
CA LEU C 97 20.24 0.68 59.23
C LEU C 97 21.72 0.73 59.58
N GLU C 98 22.16 -0.23 60.37
CA GLU C 98 23.52 -0.26 60.85
C GLU C 98 24.46 -0.55 59.69
N GLU C 99 24.01 -1.40 58.77
CA GLU C 99 24.79 -1.77 57.57
C GLU C 99 25.04 -0.52 56.71
N LEU C 100 24.03 0.35 56.57
CA LEU C 100 24.19 1.56 55.77
C LEU C 100 25.14 2.58 56.44
N LEU C 101 24.92 2.83 57.74
CA LEU C 101 25.72 3.73 58.54
C LEU C 101 27.20 3.30 58.50
N TRP C 102 27.43 1.99 58.46
CA TRP C 102 28.75 1.40 58.45
C TRP C 102 29.43 1.61 57.09
N PHE C 103 28.65 1.45 55.99
CA PHE C 103 29.15 1.80 54.67
C PHE C 103 29.55 3.28 54.61
N ILE C 104 28.63 4.16 55.02
CA ILE C 104 28.83 5.58 54.93
C ILE C 104 30.11 6.02 55.66
N LYS C 105 30.43 5.38 56.79
CA LYS C 105 31.66 5.73 57.56
C LYS C 105 32.89 5.25 56.79
N GLY C 106 32.67 4.44 55.75
CA GLY C 106 33.73 3.90 54.91
C GLY C 106 34.54 2.82 55.65
N SER C 107 33.89 2.15 56.61
CA SER C 107 34.48 1.04 57.31
C SER C 107 34.62 -0.16 56.37
N THR C 108 35.69 -0.92 56.58
CA THR C 108 35.80 -2.20 55.92
C THR C 108 36.00 -3.32 56.94
N ASN C 109 35.62 -3.03 58.20
CA ASN C 109 35.86 -3.93 59.31
C ASN C 109 34.56 -4.59 59.76
N ALA C 110 34.43 -5.90 59.56
CA ALA C 110 33.22 -6.63 59.90
C ALA C 110 32.97 -6.60 61.42
N LYS C 111 34.06 -6.47 62.20
CA LYS C 111 33.97 -6.43 63.67
C LYS C 111 33.25 -5.16 64.10
N GLU C 112 33.46 -4.07 63.34
CA GLU C 112 32.93 -2.74 63.61
C GLU C 112 31.42 -2.80 63.50
N LEU C 113 30.91 -3.59 62.53
CA LEU C 113 29.46 -3.76 62.35
C LEU C 113 28.91 -4.70 63.41
N SER C 114 29.63 -5.81 63.62
CA SER C 114 29.29 -6.85 64.57
C SER C 114 29.04 -6.30 65.96
N SER C 115 29.86 -5.32 66.35
CA SER C 115 29.75 -4.77 67.70
C SER C 115 28.49 -3.92 67.88
N LYS C 116 27.74 -3.60 66.81
CA LYS C 116 26.47 -2.88 66.94
C LYS C 116 25.28 -3.85 67.03
N GLY C 117 25.64 -5.14 67.07
CA GLY C 117 24.73 -6.27 67.21
C GLY C 117 24.23 -6.80 65.86
N VAL C 118 24.97 -6.54 64.77
CA VAL C 118 24.56 -6.95 63.45
C VAL C 118 25.62 -7.89 62.91
N LYS C 119 25.28 -9.18 62.75
CA LYS C 119 26.25 -10.24 62.49
C LYS C 119 26.40 -10.58 61.00
N ILE C 120 25.66 -9.91 60.11
CA ILE C 120 25.52 -10.35 58.74
C ILE C 120 26.86 -10.43 57.96
N TRP C 121 27.87 -9.63 58.33
CA TRP C 121 29.11 -9.60 57.56
C TRP C 121 30.19 -10.50 58.18
N ASP C 122 29.92 -11.06 59.38
CA ASP C 122 30.93 -11.78 60.15
C ASP C 122 31.55 -12.94 59.37
N ALA C 123 30.69 -13.74 58.74
CA ALA C 123 31.15 -14.95 58.06
C ALA C 123 32.18 -14.65 56.95
N ASN C 124 31.89 -13.61 56.15
CA ASN C 124 32.72 -13.09 55.06
C ASN C 124 33.99 -12.45 55.60
N GLY C 125 34.04 -12.18 56.91
CA GLY C 125 35.25 -11.65 57.51
C GLY C 125 36.03 -12.65 58.36
N SER C 126 35.53 -13.92 58.40
CA SER C 126 36.05 -14.95 59.31
C SER C 126 37.46 -15.36 58.92
N ARG C 127 38.17 -15.94 59.89
CA ARG C 127 39.50 -16.46 59.63
C ARG C 127 39.50 -17.45 58.44
N ASP C 128 38.60 -18.46 58.47
CA ASP C 128 38.60 -19.51 57.44
C ASP C 128 38.22 -18.96 56.08
N PHE C 129 37.28 -18.01 56.04
CA PHE C 129 36.86 -17.45 54.77
C PHE C 129 38.02 -16.74 54.09
N LEU C 130 38.73 -15.90 54.86
CA LEU C 130 39.86 -15.11 54.37
C LEU C 130 41.02 -16.04 53.99
N ASP C 131 41.31 -17.06 54.80
CA ASP C 131 42.37 -17.95 54.39
C ASP C 131 41.98 -18.65 53.09
N SER C 132 40.70 -19.00 52.93
CA SER C 132 40.27 -19.68 51.71
C SER C 132 40.50 -18.84 50.45
N LEU C 133 40.60 -17.51 50.58
CA LEU C 133 40.90 -16.60 49.47
C LEU C 133 42.39 -16.30 49.37
N GLY C 134 43.20 -16.98 50.22
CA GLY C 134 44.62 -16.76 50.36
C GLY C 134 44.98 -15.47 51.08
N PHE C 135 44.11 -14.94 51.96
CA PHE C 135 44.47 -13.72 52.67
C PHE C 135 44.84 -14.09 54.09
N SER C 136 45.93 -14.85 54.24
CA SER C 136 46.38 -15.38 55.53
C SER C 136 47.06 -14.34 56.42
N THR C 137 47.64 -13.28 55.84
CA THR C 137 48.37 -12.29 56.61
C THR C 137 47.45 -11.18 57.13
N ARG C 138 46.24 -11.13 56.61
CA ARG C 138 45.24 -10.12 56.94
C ARG C 138 44.62 -10.42 58.31
N GLU C 139 44.21 -9.37 59.04
CA GLU C 139 43.51 -9.48 60.31
C GLU C 139 42.07 -9.94 60.12
N GLU C 140 41.58 -10.74 61.08
CA GLU C 140 40.20 -11.20 61.04
C GLU C 140 39.26 -9.98 61.07
N GLY C 141 38.18 -10.07 60.27
CA GLY C 141 37.24 -8.97 60.08
C GLY C 141 37.59 -7.99 58.94
N ASP C 142 38.78 -8.11 58.32
CA ASP C 142 39.21 -7.21 57.25
C ASP C 142 38.67 -7.65 55.88
N LEU C 143 37.64 -6.96 55.42
CA LEU C 143 36.89 -7.35 54.25
C LEU C 143 37.62 -6.95 52.97
N GLY C 144 38.65 -6.11 53.14
CA GLY C 144 39.32 -5.51 52.01
C GLY C 144 38.57 -4.26 51.54
N PRO C 145 38.92 -3.71 50.37
CA PRO C 145 38.27 -2.49 49.87
C PRO C 145 36.86 -2.65 49.30
N VAL C 146 35.91 -3.01 50.17
CA VAL C 146 34.53 -3.24 49.78
C VAL C 146 33.73 -1.95 49.78
N TYR C 147 32.40 -2.03 49.66
CA TYR C 147 31.45 -0.94 49.48
C TYR C 147 31.83 0.42 50.10
N GLY C 148 31.97 0.43 51.44
CA GLY C 148 32.42 1.59 52.19
C GLY C 148 33.57 2.37 51.54
N PHE C 149 34.70 1.67 51.41
CA PHE C 149 35.92 2.24 50.87
C PHE C 149 35.68 2.80 49.47
N GLN C 150 34.87 2.13 48.61
CA GLN C 150 34.72 2.59 47.24
C GLN C 150 33.83 3.82 47.24
N TRP C 151 32.87 3.86 48.15
CA TRP C 151 31.97 5.00 48.29
C TRP C 151 32.74 6.26 48.72
N ARG C 152 33.66 6.17 49.72
CA ARG C 152 34.25 7.39 50.25
C ARG C 152 35.66 7.64 49.74
N HIS C 153 36.35 6.58 49.30
CA HIS C 153 37.76 6.69 48.95
C HIS C 153 38.14 6.04 47.63
N PHE C 154 37.28 6.20 46.61
CA PHE C 154 37.51 5.42 45.40
C PHE C 154 38.88 5.74 44.81
N GLY C 155 39.71 4.70 44.64
CA GLY C 155 40.91 4.83 43.83
C GLY C 155 42.16 5.01 44.72
N ALA C 156 41.94 5.17 46.04
CA ALA C 156 42.98 5.18 47.05
C ALA C 156 43.69 3.82 47.17
N GLU C 157 44.99 3.83 47.50
CA GLU C 157 45.69 2.57 47.71
CA GLU C 157 45.67 2.56 47.71
C GLU C 157 45.20 1.93 49.03
N TYR C 158 44.68 0.70 48.97
CA TYR C 158 44.17 0.11 50.20
C TYR C 158 45.29 -0.52 51.03
N ARG C 159 45.24 -0.30 52.35
CA ARG C 159 46.26 -0.88 53.25
C ARG C 159 45.57 -1.97 54.07
N ASP C 160 45.18 -1.64 55.30
CA ASP C 160 44.45 -2.56 56.15
C ASP C 160 43.19 -1.80 56.57
N MET C 161 42.30 -2.48 57.31
CA MET C 161 41.01 -1.93 57.69
C MET C 161 41.14 -0.79 58.71
N GLU C 162 42.34 -0.64 59.31
CA GLU C 162 42.48 0.36 60.35
C GLU C 162 43.20 1.63 59.88
N SER C 163 43.63 1.70 58.62
CA SER C 163 44.27 2.88 58.05
C SER C 163 43.38 4.11 58.15
N ASP C 164 44.06 5.29 58.25
CA ASP C 164 43.50 6.60 57.98
C ASP C 164 43.49 6.76 56.47
N TYR C 165 42.29 7.01 55.92
CA TYR C 165 42.05 7.17 54.50
C TYR C 165 41.31 8.48 54.23
N SER C 166 41.21 9.37 55.24
CA SER C 166 40.56 10.67 55.08
C SER C 166 41.31 11.53 54.06
N GLY C 167 40.53 12.14 53.16
CA GLY C 167 41.03 13.00 52.10
C GLY C 167 41.57 12.18 50.94
N GLN C 168 41.57 10.86 51.16
CA GLN C 168 42.18 9.97 50.21
C GLN C 168 41.03 9.52 49.33
N GLY C 169 41.27 9.48 48.02
CA GLY C 169 40.36 8.94 47.02
C GLY C 169 39.30 9.92 46.56
N VAL C 170 38.27 9.39 45.88
CA VAL C 170 37.13 10.12 45.37
C VAL C 170 35.95 9.81 46.29
N ASP C 171 35.42 10.87 46.92
CA ASP C 171 34.25 10.70 47.81
C ASP C 171 32.98 10.68 46.97
N GLN C 172 32.72 9.56 46.27
CA GLN C 172 31.54 9.50 45.42
C GLN C 172 30.28 10.00 46.17
N LEU C 173 30.20 9.69 47.45
CA LEU C 173 28.97 9.95 48.18
C LEU C 173 28.78 11.45 48.37
N GLN C 174 29.84 12.16 48.72
CA GLN C 174 29.72 13.59 48.93
C GLN C 174 29.57 14.29 47.58
N ARG C 175 30.26 13.76 46.55
CA ARG C 175 30.13 14.24 45.18
C ARG C 175 28.66 14.16 44.74
N VAL C 176 27.99 13.01 44.99
CA VAL C 176 26.57 12.85 44.64
C VAL C 176 25.74 13.97 45.32
N ILE C 177 25.92 14.15 46.63
CA ILE C 177 25.09 15.08 47.36
C ILE C 177 25.24 16.46 46.73
N ASP C 178 26.51 16.87 46.52
CA ASP C 178 26.89 18.19 46.04
C ASP C 178 26.30 18.45 44.67
N THR C 179 26.42 17.47 43.78
CA THR C 179 25.85 17.65 42.47
C THR C 179 24.32 17.77 42.55
N ILE C 180 23.66 17.00 43.43
CA ILE C 180 22.21 17.12 43.57
C ILE C 180 21.86 18.56 43.98
N LYS C 181 22.68 19.11 44.89
CA LYS C 181 22.42 20.42 45.46
C LYS C 181 22.65 21.48 44.40
N THR C 182 23.78 21.45 43.69
CA THR C 182 24.11 22.56 42.85
C THR C 182 23.68 22.37 41.39
N ASN C 183 23.54 21.13 40.89
CA ASN C 183 23.27 20.93 39.48
C ASN C 183 22.39 19.69 39.23
N PRO C 184 21.11 19.72 39.64
CA PRO C 184 20.26 18.53 39.58
C PRO C 184 19.98 17.98 38.19
N ASP C 185 20.23 18.76 37.15
CA ASP C 185 19.96 18.38 35.78
C ASP C 185 21.08 17.47 35.26
N ASP C 186 22.14 17.33 36.06
CA ASP C 186 23.34 16.63 35.65
C ASP C 186 23.00 15.16 35.47
N ARG C 187 23.49 14.58 34.36
CA ARG C 187 23.18 13.23 33.95
C ARG C 187 24.26 12.25 34.42
N ARG C 188 25.09 12.62 35.40
CA ARG C 188 26.23 11.78 35.85
C ARG C 188 26.23 11.57 37.37
N ILE C 189 25.09 11.51 38.02
CA ILE C 189 25.05 11.41 39.48
C ILE C 189 25.12 9.95 39.88
N ILE C 190 26.36 9.45 40.05
CA ILE C 190 26.67 8.04 40.02
C ILE C 190 27.60 7.72 41.18
N MET C 191 27.30 6.62 41.84
CA MET C 191 28.22 6.08 42.83
C MET C 191 28.42 4.61 42.45
N CYS C 192 29.68 4.23 42.24
CA CYS C 192 30.01 2.90 41.72
C CYS C 192 31.05 2.23 42.63
N ALA C 193 30.77 1.00 43.11
CA ALA C 193 31.63 0.25 44.02
C ALA C 193 32.50 -0.73 43.24
N TRP C 194 32.06 -0.99 42.00
CA TRP C 194 32.76 -1.92 41.13
C TRP C 194 34.13 -1.33 40.76
N ASN C 195 35.21 -1.92 41.27
CA ASN C 195 36.52 -1.36 41.00
C ASN C 195 37.45 -2.46 40.50
N PRO C 196 37.60 -2.66 39.18
CA PRO C 196 38.36 -3.81 38.67
C PRO C 196 39.74 -3.94 39.25
N ARG C 197 40.39 -2.81 39.54
CA ARG C 197 41.79 -2.84 40.07
C ARG C 197 41.83 -3.37 41.51
N ASP C 198 40.76 -3.15 42.27
CA ASP C 198 40.63 -3.54 43.68
C ASP C 198 39.95 -4.89 43.94
N LEU C 199 39.33 -5.55 42.93
CA LEU C 199 38.55 -6.76 43.19
C LEU C 199 39.44 -7.85 43.80
N PRO C 200 40.70 -8.05 43.39
CA PRO C 200 41.48 -9.11 44.01
C PRO C 200 41.71 -8.96 45.53
N LEU C 201 41.62 -7.74 46.09
CA LEU C 201 41.83 -7.56 47.52
C LEU C 201 40.53 -7.80 48.28
N MET C 202 39.40 -7.98 47.59
CA MET C 202 38.08 -7.94 48.23
C MET C 202 37.56 -9.32 48.66
N ALA C 203 37.00 -9.37 49.89
CA ALA C 203 36.40 -10.60 50.41
C ALA C 203 35.33 -11.14 49.46
N LEU C 204 34.65 -10.19 48.78
CA LEU C 204 33.47 -10.40 47.95
C LEU C 204 33.31 -9.15 47.08
N PRO C 205 33.28 -9.26 45.74
CA PRO C 205 33.00 -8.09 44.92
C PRO C 205 31.60 -7.55 45.21
N PRO C 206 31.34 -6.24 44.93
CA PRO C 206 30.03 -5.64 45.20
C PRO C 206 28.90 -6.39 44.50
N HIS C 208 25.52 -5.11 44.93
CA HIS C 208 24.95 -3.85 44.48
C HIS C 208 26.09 -3.00 43.94
N ALA C 209 26.23 -3.02 42.61
CA ALA C 209 27.48 -2.66 41.99
C ALA C 209 27.56 -1.16 41.66
N LEU C 210 26.43 -0.51 41.33
CA LEU C 210 26.45 0.84 40.78
C LEU C 210 25.07 1.43 41.08
N CYS C 211 24.98 2.70 41.50
CA CYS C 211 23.65 3.31 41.52
C CYS C 211 23.69 4.71 40.94
N GLN C 212 22.53 5.19 40.53
CA GLN C 212 22.40 6.47 39.84
C GLN C 212 21.18 7.18 40.41
N PHE C 213 21.35 8.51 40.60
CA PHE C 213 20.29 9.33 41.14
C PHE C 213 19.82 10.28 40.05
N TYR C 214 18.57 10.74 40.19
CA TYR C 214 17.89 11.59 39.22
C TYR C 214 16.83 12.42 39.94
N VAL C 215 16.62 13.66 39.45
CA VAL C 215 15.80 14.65 40.14
C VAL C 215 14.80 15.19 39.13
N VAL C 216 13.51 15.10 39.48
CA VAL C 216 12.45 15.71 38.67
C VAL C 216 11.31 16.04 39.62
N ASN C 217 10.66 17.20 39.42
CA ASN C 217 9.55 17.63 40.27
C ASN C 217 9.93 17.65 41.75
N SER C 218 11.17 18.07 42.07
CA SER C 218 11.63 18.13 43.45
C SER C 218 11.67 16.74 44.11
N GLU C 219 11.63 15.68 43.29
CA GLU C 219 11.68 14.34 43.83
C GLU C 219 13.02 13.72 43.48
N LEU C 220 13.55 12.91 44.40
CA LEU C 220 14.82 12.23 44.18
C LEU C 220 14.59 10.72 44.05
N SER C 221 15.01 10.13 42.92
CA SER C 221 14.91 8.72 42.60
C SER C 221 16.31 8.12 42.50
N CYS C 222 16.37 6.79 42.59
CA CYS C 222 17.61 6.05 42.66
C CYS C 222 17.38 4.77 41.86
N GLN C 223 18.29 4.49 40.92
CA GLN C 223 18.28 3.20 40.21
C GLN C 223 19.53 2.43 40.63
N LEU C 224 19.39 1.14 40.96
CA LEU C 224 20.48 0.30 41.41
C LEU C 224 20.74 -0.76 40.37
N TYR C 225 22.01 -0.89 39.95
CA TYR C 225 22.36 -2.01 39.12
C TYR C 225 23.00 -3.04 40.04
N GLN C 226 22.24 -4.07 40.39
CA GLN C 226 22.71 -5.09 41.31
C GLN C 226 23.15 -6.26 40.45
N ARG C 227 24.45 -6.45 40.25
CA ARG C 227 24.98 -7.53 39.39
C ARG C 227 24.68 -8.92 39.95
N SER C 228 24.45 -9.05 41.26
CA SER C 228 24.10 -10.36 41.81
C SER C 228 23.22 -10.19 43.06
N GLY C 229 22.06 -10.86 43.06
CA GLY C 229 21.11 -10.75 44.17
C GLY C 229 20.75 -12.14 44.69
N ASP C 230 21.20 -12.40 45.92
CA ASP C 230 20.77 -13.51 46.71
C ASP C 230 19.34 -13.16 47.03
N MET C 231 18.40 -13.74 46.29
CA MET C 231 16.99 -13.35 46.27
C MET C 231 16.32 -13.57 47.63
N GLY C 232 16.62 -14.70 48.28
CA GLY C 232 16.07 -14.96 49.61
C GLY C 232 16.58 -14.04 50.74
N LEU C 233 17.90 -13.80 50.81
CA LEU C 233 18.49 -13.23 52.00
C LEU C 233 18.91 -11.79 51.75
N GLY C 234 19.65 -11.53 50.67
CA GLY C 234 20.32 -10.24 50.61
C GLY C 234 19.39 -9.13 50.11
N VAL C 235 18.61 -9.49 49.09
CA VAL C 235 17.84 -8.53 48.31
C VAL C 235 16.81 -7.77 49.16
N PRO C 236 16.02 -8.40 50.06
CA PRO C 236 15.18 -7.66 51.02
C PRO C 236 15.93 -6.58 51.77
N PHE C 237 17.16 -6.88 52.21
CA PHE C 237 18.06 -5.87 52.77
C PHE C 237 18.37 -4.78 51.73
N ASN C 238 18.85 -5.23 50.55
CA ASN C 238 19.24 -4.35 49.47
C ASN C 238 18.18 -3.28 49.25
N ILE C 239 16.98 -3.76 48.95
CA ILE C 239 15.89 -2.87 48.59
C ILE C 239 15.79 -1.81 49.67
N ALA C 240 15.84 -2.21 50.94
CA ALA C 240 15.55 -1.30 52.06
C ALA C 240 16.70 -0.30 52.28
N SER C 241 17.89 -0.81 51.97
CA SER C 241 19.14 -0.11 52.08
C SER C 241 19.18 1.08 51.11
N TYR C 242 18.94 0.82 49.82
CA TYR C 242 18.91 1.89 48.84
C TYR C 242 17.73 2.84 49.06
N ALA C 243 16.56 2.30 49.46
CA ALA C 243 15.44 3.15 49.84
C ALA C 243 15.87 4.13 50.96
N LEU C 244 16.57 3.59 51.96
CA LEU C 244 16.99 4.35 53.13
C LEU C 244 17.99 5.42 52.65
N LEU C 245 18.94 5.01 51.80
CA LEU C 245 19.97 5.94 51.39
C LEU C 245 19.30 7.11 50.68
N THR C 246 18.27 6.81 49.88
CA THR C 246 17.56 7.83 49.13
C THR C 246 16.81 8.74 50.11
N TYR C 247 16.20 8.17 51.16
CA TYR C 247 15.62 9.05 52.18
C TYR C 247 16.65 10.04 52.74
N MET C 248 17.82 9.53 53.15
CA MET C 248 18.88 10.34 53.69
C MET C 248 19.29 11.46 52.73
N ILE C 249 19.64 11.12 51.48
CA ILE C 249 20.11 12.12 50.54
C ILE C 249 18.98 13.12 50.23
N ALA C 250 17.74 12.65 50.14
CA ALA C 250 16.64 13.56 49.84
C ALA C 250 16.58 14.60 50.96
N HIS C 251 16.74 14.08 52.18
CA HIS C 251 16.57 14.89 53.38
C HIS C 251 17.66 15.98 53.44
N ILE C 252 18.92 15.64 53.14
CA ILE C 252 19.95 16.67 53.22
C ILE C 252 19.93 17.58 51.98
N THR C 253 19.14 17.26 50.97
CA THR C 253 19.19 18.09 49.78
C THR C 253 17.89 18.86 49.59
N GLY C 254 17.01 18.85 50.60
CA GLY C 254 15.68 19.47 50.54
C GLY C 254 14.86 18.97 49.35
N LEU C 255 14.73 17.65 49.22
CA LEU C 255 13.96 17.01 48.14
C LEU C 255 13.07 15.92 48.73
N LYS C 256 12.05 15.46 47.99
CA LYS C 256 11.13 14.40 48.48
C LYS C 256 11.45 13.08 47.78
N PRO C 257 11.59 11.95 48.52
CA PRO C 257 11.89 10.65 47.91
C PRO C 257 10.86 10.34 46.80
N GLY C 258 11.35 9.91 45.62
CA GLY C 258 10.47 9.61 44.50
C GLY C 258 10.29 8.10 44.34
N ASP C 259 11.13 7.47 43.49
CA ASP C 259 11.07 6.05 43.18
C ASP C 259 12.43 5.41 43.48
N PHE C 260 12.43 4.16 43.97
CA PHE C 260 13.63 3.31 43.97
C PHE C 260 13.44 2.22 42.94
N ILE C 261 14.27 2.26 41.91
CA ILE C 261 14.24 1.33 40.81
C ILE C 261 15.38 0.33 40.99
N HIS C 262 15.00 -0.96 40.92
CA HIS C 262 15.82 -2.13 41.21
C HIS C 262 16.08 -2.91 39.93
N THR C 263 17.35 -2.85 39.49
CA THR C 263 17.65 -3.58 38.26
C THR C 263 18.54 -4.76 38.61
N LEU C 264 18.10 -5.99 38.30
CA LEU C 264 18.96 -7.10 38.67
C LEU C 264 19.63 -7.68 37.44
N GLY C 265 20.86 -8.17 37.70
CA GLY C 265 21.73 -8.90 36.77
C GLY C 265 21.48 -10.38 37.00
N ASP C 266 22.40 -11.01 37.73
CA ASP C 266 22.31 -12.39 38.10
C ASP C 266 21.51 -12.45 39.38
N ALA C 267 20.24 -12.90 39.27
CA ALA C 267 19.33 -13.08 40.41
C ALA C 267 19.16 -14.58 40.70
N HIS C 268 19.42 -15.02 41.92
CA HIS C 268 19.51 -16.44 42.19
C HIS C 268 18.78 -16.71 43.49
N ILE C 269 18.15 -17.90 43.55
CA ILE C 269 17.73 -18.47 44.82
C ILE C 269 18.65 -19.64 45.20
N TYR C 270 19.20 -19.62 46.41
CA TYR C 270 19.88 -20.78 46.96
C TYR C 270 18.88 -21.94 47.16
N LEU C 271 19.32 -23.19 46.90
CA LEU C 271 18.43 -24.36 46.88
C LEU C 271 17.88 -24.53 48.27
N ASN C 272 18.69 -24.20 49.29
CA ASN C 272 18.25 -24.37 50.68
C ASN C 272 17.33 -23.21 51.13
N HIS C 273 16.97 -22.27 50.23
CA HIS C 273 15.98 -21.28 50.63
C HIS C 273 14.63 -21.60 50.03
N ILE C 274 14.59 -22.66 49.20
CA ILE C 274 13.37 -23.05 48.51
C ILE C 274 12.22 -23.31 49.48
N GLU C 275 12.45 -24.12 50.52
CA GLU C 275 11.40 -24.44 51.52
C GLU C 275 10.92 -23.13 52.15
N PRO C 276 11.78 -22.36 52.85
CA PRO C 276 11.35 -21.13 53.48
C PRO C 276 10.60 -20.17 52.58
N LEU C 277 11.04 -20.03 51.32
CA LEU C 277 10.35 -19.09 50.41
C LEU C 277 8.96 -19.59 49.98
N LYS C 278 8.76 -20.91 50.09
CA LYS C 278 7.46 -21.49 49.86
C LYS C 278 6.53 -21.09 51.00
N ILE C 279 7.10 -20.92 52.17
CA ILE C 279 6.36 -20.33 53.27
C ILE C 279 5.91 -18.90 52.95
N GLN C 280 6.87 -18.02 52.65
CA GLN C 280 6.63 -16.60 52.43
C GLN C 280 5.61 -16.37 51.29
N LEU C 281 5.63 -17.22 50.26
CA LEU C 281 4.84 -17.03 49.07
C LEU C 281 3.35 -17.34 49.32
N GLN C 282 3.06 -17.90 50.50
CA GLN C 282 1.70 -18.13 50.96
C GLN C 282 1.06 -16.88 51.59
N ARG C 283 1.78 -15.78 51.76
CA ARG C 283 1.31 -14.68 52.59
C ARG C 283 0.91 -13.48 51.75
N GLU C 284 -0.04 -12.71 52.27
CA GLU C 284 -0.53 -11.52 51.59
C GLU C 284 0.34 -10.41 52.09
N PRO C 285 0.87 -9.54 51.20
CA PRO C 285 1.58 -8.35 51.65
C PRO C 285 0.61 -7.46 52.44
N ARG C 286 1.11 -6.79 53.47
CA ARG C 286 0.38 -5.72 54.14
C ARG C 286 0.91 -4.42 53.57
N PRO C 287 0.19 -3.31 53.71
CA PRO C 287 0.74 -2.00 53.34
C PRO C 287 2.10 -1.76 54.00
N PHE C 288 3.02 -1.14 53.23
CA PHE C 288 4.39 -0.89 53.63
C PHE C 288 4.37 0.08 54.79
N PRO C 289 5.40 0.05 55.67
CA PRO C 289 5.57 1.10 56.66
C PRO C 289 5.91 2.48 56.13
N LYS C 290 6.16 3.42 57.02
CA LYS C 290 6.57 4.76 56.67
C LYS C 290 7.89 4.93 57.39
N LEU C 291 8.76 5.79 56.86
CA LEU C 291 9.99 6.04 57.56
C LEU C 291 10.00 7.50 57.96
N ARG C 292 10.17 7.78 59.26
CA ARG C 292 10.24 9.13 59.80
C ARG C 292 11.70 9.44 60.11
N ILE C 293 12.16 10.65 59.76
CA ILE C 293 13.48 11.11 60.18
C ILE C 293 13.26 12.17 61.27
N LEU C 294 13.90 12.01 62.43
CA LEU C 294 13.39 12.58 63.67
C LEU C 294 13.95 13.97 63.98
N ARG C 295 15.10 14.34 63.40
CA ARG C 295 15.60 15.70 63.50
C ARG C 295 16.17 16.15 62.17
N LYS C 296 16.31 17.48 61.99
CA LYS C 296 16.98 18.11 60.85
C LYS C 296 18.48 17.80 60.93
N VAL C 297 19.01 17.19 59.86
CA VAL C 297 20.38 16.71 59.81
C VAL C 297 21.02 17.40 58.60
N GLU C 298 22.28 17.88 58.73
CA GLU C 298 22.82 18.76 57.68
C GLU C 298 23.76 18.02 56.71
N LYS C 299 24.42 16.95 57.20
CA LYS C 299 25.52 16.29 56.52
C LYS C 299 25.36 14.78 56.62
N ILE C 300 25.78 14.06 55.55
CA ILE C 300 25.56 12.62 55.46
C ILE C 300 26.20 11.93 56.66
N ASP C 301 27.36 12.42 57.09
CA ASP C 301 28.08 11.78 58.18
C ASP C 301 27.43 11.99 59.53
N ASP C 302 26.38 12.82 59.64
CA ASP C 302 25.81 13.20 60.92
C ASP C 302 24.66 12.28 61.33
N PHE C 303 24.13 11.46 60.40
CA PHE C 303 23.04 10.59 60.75
C PHE C 303 23.51 9.54 61.77
N LYS C 304 22.64 9.26 62.75
CA LYS C 304 22.84 8.26 63.79
C LYS C 304 21.60 7.35 63.75
N ALA C 305 21.72 6.11 64.22
CA ALA C 305 20.58 5.21 64.26
C ALA C 305 19.35 5.90 64.89
N GLU C 306 19.60 6.67 65.97
CA GLU C 306 18.64 7.37 66.84
C GLU C 306 17.69 8.23 65.99
N ASP C 307 18.15 8.59 64.78
CA ASP C 307 17.51 9.61 63.94
C ASP C 307 16.33 9.06 63.14
N PHE C 308 16.12 7.74 63.13
CA PHE C 308 15.18 7.09 62.22
C PHE C 308 14.11 6.34 62.97
N GLN C 309 12.91 6.37 62.41
CA GLN C 309 11.84 5.65 63.07
C GLN C 309 10.96 4.98 62.03
N ILE C 310 10.95 3.64 62.03
CA ILE C 310 10.06 2.93 61.13
C ILE C 310 8.72 2.93 61.84
N GLU C 311 7.67 3.33 61.15
CA GLU C 311 6.35 3.47 61.74
C GLU C 311 5.37 2.68 60.89
N GLY C 312 4.46 1.96 61.57
CA GLY C 312 3.36 1.25 60.91
C GLY C 312 3.76 -0.08 60.29
N TYR C 313 4.85 -0.67 60.83
CA TYR C 313 5.42 -1.90 60.31
C TYR C 313 4.71 -3.11 60.92
N ASN C 314 4.18 -3.97 60.04
CA ASN C 314 3.21 -4.98 60.46
C ASN C 314 3.54 -6.30 59.79
N PRO C 315 4.78 -6.81 59.93
CA PRO C 315 5.22 -7.97 59.12
C PRO C 315 4.54 -9.29 59.54
N HIS C 316 4.47 -10.27 58.63
CA HIS C 316 4.22 -11.66 59.00
C HIS C 316 5.41 -12.11 59.83
N PRO C 317 5.37 -13.21 60.59
CA PRO C 317 6.57 -13.62 61.31
C PRO C 317 7.88 -13.86 60.49
N THR C 318 9.05 -13.62 61.11
CA THR C 318 10.38 -13.99 60.60
C THR C 318 10.33 -15.37 59.93
N ILE C 319 10.97 -15.50 58.78
CA ILE C 319 11.35 -16.80 58.25
C ILE C 319 12.88 -16.90 58.26
N LYS C 320 13.47 -17.91 58.97
CA LYS C 320 14.93 -18.04 58.97
C LYS C 320 15.38 -18.70 57.67
N MET C 321 16.52 -18.23 57.14
CA MET C 321 17.24 -18.89 56.06
C MET C 321 18.75 -18.85 56.32
N GLU C 322 19.42 -19.96 55.96
CA GLU C 322 20.88 -20.09 56.19
C GLU C 322 21.67 -19.34 55.11
N MET C 323 22.67 -18.55 55.52
CA MET C 323 23.51 -17.81 54.60
C MET C 323 24.41 -18.74 53.80
N ALA C 324 24.64 -18.38 52.55
CA ALA C 324 25.60 -19.14 51.78
C ALA C 324 26.97 -18.47 51.95
N VAL C 325 27.95 -19.16 52.54
CA VAL C 325 29.20 -18.43 52.75
C VAL C 325 30.12 -18.73 51.57
N ARG D 37 -10.23 -27.30 -30.42
CA ARG D 37 -10.26 -25.91 -30.95
C ARG D 37 -11.69 -25.31 -30.99
N PRO D 38 -11.83 -23.96 -30.89
CA PRO D 38 -13.07 -23.24 -31.21
C PRO D 38 -13.33 -23.34 -32.71
N PRO D 39 -14.59 -23.25 -33.20
CA PRO D 39 -14.84 -23.48 -34.63
C PRO D 39 -14.37 -22.28 -35.46
N HIS D 40 -13.94 -22.60 -36.67
CA HIS D 40 -13.57 -21.59 -37.65
C HIS D 40 -14.22 -21.97 -38.99
N GLY D 41 -14.48 -20.96 -39.84
CA GLY D 41 -15.07 -21.17 -41.17
C GLY D 41 -16.52 -21.68 -41.12
N GLU D 42 -16.84 -22.64 -41.99
CA GLU D 42 -18.17 -23.24 -42.08
C GLU D 42 -18.65 -23.86 -40.75
N LEU D 43 -17.68 -24.22 -39.92
CA LEU D 43 -17.92 -24.99 -38.71
C LEU D 43 -18.76 -24.14 -37.74
N GLN D 44 -18.55 -22.82 -37.80
CA GLN D 44 -19.33 -21.84 -37.04
C GLN D 44 -20.81 -21.92 -37.38
N TYR D 45 -21.12 -21.90 -38.69
CA TYR D 45 -22.50 -22.07 -39.15
C TYR D 45 -23.04 -23.40 -38.66
N LEU D 46 -22.38 -24.52 -38.99
CA LEU D 46 -22.78 -25.83 -38.47
C LEU D 46 -22.94 -25.81 -36.97
N GLY D 47 -21.94 -25.44 -36.21
CA GLY D 47 -22.23 -25.35 -34.80
C GLY D 47 -23.39 -24.39 -34.44
N GLN D 48 -23.67 -23.35 -35.26
CA GLN D 48 -24.79 -22.48 -34.92
C GLN D 48 -26.11 -23.25 -35.00
N ILE D 49 -26.22 -24.05 -36.06
CA ILE D 49 -27.29 -25.00 -36.25
C ILE D 49 -27.40 -25.94 -35.07
N GLN D 50 -26.39 -26.75 -34.78
CA GLN D 50 -26.43 -27.60 -33.60
C GLN D 50 -26.92 -26.84 -32.32
N HIS D 51 -26.53 -25.59 -32.12
CA HIS D 51 -26.90 -24.98 -30.86
C HIS D 51 -28.42 -24.70 -30.82
N ILE D 52 -28.97 -24.33 -31.98
CA ILE D 52 -30.39 -24.09 -32.04
C ILE D 52 -31.17 -25.40 -31.90
N LEU D 53 -30.77 -26.45 -32.61
CA LEU D 53 -31.41 -27.75 -32.40
C LEU D 53 -31.38 -28.16 -30.93
N ARG D 54 -30.25 -28.10 -30.26
CA ARG D 54 -30.20 -28.65 -28.89
C ARG D 54 -30.67 -27.64 -27.86
N GLY D 56 -32.45 -24.27 -28.67
CA GLY D 56 -33.44 -23.24 -28.91
C GLY D 56 -34.81 -23.48 -28.28
N VAL D 57 -35.52 -22.35 -28.18
CA VAL D 57 -36.89 -22.22 -27.70
C VAL D 57 -37.91 -22.34 -28.84
N ARG D 58 -38.95 -23.15 -28.57
CA ARG D 58 -40.09 -23.41 -29.42
C ARG D 58 -40.99 -22.20 -29.34
N LYS D 59 -41.18 -21.56 -30.49
CA LYS D 59 -42.10 -20.41 -30.53
C LYS D 59 -42.94 -20.57 -31.78
N ASP D 60 -44.15 -19.98 -31.78
CA ASP D 60 -44.93 -19.63 -32.97
C ASP D 60 -44.43 -18.32 -33.62
N ASP D 61 -44.52 -18.23 -34.94
CA ASP D 61 -44.00 -17.06 -35.66
C ASP D 61 -45.07 -16.54 -36.63
N ARG D 62 -44.80 -15.37 -37.21
CA ARG D 62 -45.73 -14.70 -38.17
C ARG D 62 -46.13 -15.64 -39.32
N THR D 63 -45.26 -16.58 -39.72
CA THR D 63 -45.59 -17.44 -40.84
C THR D 63 -46.50 -18.59 -40.42
N GLY D 64 -46.76 -18.83 -39.14
CA GLY D 64 -47.48 -20.07 -38.82
C GLY D 64 -46.64 -21.36 -38.91
N THR D 65 -45.31 -21.30 -39.28
CA THR D 65 -44.52 -22.53 -39.40
C THR D 65 -44.13 -23.13 -38.04
N GLY D 66 -43.85 -22.25 -37.05
CA GLY D 66 -43.14 -22.59 -35.83
C GLY D 66 -41.62 -22.54 -36.07
N THR D 67 -40.85 -22.17 -35.03
CA THR D 67 -39.40 -22.19 -35.08
C THR D 67 -38.81 -22.62 -33.74
N LEU D 68 -37.57 -23.10 -33.81
CA LEU D 68 -36.68 -23.08 -32.68
C LEU D 68 -35.85 -21.80 -32.77
N SER D 69 -35.66 -21.16 -31.59
CA SER D 69 -34.83 -19.96 -31.65
C SER D 69 -33.90 -19.68 -30.45
N VAL D 70 -32.87 -18.85 -30.75
CA VAL D 70 -31.85 -18.47 -29.78
C VAL D 70 -31.38 -17.04 -30.10
N PHE D 71 -30.84 -16.31 -29.13
CA PHE D 71 -30.72 -14.89 -29.38
C PHE D 71 -29.27 -14.49 -29.19
N GLY D 72 -28.61 -13.92 -30.20
CA GLY D 72 -27.31 -13.24 -30.04
C GLY D 72 -26.11 -14.17 -30.28
N MET D 73 -25.71 -14.40 -31.55
CA MET D 73 -24.58 -15.23 -31.92
C MET D 73 -23.60 -14.43 -32.78
N ARG D 74 -22.39 -14.95 -33.00
CA ARG D 74 -21.38 -14.22 -33.73
C ARG D 74 -20.50 -15.22 -34.45
N ALA D 75 -20.11 -14.91 -35.70
CA ALA D 75 -19.13 -15.70 -36.42
C ALA D 75 -18.20 -14.76 -37.20
N ARG D 76 -16.94 -15.17 -37.43
CA ARG D 76 -15.97 -14.40 -38.19
C ARG D 76 -15.55 -15.30 -39.33
N TYR D 77 -15.75 -14.85 -40.57
CA TYR D 77 -15.33 -15.50 -41.81
C TYR D 77 -14.27 -14.66 -42.53
N SER D 78 -13.07 -15.26 -42.63
CA SER D 78 -12.02 -14.72 -43.47
C SER D 78 -12.45 -14.58 -44.93
N LEU D 79 -12.00 -13.48 -45.54
CA LEU D 79 -12.18 -13.28 -46.96
C LEU D 79 -10.80 -13.30 -47.61
N ARG D 80 -9.76 -13.68 -46.87
CA ARG D 80 -8.43 -13.62 -47.45
C ARG D 80 -8.17 -14.89 -48.25
N ASP D 81 -8.24 -14.81 -49.58
CA ASP D 81 -7.99 -15.93 -50.51
C ASP D 81 -9.04 -17.02 -50.33
N GLU D 82 -10.13 -16.70 -49.63
CA GLU D 82 -11.26 -17.64 -49.49
C GLU D 82 -12.58 -16.89 -49.58
N PHE D 83 -13.58 -17.51 -50.18
CA PHE D 83 -14.93 -16.93 -50.28
C PHE D 83 -15.90 -17.85 -49.55
N PRO D 84 -16.60 -17.35 -48.51
CA PRO D 84 -17.40 -18.24 -47.64
C PRO D 84 -18.73 -18.66 -48.28
N LEU D 85 -18.68 -19.39 -49.38
CA LEU D 85 -19.89 -19.98 -49.87
C LEU D 85 -20.01 -21.39 -49.28
N LEU D 86 -21.03 -21.67 -48.45
CA LEU D 86 -21.15 -22.99 -47.80
C LEU D 86 -20.97 -24.18 -48.77
N THR D 87 -20.22 -25.20 -48.31
CA THR D 87 -19.97 -26.43 -49.07
C THR D 87 -20.82 -27.65 -48.65
N THR D 88 -21.50 -27.55 -47.49
CA THR D 88 -22.25 -28.66 -46.91
C THR D 88 -23.58 -28.86 -47.64
N LYS D 89 -23.88 -27.90 -48.53
CA LYS D 89 -24.93 -27.97 -49.54
C LYS D 89 -24.51 -27.00 -50.65
N ARG D 90 -25.04 -27.19 -51.87
CA ARG D 90 -24.86 -26.27 -52.99
C ARG D 90 -25.74 -25.05 -52.77
N VAL D 91 -25.08 -23.92 -52.61
CA VAL D 91 -25.77 -22.64 -52.52
C VAL D 91 -25.92 -22.08 -53.94
N PHE D 92 -27.12 -21.59 -54.23
CA PHE D 92 -27.49 -20.93 -55.49
C PHE D 92 -26.72 -19.60 -55.73
N TRP D 93 -25.46 -19.67 -56.18
CA TRP D 93 -24.63 -18.49 -56.29
C TRP D 93 -25.26 -17.40 -57.18
N LYS D 94 -25.83 -17.81 -58.32
CA LYS D 94 -26.52 -16.85 -59.16
C LYS D 94 -27.62 -16.12 -58.38
N GLY D 95 -28.38 -16.84 -57.56
CA GLY D 95 -29.29 -16.22 -56.63
C GLY D 95 -28.65 -15.09 -55.84
N VAL D 96 -27.58 -15.40 -55.12
CA VAL D 96 -26.83 -14.45 -54.32
C VAL D 96 -26.42 -13.22 -55.12
N LEU D 97 -25.78 -13.46 -56.29
CA LEU D 97 -25.17 -12.43 -57.14
C LEU D 97 -26.25 -11.53 -57.75
N GLU D 98 -27.32 -12.16 -58.23
CA GLU D 98 -28.45 -11.44 -58.87
C GLU D 98 -29.25 -10.65 -57.82
N GLU D 99 -29.24 -11.12 -56.58
CA GLU D 99 -29.99 -10.44 -55.48
C GLU D 99 -29.22 -9.20 -55.03
N LEU D 100 -27.89 -9.28 -54.95
CA LEU D 100 -27.06 -8.16 -54.54
C LEU D 100 -27.01 -7.07 -55.61
N LEU D 101 -26.89 -7.40 -56.91
CA LEU D 101 -26.89 -6.44 -58.03
C LEU D 101 -28.23 -5.67 -58.09
N TRP D 102 -29.34 -6.35 -57.75
CA TRP D 102 -30.66 -5.79 -57.62
C TRP D 102 -30.71 -4.84 -56.41
N PHE D 103 -30.07 -5.22 -55.29
CA PHE D 103 -30.03 -4.29 -54.16
C PHE D 103 -29.37 -3.01 -54.63
N ILE D 104 -28.22 -3.17 -55.29
CA ILE D 104 -27.33 -2.05 -55.51
C ILE D 104 -28.03 -1.09 -56.49
N LYS D 105 -28.81 -1.63 -57.43
CA LYS D 105 -29.51 -0.79 -58.44
C LYS D 105 -30.61 0.03 -57.77
N GLY D 106 -30.97 -0.37 -56.53
CA GLY D 106 -31.98 0.26 -55.71
C GLY D 106 -33.40 -0.15 -56.09
N SER D 107 -33.55 -1.31 -56.76
CA SER D 107 -34.85 -1.83 -57.14
C SER D 107 -35.64 -2.31 -55.92
N THR D 108 -36.96 -2.18 -56.00
CA THR D 108 -37.82 -2.69 -54.95
C THR D 108 -38.89 -3.59 -55.55
N ASN D 109 -38.58 -4.09 -56.75
CA ASN D 109 -39.55 -4.77 -57.58
C ASN D 109 -39.14 -6.23 -57.74
N ALA D 110 -39.92 -7.13 -57.15
CA ALA D 110 -39.57 -8.54 -57.20
C ALA D 110 -39.40 -9.04 -58.64
N LYS D 111 -40.11 -8.41 -59.58
CA LYS D 111 -40.15 -8.95 -60.93
C LYS D 111 -38.84 -8.70 -61.67
N GLU D 112 -38.14 -7.58 -61.33
CA GLU D 112 -36.84 -7.21 -61.91
C GLU D 112 -35.82 -8.27 -61.50
N LEU D 113 -36.08 -8.97 -60.38
CA LEU D 113 -35.18 -10.01 -59.89
C LEU D 113 -35.62 -11.33 -60.50
N SER D 114 -36.93 -11.54 -60.46
CA SER D 114 -37.53 -12.75 -61.00
C SER D 114 -37.08 -12.97 -62.45
N SER D 115 -37.00 -11.86 -63.21
CA SER D 115 -36.73 -11.92 -64.64
C SER D 115 -35.29 -12.34 -64.93
N LYS D 116 -34.45 -12.39 -63.87
CA LYS D 116 -33.06 -12.80 -64.06
C LYS D 116 -32.88 -14.30 -63.81
N GLY D 117 -33.99 -14.98 -63.49
CA GLY D 117 -34.00 -16.40 -63.19
C GLY D 117 -33.87 -16.67 -61.69
N VAL D 118 -34.12 -15.65 -60.85
CA VAL D 118 -33.94 -15.80 -59.41
C VAL D 118 -35.25 -15.50 -58.68
N LYS D 119 -35.86 -16.55 -58.12
CA LYS D 119 -37.26 -16.45 -57.72
C LYS D 119 -37.41 -16.12 -56.24
N ILE D 120 -36.30 -15.92 -55.50
CA ILE D 120 -36.36 -15.94 -54.03
C ILE D 120 -37.26 -14.83 -53.44
N TRP D 121 -37.56 -13.76 -54.19
CA TRP D 121 -38.37 -12.68 -53.66
C TRP D 121 -39.84 -12.74 -54.08
N ASP D 122 -40.18 -13.56 -55.08
CA ASP D 122 -41.53 -13.60 -55.64
C ASP D 122 -42.62 -13.75 -54.60
N ALA D 123 -42.44 -14.69 -53.67
CA ALA D 123 -43.48 -14.97 -52.70
C ALA D 123 -43.85 -13.73 -51.85
N ASN D 124 -42.85 -12.89 -51.52
CA ASN D 124 -43.01 -11.75 -50.64
C ASN D 124 -43.58 -10.56 -51.41
N GLY D 125 -43.71 -10.70 -52.74
CA GLY D 125 -44.25 -9.68 -53.62
C GLY D 125 -45.53 -10.10 -54.36
N SER D 126 -46.00 -11.34 -54.11
CA SER D 126 -47.19 -11.87 -54.76
C SER D 126 -48.44 -11.11 -54.28
N ARG D 127 -49.51 -11.22 -55.11
CA ARG D 127 -50.78 -10.56 -54.87
C ARG D 127 -51.30 -10.88 -53.45
N ASP D 128 -51.28 -12.18 -53.10
CA ASP D 128 -51.88 -12.65 -51.85
C ASP D 128 -51.16 -12.08 -50.64
N PHE D 129 -49.83 -12.09 -50.69
CA PHE D 129 -49.04 -11.64 -49.56
C PHE D 129 -49.27 -10.13 -49.33
N LEU D 130 -49.18 -9.36 -50.45
CA LEU D 130 -49.36 -7.92 -50.37
C LEU D 130 -50.73 -7.61 -49.78
N ASP D 131 -51.76 -8.38 -50.19
CA ASP D 131 -53.11 -8.13 -49.73
C ASP D 131 -53.25 -8.43 -48.23
N SER D 132 -52.65 -9.54 -47.78
CA SER D 132 -52.70 -9.93 -46.38
C SER D 132 -52.12 -8.86 -45.43
N LEU D 133 -51.33 -7.90 -45.96
CA LEU D 133 -50.69 -6.82 -45.21
C LEU D 133 -51.45 -5.51 -45.46
N GLY D 134 -52.53 -5.61 -46.26
CA GLY D 134 -53.40 -4.49 -46.56
C GLY D 134 -52.91 -3.64 -47.73
N PHE D 135 -52.06 -4.16 -48.62
CA PHE D 135 -51.58 -3.34 -49.73
C PHE D 135 -52.35 -3.74 -50.98
N SER D 136 -53.67 -3.48 -50.99
CA SER D 136 -54.50 -3.91 -52.12
C SER D 136 -54.28 -3.07 -53.39
N THR D 137 -53.86 -1.81 -53.21
CA THR D 137 -53.89 -0.85 -54.30
C THR D 137 -52.52 -0.80 -54.99
N ARG D 138 -51.62 -1.67 -54.54
CA ARG D 138 -50.22 -1.67 -54.94
C ARG D 138 -50.05 -2.78 -55.97
N GLU D 139 -49.23 -2.54 -57.01
CA GLU D 139 -48.93 -3.50 -58.06
C GLU D 139 -48.17 -4.72 -57.48
N GLU D 140 -48.51 -5.91 -58.00
CA GLU D 140 -47.80 -7.14 -57.66
C GLU D 140 -46.30 -6.95 -57.94
N GLY D 141 -45.48 -7.34 -56.95
CA GLY D 141 -44.04 -7.31 -57.09
C GLY D 141 -43.43 -6.09 -56.39
N ASP D 142 -44.33 -5.21 -55.91
CA ASP D 142 -43.95 -3.97 -55.26
C ASP D 142 -43.66 -4.24 -53.78
N LEU D 143 -42.39 -4.29 -53.44
CA LEU D 143 -42.03 -4.82 -52.14
C LEU D 143 -42.14 -3.72 -51.09
N GLY D 144 -42.23 -2.48 -51.59
CA GLY D 144 -42.13 -1.29 -50.76
C GLY D 144 -40.69 -0.80 -50.63
N PRO D 145 -40.40 0.10 -49.67
CA PRO D 145 -39.05 0.66 -49.56
C PRO D 145 -38.12 -0.25 -48.74
N VAL D 146 -37.86 -1.46 -49.27
CA VAL D 146 -36.93 -2.42 -48.71
C VAL D 146 -35.47 -2.09 -49.04
N TYR D 147 -34.58 -3.05 -48.79
CA TYR D 147 -33.12 -2.94 -48.77
C TYR D 147 -32.57 -1.97 -49.81
N GLY D 148 -32.70 -2.28 -51.09
CA GLY D 148 -32.12 -1.42 -52.11
C GLY D 148 -32.52 0.07 -52.01
N PHE D 149 -33.83 0.31 -51.85
CA PHE D 149 -34.35 1.63 -51.53
C PHE D 149 -33.60 2.29 -50.38
N GLN D 150 -33.41 1.60 -49.24
CA GLN D 150 -32.75 2.27 -48.14
C GLN D 150 -31.25 2.52 -48.41
N TRP D 151 -30.58 1.63 -49.09
CA TRP D 151 -29.16 1.81 -49.32
C TRP D 151 -28.89 3.07 -50.13
N ARG D 152 -29.68 3.29 -51.19
CA ARG D 152 -29.32 4.39 -52.14
C ARG D 152 -30.27 5.59 -52.07
N HIS D 153 -31.37 5.51 -51.32
CA HIS D 153 -32.30 6.64 -51.26
C HIS D 153 -32.85 6.85 -49.85
N PHE D 154 -32.06 6.59 -48.78
CA PHE D 154 -32.61 6.64 -47.44
C PHE D 154 -33.27 7.99 -47.20
N GLY D 155 -34.53 7.93 -46.77
CA GLY D 155 -35.28 9.10 -46.35
C GLY D 155 -36.15 9.77 -47.43
N ALA D 156 -35.89 9.54 -48.71
CA ALA D 156 -36.83 9.87 -49.77
C ALA D 156 -38.20 9.23 -49.56
N GLU D 157 -39.24 9.88 -50.09
CA GLU D 157 -40.65 9.53 -49.96
C GLU D 157 -40.98 8.48 -51.01
N TYR D 158 -41.34 7.28 -50.53
CA TYR D 158 -41.49 6.16 -51.43
C TYR D 158 -42.79 6.31 -52.23
N ARG D 159 -42.71 6.25 -53.54
CA ARG D 159 -43.95 6.39 -54.28
C ARG D 159 -44.44 4.98 -54.59
N ASP D 160 -43.97 4.40 -55.69
CA ASP D 160 -44.26 3.02 -56.07
C ASP D 160 -42.94 2.45 -56.61
N MET D 161 -42.90 1.16 -57.01
CA MET D 161 -41.63 0.55 -57.40
C MET D 161 -41.13 1.10 -58.75
N GLU D 162 -41.96 1.93 -59.39
CA GLU D 162 -41.75 2.32 -60.77
C GLU D 162 -41.09 3.70 -60.80
N SER D 163 -41.26 4.49 -59.71
CA SER D 163 -40.81 5.88 -59.64
C SER D 163 -39.34 5.99 -59.98
N ASP D 164 -38.93 7.13 -60.50
CA ASP D 164 -37.53 7.47 -60.64
C ASP D 164 -37.13 7.97 -59.25
N TYR D 165 -36.11 7.35 -58.65
CA TYR D 165 -35.54 7.93 -57.43
C TYR D 165 -34.10 8.45 -57.65
N SER D 166 -33.67 8.58 -58.93
CA SER D 166 -32.44 9.26 -59.34
C SER D 166 -32.25 10.53 -58.48
N GLY D 167 -31.23 10.48 -57.63
CA GLY D 167 -30.73 11.60 -56.85
C GLY D 167 -31.58 12.00 -55.66
N GLN D 168 -32.49 11.16 -55.18
CA GLN D 168 -33.20 11.51 -53.95
C GLN D 168 -32.67 10.69 -52.78
N GLY D 169 -32.84 11.22 -51.54
CA GLY D 169 -32.50 10.57 -50.27
C GLY D 169 -31.00 10.55 -49.95
N VAL D 170 -30.59 9.73 -48.97
CA VAL D 170 -29.16 9.54 -48.70
C VAL D 170 -28.65 8.28 -49.42
N ASP D 171 -27.60 8.47 -50.20
CA ASP D 171 -27.04 7.33 -50.91
C ASP D 171 -25.98 6.68 -50.02
N GLN D 172 -26.37 5.67 -49.25
CA GLN D 172 -25.50 5.27 -48.16
C GLN D 172 -24.29 4.51 -48.71
N LEU D 173 -24.58 3.76 -49.78
CA LEU D 173 -23.61 2.86 -50.38
C LEU D 173 -22.44 3.69 -50.93
N GLN D 174 -22.80 4.78 -51.66
CA GLN D 174 -21.86 5.70 -52.26
C GLN D 174 -21.05 6.46 -51.20
N ARG D 175 -21.73 6.82 -50.10
CA ARG D 175 -21.11 7.41 -48.93
C ARG D 175 -20.10 6.46 -48.31
N VAL D 176 -20.47 5.20 -48.03
CA VAL D 176 -19.50 4.17 -47.63
C VAL D 176 -18.28 4.20 -48.54
N ILE D 177 -18.53 4.17 -49.83
CA ILE D 177 -17.37 4.00 -50.65
C ILE D 177 -16.46 5.22 -50.46
N ASP D 178 -17.04 6.41 -50.50
CA ASP D 178 -16.22 7.60 -50.60
C ASP D 178 -15.44 7.90 -49.33
N THR D 179 -16.02 7.54 -48.18
CA THR D 179 -15.34 7.72 -46.90
C THR D 179 -14.19 6.72 -46.77
N ILE D 180 -14.39 5.51 -47.30
CA ILE D 180 -13.33 4.51 -47.37
C ILE D 180 -12.20 5.09 -48.23
N LYS D 181 -12.55 5.65 -49.41
CA LYS D 181 -11.53 6.21 -50.29
C LYS D 181 -10.72 7.31 -49.61
N THR D 182 -11.36 8.16 -48.79
CA THR D 182 -10.78 9.44 -48.38
C THR D 182 -10.49 9.50 -46.87
N ASN D 183 -11.31 8.84 -46.05
CA ASN D 183 -11.05 8.91 -44.58
C ASN D 183 -11.22 7.52 -43.94
N PRO D 184 -10.31 6.55 -44.19
CA PRO D 184 -10.50 5.20 -43.62
C PRO D 184 -10.47 5.16 -42.09
N ASP D 185 -10.18 6.30 -41.49
CA ASP D 185 -10.03 6.24 -40.07
C ASP D 185 -11.38 6.49 -39.45
N ASP D 186 -12.33 6.91 -40.32
CA ASP D 186 -13.67 7.31 -39.88
C ASP D 186 -14.35 6.11 -39.22
N ARG D 187 -14.79 6.29 -37.98
CA ARG D 187 -15.49 5.22 -37.22
C ARG D 187 -16.99 5.48 -37.33
N ARG D 188 -17.47 5.71 -38.55
CA ARG D 188 -18.92 5.95 -38.82
C ARG D 188 -19.19 5.52 -40.25
N ILE D 189 -18.61 4.39 -40.66
CA ILE D 189 -18.78 3.93 -42.05
C ILE D 189 -19.90 2.88 -42.10
N ILE D 190 -21.17 3.34 -42.27
CA ILE D 190 -22.33 2.56 -41.87
C ILE D 190 -23.41 2.57 -42.95
N MET D 191 -23.97 1.43 -43.28
CA MET D 191 -25.09 1.38 -44.21
C MET D 191 -26.18 0.71 -43.39
N CYS D 192 -27.28 1.44 -43.21
CA CYS D 192 -28.39 1.01 -42.37
C CYS D 192 -29.72 1.03 -43.14
N ALA D 193 -30.38 -0.13 -43.19
CA ALA D 193 -31.59 -0.38 -43.93
C ALA D 193 -32.79 -0.21 -43.01
N TRP D 194 -32.60 -0.29 -41.69
CA TRP D 194 -33.68 -0.18 -40.71
C TRP D 194 -34.24 1.24 -40.72
N ASN D 195 -35.44 1.40 -41.25
CA ASN D 195 -36.05 2.71 -41.31
C ASN D 195 -37.41 2.73 -40.61
N PRO D 196 -37.47 3.12 -39.32
CA PRO D 196 -38.74 3.15 -38.60
C PRO D 196 -39.88 3.89 -39.32
N ARG D 197 -39.57 4.98 -40.02
CA ARG D 197 -40.63 5.74 -40.68
C ARG D 197 -41.25 4.88 -41.81
N ASP D 198 -40.42 4.06 -42.50
CA ASP D 198 -40.82 3.30 -43.69
C ASP D 198 -41.32 1.87 -43.41
N LEU D 199 -41.16 1.36 -42.18
CA LEU D 199 -41.48 -0.02 -41.87
C LEU D 199 -42.91 -0.34 -42.28
N PRO D 200 -43.89 0.53 -42.00
CA PRO D 200 -45.28 0.16 -42.28
C PRO D 200 -45.55 -0.08 -43.78
N LEU D 201 -44.61 0.31 -44.65
CA LEU D 201 -44.80 0.21 -46.09
C LEU D 201 -44.06 -1.00 -46.66
N MET D 202 -43.25 -1.69 -45.83
CA MET D 202 -42.39 -2.76 -46.31
C MET D 202 -43.12 -4.12 -46.37
N ALA D 203 -42.94 -4.90 -47.45
CA ALA D 203 -43.41 -6.28 -47.52
C ALA D 203 -42.88 -7.06 -46.32
N LEU D 204 -41.64 -6.74 -45.98
CA LEU D 204 -40.93 -7.42 -44.91
C LEU D 204 -39.86 -6.44 -44.40
N PRO D 205 -39.75 -6.16 -43.09
CA PRO D 205 -38.70 -5.27 -42.63
C PRO D 205 -37.36 -5.98 -42.72
N PRO D 206 -36.27 -5.18 -42.80
CA PRO D 206 -34.95 -5.71 -43.14
C PRO D 206 -34.44 -6.73 -42.12
N HIS D 208 -31.29 -8.25 -42.52
CA HIS D 208 -29.97 -7.68 -42.32
C HIS D 208 -30.12 -6.18 -42.16
N ALA D 209 -30.00 -5.74 -40.91
CA ALA D 209 -30.45 -4.44 -40.54
C ALA D 209 -29.36 -3.42 -40.80
N LEU D 210 -28.16 -3.61 -40.24
CA LEU D 210 -27.16 -2.54 -40.44
C LEU D 210 -25.77 -3.14 -40.60
N CYS D 211 -24.89 -2.43 -41.32
CA CYS D 211 -23.55 -2.93 -41.51
C CYS D 211 -22.51 -1.83 -41.39
N GLN D 212 -21.30 -2.19 -41.07
CA GLN D 212 -20.32 -1.17 -40.74
C GLN D 212 -19.05 -1.66 -41.42
N PHE D 213 -18.30 -0.75 -42.07
CA PHE D 213 -17.02 -1.18 -42.62
C PHE D 213 -15.92 -0.63 -41.73
N TYR D 214 -14.72 -1.24 -41.88
CA TYR D 214 -13.54 -0.94 -41.09
C TYR D 214 -12.30 -1.30 -41.88
N VAL D 215 -11.27 -0.47 -41.71
CA VAL D 215 -10.11 -0.52 -42.57
C VAL D 215 -8.89 -0.55 -41.63
N VAL D 216 -8.07 -1.59 -41.83
CA VAL D 216 -6.83 -1.83 -41.12
C VAL D 216 -5.97 -2.64 -42.07
N ASN D 217 -4.70 -2.20 -42.19
CA ASN D 217 -3.63 -2.88 -42.92
C ASN D 217 -4.00 -3.05 -44.40
N SER D 218 -4.46 -1.97 -45.03
CA SER D 218 -5.02 -2.04 -46.37
C SER D 218 -6.03 -3.21 -46.54
N GLU D 219 -6.81 -3.51 -45.49
CA GLU D 219 -7.80 -4.58 -45.58
C GLU D 219 -9.15 -4.05 -45.15
N LEU D 220 -10.17 -4.56 -45.84
CA LEU D 220 -11.53 -4.10 -45.64
C LEU D 220 -12.28 -5.19 -44.92
N SER D 221 -12.80 -4.95 -43.71
CA SER D 221 -13.75 -5.79 -42.97
C SER D 221 -15.11 -5.13 -42.82
N CYS D 222 -16.09 -5.95 -42.45
CA CYS D 222 -17.51 -5.60 -42.47
C CYS D 222 -18.22 -6.38 -41.38
N GLN D 223 -18.86 -5.69 -40.45
CA GLN D 223 -19.63 -6.39 -39.46
C GLN D 223 -21.09 -6.24 -39.93
N LEU D 224 -21.93 -7.31 -39.82
CA LEU D 224 -23.34 -7.20 -40.14
C LEU D 224 -24.15 -7.44 -38.89
N TYR D 225 -25.10 -6.53 -38.61
CA TYR D 225 -26.10 -6.78 -37.58
C TYR D 225 -27.39 -7.30 -38.23
N GLN D 226 -27.58 -8.64 -38.11
CA GLN D 226 -28.72 -9.35 -38.68
C GLN D 226 -29.69 -9.55 -37.54
N ARG D 227 -30.70 -8.66 -37.46
CA ARG D 227 -31.78 -8.74 -36.46
C ARG D 227 -32.56 -10.07 -36.57
N SER D 228 -32.65 -10.65 -37.78
CA SER D 228 -33.42 -11.85 -37.99
C SER D 228 -32.75 -12.79 -39.02
N GLY D 229 -32.37 -13.99 -38.54
CA GLY D 229 -31.74 -14.98 -39.39
C GLY D 229 -32.58 -16.26 -39.50
N ASP D 230 -33.03 -16.50 -40.74
CA ASP D 230 -33.66 -17.73 -41.13
C ASP D 230 -32.50 -18.63 -41.40
N MET D 231 -32.17 -19.49 -40.46
CA MET D 231 -30.85 -20.16 -40.44
C MET D 231 -30.68 -21.17 -41.61
N GLY D 232 -31.74 -21.86 -42.06
CA GLY D 232 -31.63 -22.86 -43.11
C GLY D 232 -31.59 -22.30 -44.53
N LEU D 233 -32.33 -21.19 -44.77
CA LEU D 233 -32.41 -20.70 -46.13
C LEU D 233 -31.66 -19.41 -46.29
N GLY D 234 -32.00 -18.39 -45.52
CA GLY D 234 -31.52 -17.05 -45.83
C GLY D 234 -30.06 -16.86 -45.39
N VAL D 235 -29.76 -17.43 -44.22
CA VAL D 235 -28.48 -17.12 -43.62
C VAL D 235 -27.33 -17.57 -44.53
N PRO D 236 -27.33 -18.76 -45.15
CA PRO D 236 -26.31 -19.05 -46.19
C PRO D 236 -26.18 -18.00 -47.30
N PHE D 237 -27.31 -17.42 -47.72
CA PHE D 237 -27.30 -16.38 -48.74
C PHE D 237 -26.66 -15.10 -48.19
N ASN D 238 -26.99 -14.75 -46.93
CA ASN D 238 -26.66 -13.47 -46.34
C ASN D 238 -25.14 -13.42 -46.23
N ILE D 239 -24.53 -14.56 -45.87
CA ILE D 239 -23.10 -14.53 -45.59
C ILE D 239 -22.36 -14.30 -46.90
N ALA D 240 -22.76 -15.10 -47.90
CA ALA D 240 -22.23 -15.00 -49.25
C ALA D 240 -22.38 -13.58 -49.78
N SER D 241 -23.51 -12.96 -49.43
CA SER D 241 -23.93 -11.65 -49.94
C SER D 241 -23.07 -10.50 -49.38
N TYR D 242 -22.90 -10.41 -48.04
CA TYR D 242 -22.07 -9.42 -47.36
C TYR D 242 -20.58 -9.55 -47.75
N ALA D 243 -20.16 -10.83 -47.91
CA ALA D 243 -18.80 -11.14 -48.35
C ALA D 243 -18.62 -10.64 -49.80
N LEU D 244 -19.66 -10.83 -50.65
CA LEU D 244 -19.67 -10.34 -52.03
C LEU D 244 -19.49 -8.81 -52.00
N LEU D 245 -20.33 -8.16 -51.20
CA LEU D 245 -20.44 -6.74 -51.22
C LEU D 245 -19.08 -6.20 -50.85
N THR D 246 -18.44 -6.82 -49.82
CA THR D 246 -17.11 -6.47 -49.33
C THR D 246 -16.02 -6.66 -50.38
N TYR D 247 -16.06 -7.78 -51.12
CA TYR D 247 -15.17 -7.90 -52.26
C TYR D 247 -15.38 -6.75 -53.26
N MET D 248 -16.62 -6.44 -53.67
CA MET D 248 -16.73 -5.32 -54.57
C MET D 248 -16.21 -4.00 -53.99
N ILE D 249 -16.61 -3.60 -52.79
CA ILE D 249 -16.10 -2.35 -52.23
C ILE D 249 -14.56 -2.39 -52.04
N ALA D 250 -13.99 -3.55 -51.63
CA ALA D 250 -12.55 -3.61 -51.48
C ALA D 250 -11.95 -3.29 -52.82
N HIS D 251 -12.47 -3.98 -53.83
CA HIS D 251 -12.03 -3.86 -55.21
C HIS D 251 -12.10 -2.43 -55.74
N ILE D 252 -13.14 -1.67 -55.41
CA ILE D 252 -13.07 -0.33 -55.95
C ILE D 252 -12.29 0.62 -55.02
N THR D 253 -11.83 0.17 -53.86
CA THR D 253 -11.16 1.14 -52.99
C THR D 253 -9.63 0.93 -52.87
N GLY D 254 -9.12 -0.03 -53.64
CA GLY D 254 -7.71 -0.37 -53.62
C GLY D 254 -7.37 -1.16 -52.37
N LEU D 255 -8.36 -1.85 -51.78
CA LEU D 255 -8.08 -2.63 -50.59
C LEU D 255 -8.24 -4.10 -50.90
N LYS D 256 -7.81 -4.94 -49.95
CA LYS D 256 -7.93 -6.42 -50.07
C LYS D 256 -8.94 -6.86 -49.00
N PRO D 257 -9.92 -7.72 -49.32
CA PRO D 257 -10.88 -8.16 -48.31
C PRO D 257 -10.16 -8.78 -47.08
N GLY D 258 -10.57 -8.38 -45.87
CA GLY D 258 -10.15 -8.94 -44.58
C GLY D 258 -11.14 -9.95 -44.01
N ASP D 259 -12.07 -9.51 -43.14
CA ASP D 259 -13.00 -10.38 -42.43
C ASP D 259 -14.45 -9.95 -42.70
N PHE D 260 -15.37 -10.92 -42.70
CA PHE D 260 -16.81 -10.67 -42.60
C PHE D 260 -17.24 -11.15 -41.23
N ILE D 261 -17.66 -10.23 -40.33
CA ILE D 261 -18.17 -10.62 -39.02
C ILE D 261 -19.70 -10.63 -39.06
N HIS D 262 -20.32 -11.73 -38.62
CA HIS D 262 -21.76 -11.96 -38.66
C HIS D 262 -22.37 -11.91 -37.25
N THR D 263 -23.14 -10.83 -36.94
CA THR D 263 -23.79 -10.73 -35.62
C THR D 263 -25.26 -11.03 -35.80
N LEU D 264 -25.80 -12.01 -35.07
CA LEU D 264 -27.20 -12.40 -35.18
C LEU D 264 -27.98 -11.90 -33.96
N GLY D 265 -29.12 -11.29 -34.22
CA GLY D 265 -30.04 -11.03 -33.14
C GLY D 265 -30.89 -12.27 -32.98
N ASP D 266 -32.14 -12.14 -33.41
CA ASP D 266 -32.99 -13.28 -33.39
C ASP D 266 -32.64 -14.27 -34.52
N ALA D 267 -32.14 -15.49 -34.11
CA ALA D 267 -31.72 -16.63 -34.94
C ALA D 267 -32.61 -17.87 -34.74
N HIS D 268 -33.12 -18.36 -35.87
CA HIS D 268 -34.25 -19.24 -35.73
C HIS D 268 -34.14 -20.24 -36.90
N ILE D 269 -34.39 -21.52 -36.56
CA ILE D 269 -34.67 -22.60 -37.50
C ILE D 269 -36.19 -22.84 -37.62
N TYR D 270 -36.74 -22.78 -38.83
CA TYR D 270 -38.12 -23.19 -39.10
C TYR D 270 -38.26 -24.71 -38.91
N LEU D 271 -39.43 -25.17 -38.42
CA LEU D 271 -39.50 -26.55 -37.97
C LEU D 271 -39.26 -27.46 -39.16
N ASN D 272 -39.92 -27.18 -40.28
CA ASN D 272 -39.84 -28.03 -41.44
C ASN D 272 -38.45 -27.98 -42.10
N HIS D 273 -37.44 -27.21 -41.53
CA HIS D 273 -36.02 -27.22 -41.89
C HIS D 273 -35.22 -28.31 -41.17
N ILE D 274 -35.81 -28.85 -40.10
CA ILE D 274 -35.09 -29.66 -39.14
C ILE D 274 -34.55 -30.92 -39.81
N GLU D 275 -35.36 -31.65 -40.56
CA GLU D 275 -34.96 -32.92 -41.22
C GLU D 275 -33.91 -32.64 -42.30
N PRO D 276 -34.10 -31.66 -43.19
CA PRO D 276 -33.10 -31.25 -44.17
C PRO D 276 -31.83 -30.86 -43.45
N LEU D 277 -31.91 -30.15 -42.32
CA LEU D 277 -30.63 -29.73 -41.73
C LEU D 277 -29.92 -30.93 -41.18
N LYS D 278 -30.65 -31.93 -40.72
CA LYS D 278 -30.02 -33.14 -40.21
C LYS D 278 -29.17 -33.86 -41.28
N ILE D 279 -29.60 -33.81 -42.54
CA ILE D 279 -28.73 -34.36 -43.57
C ILE D 279 -27.42 -33.56 -43.58
N GLN D 280 -27.57 -32.23 -43.67
CA GLN D 280 -26.47 -31.30 -43.84
C GLN D 280 -25.42 -31.44 -42.73
N LEU D 281 -25.83 -31.51 -41.43
CA LEU D 281 -24.96 -31.59 -40.29
C LEU D 281 -24.21 -32.91 -40.33
N GLN D 282 -24.58 -33.87 -41.22
CA GLN D 282 -23.86 -35.13 -41.42
C GLN D 282 -22.58 -34.99 -42.23
N ARG D 283 -22.34 -33.87 -42.88
CA ARG D 283 -21.34 -33.84 -43.93
C ARG D 283 -20.15 -33.03 -43.44
N GLU D 284 -18.96 -33.24 -44.05
CA GLU D 284 -17.71 -32.55 -43.69
C GLU D 284 -17.50 -31.37 -44.64
N PRO D 285 -17.32 -30.14 -44.14
CA PRO D 285 -17.14 -28.99 -45.00
C PRO D 285 -15.94 -29.28 -45.91
N ARG D 286 -15.96 -28.83 -47.15
CA ARG D 286 -14.72 -28.89 -47.91
C ARG D 286 -14.15 -27.48 -47.96
N PRO D 287 -12.90 -27.27 -48.37
CA PRO D 287 -12.34 -25.92 -48.35
C PRO D 287 -13.22 -24.99 -49.18
N PHE D 288 -13.29 -23.71 -48.75
CA PHE D 288 -14.10 -22.69 -49.39
C PHE D 288 -13.64 -22.41 -50.81
N PRO D 289 -14.53 -21.97 -51.72
CA PRO D 289 -14.09 -21.56 -53.06
C PRO D 289 -13.32 -20.24 -52.97
N LYS D 290 -12.80 -19.78 -54.12
CA LYS D 290 -12.24 -18.45 -54.28
C LYS D 290 -13.18 -17.65 -55.16
N LEU D 291 -13.18 -16.31 -55.00
CA LEU D 291 -13.96 -15.45 -55.88
C LEU D 291 -12.95 -14.66 -56.70
N ARG D 292 -13.14 -14.65 -58.02
CA ARG D 292 -12.28 -13.86 -58.88
C ARG D 292 -13.12 -12.73 -59.48
N ILE D 293 -12.64 -11.47 -59.46
CA ILE D 293 -13.25 -10.40 -60.26
C ILE D 293 -12.49 -10.27 -61.59
N LEU D 294 -13.23 -10.19 -62.70
CA LEU D 294 -12.67 -10.53 -63.99
C LEU D 294 -12.13 -9.29 -64.68
N ARG D 295 -12.54 -8.09 -64.27
CA ARG D 295 -12.06 -6.89 -64.92
C ARG D 295 -11.94 -5.78 -63.88
N LYS D 296 -11.11 -4.77 -64.18
CA LYS D 296 -10.94 -3.57 -63.36
C LYS D 296 -12.22 -2.73 -63.45
N VAL D 297 -12.98 -2.69 -62.35
CA VAL D 297 -14.21 -1.91 -62.30
C VAL D 297 -13.94 -0.63 -61.47
N GLU D 298 -14.58 0.52 -61.81
CA GLU D 298 -14.21 1.74 -61.13
C GLU D 298 -15.36 2.17 -60.23
N LYS D 299 -16.61 1.83 -60.62
CA LYS D 299 -17.83 2.33 -59.99
C LYS D 299 -18.68 1.15 -59.51
N ILE D 300 -19.50 1.38 -58.46
CA ILE D 300 -20.26 0.31 -57.81
C ILE D 300 -21.32 -0.18 -58.81
N ASP D 301 -21.91 0.80 -59.51
CA ASP D 301 -23.06 0.52 -60.35
C ASP D 301 -22.54 -0.15 -61.59
N ASP D 302 -21.23 -0.17 -61.80
CA ASP D 302 -20.71 -0.72 -63.04
C ASP D 302 -20.62 -2.25 -63.05
N PHE D 303 -20.82 -2.89 -61.88
CA PHE D 303 -20.63 -4.33 -61.83
C PHE D 303 -21.81 -5.02 -62.49
N LYS D 304 -21.50 -6.01 -63.33
CA LYS D 304 -22.47 -6.90 -63.94
C LYS D 304 -22.09 -8.34 -63.51
N ALA D 305 -23.03 -9.27 -63.65
CA ALA D 305 -22.86 -10.67 -63.27
C ALA D 305 -21.61 -11.29 -63.90
N GLU D 306 -21.33 -10.97 -65.18
CA GLU D 306 -20.24 -11.50 -66.00
C GLU D 306 -18.88 -11.24 -65.36
N ASP D 307 -18.82 -10.29 -64.42
CA ASP D 307 -17.56 -9.84 -63.83
C ASP D 307 -17.05 -10.78 -62.74
N PHE D 308 -17.87 -11.72 -62.26
CA PHE D 308 -17.48 -12.58 -61.14
C PHE D 308 -17.28 -14.02 -61.59
N GLN D 309 -16.25 -14.68 -61.02
CA GLN D 309 -16.14 -16.12 -61.21
C GLN D 309 -15.76 -16.77 -59.90
N ILE D 310 -16.58 -17.76 -59.49
CA ILE D 310 -16.36 -18.57 -58.31
C ILE D 310 -15.50 -19.74 -58.76
N GLU D 311 -14.39 -19.99 -58.07
CA GLU D 311 -13.43 -20.93 -58.61
C GLU D 311 -13.13 -21.99 -57.56
N GLY D 312 -13.23 -23.25 -57.99
CA GLY D 312 -12.96 -24.38 -57.13
C GLY D 312 -14.07 -24.59 -56.11
N TYR D 313 -15.32 -24.36 -56.56
CA TYR D 313 -16.45 -24.57 -55.67
C TYR D 313 -16.87 -26.05 -55.69
N ASN D 314 -16.96 -26.67 -54.50
CA ASN D 314 -17.01 -28.10 -54.50
C ASN D 314 -18.06 -28.63 -53.56
N PRO D 315 -19.32 -28.21 -53.67
CA PRO D 315 -20.26 -28.49 -52.58
C PRO D 315 -20.77 -29.93 -52.62
N HIS D 316 -21.21 -30.44 -51.47
CA HIS D 316 -22.08 -31.61 -51.43
C HIS D 316 -23.41 -31.23 -52.09
N PRO D 317 -24.30 -32.20 -52.40
CA PRO D 317 -25.55 -31.84 -53.07
C PRO D 317 -26.55 -30.87 -52.39
N THR D 318 -27.28 -30.13 -53.22
CA THR D 318 -28.35 -29.25 -52.86
C THR D 318 -29.21 -30.06 -51.95
N ILE D 319 -29.67 -29.43 -50.90
CA ILE D 319 -30.64 -30.01 -49.96
C ILE D 319 -31.84 -29.07 -50.10
N LYS D 320 -32.99 -29.56 -50.48
CA LYS D 320 -34.07 -28.60 -50.70
C LYS D 320 -34.76 -28.31 -49.36
N MET D 321 -35.22 -27.06 -49.20
CA MET D 321 -35.91 -26.63 -47.94
C MET D 321 -37.05 -25.67 -48.30
N GLU D 322 -38.27 -25.98 -47.82
CA GLU D 322 -39.46 -25.13 -48.09
C GLU D 322 -39.26 -23.75 -47.46
N MET D 323 -39.69 -22.70 -48.15
CA MET D 323 -39.56 -21.30 -47.64
C MET D 323 -40.78 -20.95 -46.78
N ALA D 324 -40.59 -20.11 -45.76
CA ALA D 324 -41.68 -19.71 -44.87
C ALA D 324 -42.22 -18.33 -45.33
N VAL D 325 -43.39 -18.31 -45.97
CA VAL D 325 -43.86 -17.07 -46.58
C VAL D 325 -44.62 -16.26 -45.52
N PRO E 38 6.91 -22.36 -6.91
CA PRO E 38 7.72 -22.97 -8.00
C PRO E 38 8.83 -23.90 -7.45
N PRO E 39 9.36 -24.89 -8.24
CA PRO E 39 10.41 -25.78 -7.75
C PRO E 39 11.75 -25.04 -7.73
N HIS E 40 12.68 -25.58 -6.94
CA HIS E 40 14.00 -24.99 -6.80
C HIS E 40 14.78 -25.07 -8.12
N GLY E 41 15.35 -23.92 -8.54
CA GLY E 41 16.07 -23.82 -9.80
C GLY E 41 17.23 -24.81 -9.88
N GLU E 42 17.83 -25.12 -8.73
CA GLU E 42 18.98 -26.00 -8.70
C GLU E 42 18.66 -27.39 -9.27
N LEU E 43 17.39 -27.83 -9.18
CA LEU E 43 16.96 -29.13 -9.69
C LEU E 43 17.14 -29.17 -11.21
N GLN E 44 17.13 -28.01 -11.88
CA GLN E 44 17.43 -28.08 -13.31
C GLN E 44 18.88 -28.56 -13.51
N TYR E 45 19.83 -28.00 -12.73
CA TYR E 45 21.25 -28.36 -12.85
C TYR E 45 21.44 -29.85 -12.53
N LEU E 46 20.94 -30.29 -11.35
CA LEU E 46 21.11 -31.68 -10.94
C LEU E 46 20.45 -32.60 -11.96
N GLY E 47 19.28 -32.19 -12.53
CA GLY E 47 18.59 -32.95 -13.55
C GLY E 47 19.49 -33.16 -14.77
N GLN E 48 20.24 -32.12 -15.14
CA GLN E 48 21.10 -32.17 -16.32
C GLN E 48 22.27 -33.15 -16.11
N ILE E 49 22.81 -33.17 -14.85
CA ILE E 49 23.86 -34.10 -14.45
C ILE E 49 23.33 -35.53 -14.58
N GLN E 50 22.15 -35.77 -13.95
CA GLN E 50 21.47 -37.07 -13.94
C GLN E 50 21.28 -37.53 -15.39
N HIS E 51 20.80 -36.63 -16.21
CA HIS E 51 20.58 -37.00 -17.61
C HIS E 51 21.91 -37.35 -18.29
N ILE E 52 23.00 -36.72 -17.90
CA ILE E 52 24.21 -36.98 -18.66
C ILE E 52 24.76 -38.33 -18.21
N LEU E 53 24.71 -38.53 -16.88
CA LEU E 53 25.07 -39.82 -16.28
C LEU E 53 24.29 -40.96 -16.95
N ARG E 54 23.01 -40.74 -17.25
CA ARG E 54 22.15 -41.83 -17.79
C ARG E 54 22.27 -42.01 -19.32
N GLY E 56 24.62 -39.88 -21.40
CA GLY E 56 25.83 -39.33 -22.02
C GLY E 56 26.50 -40.37 -22.93
N VAL E 57 27.01 -39.99 -24.10
CA VAL E 57 27.93 -40.90 -24.78
C VAL E 57 29.38 -40.79 -24.28
N ARG E 58 30.12 -41.90 -24.40
CA ARG E 58 31.52 -41.94 -23.90
C ARG E 58 32.54 -41.57 -24.99
N LYS E 59 32.99 -40.31 -24.99
CA LYS E 59 34.06 -39.85 -25.91
C LYS E 59 35.45 -39.60 -25.24
N ASP E 60 36.47 -39.67 -26.09
CA ASP E 60 37.74 -39.05 -25.78
C ASP E 60 37.73 -37.58 -26.14
N ASP E 61 38.60 -36.81 -25.51
CA ASP E 61 38.56 -35.37 -25.61
C ASP E 61 40.02 -34.92 -25.69
N ARG E 62 40.22 -33.65 -26.09
CA ARG E 62 41.54 -33.03 -26.18
C ARG E 62 42.41 -33.20 -24.92
N THR E 63 41.84 -33.30 -23.71
CA THR E 63 42.60 -33.25 -22.48
C THR E 63 43.13 -34.63 -22.07
N GLY E 64 42.72 -35.71 -22.76
CA GLY E 64 43.07 -37.04 -22.33
C GLY E 64 42.27 -37.56 -21.12
N THR E 65 41.21 -36.86 -20.71
CA THR E 65 40.48 -37.32 -19.53
C THR E 65 39.39 -38.34 -19.87
N GLY E 66 38.64 -38.07 -20.97
CA GLY E 66 37.44 -38.82 -21.32
C GLY E 66 36.16 -38.22 -20.73
N THR E 67 35.11 -38.13 -21.55
CA THR E 67 33.87 -37.50 -21.07
C THR E 67 32.68 -38.43 -21.35
N LEU E 68 31.55 -38.10 -20.68
CA LEU E 68 30.21 -38.54 -21.03
C LEU E 68 29.58 -37.28 -21.64
N SER E 69 28.91 -37.36 -22.79
CA SER E 69 28.31 -36.11 -23.17
C SER E 69 27.01 -36.21 -23.98
N VAL E 70 26.42 -35.03 -24.12
CA VAL E 70 25.10 -34.92 -24.69
C VAL E 70 25.05 -33.51 -25.28
N PHE E 71 24.12 -33.30 -26.22
CA PHE E 71 24.14 -31.99 -26.91
C PHE E 71 22.79 -31.28 -27.01
N GLY E 72 22.74 -30.12 -26.37
CA GLY E 72 21.65 -29.15 -26.46
C GLY E 72 20.74 -29.30 -25.26
N MET E 73 20.77 -28.37 -24.32
CA MET E 73 19.99 -28.39 -23.09
C MET E 73 19.71 -26.93 -22.68
N ARG E 74 18.73 -26.75 -21.79
CA ARG E 74 18.30 -25.41 -21.47
C ARG E 74 17.88 -25.38 -20.03
N ALA E 75 18.02 -24.25 -19.37
CA ALA E 75 17.50 -24.11 -18.02
C ALA E 75 17.19 -22.63 -17.84
N ARG E 76 16.30 -22.31 -16.89
CA ARG E 76 15.91 -20.91 -16.62
C ARG E 76 16.03 -20.65 -15.12
N TYR E 77 16.99 -19.80 -14.70
CA TYR E 77 17.20 -19.52 -13.30
C TYR E 77 16.60 -18.13 -13.03
N SER E 78 15.61 -18.05 -12.13
CA SER E 78 15.04 -16.77 -11.78
C SER E 78 16.12 -15.93 -11.09
N LEU E 79 16.16 -14.60 -11.35
CA LEU E 79 17.05 -13.70 -10.63
C LEU E 79 16.27 -12.72 -9.75
N ARG E 80 14.96 -12.99 -9.53
CA ARG E 80 14.07 -12.06 -8.85
C ARG E 80 14.12 -12.35 -7.35
N ASP E 81 14.83 -11.49 -6.62
CA ASP E 81 15.00 -11.65 -5.21
C ASP E 81 15.72 -12.95 -4.87
N GLU E 82 16.49 -13.52 -5.79
CA GLU E 82 17.31 -14.67 -5.48
C GLU E 82 18.47 -14.69 -6.46
N PHE E 83 19.55 -15.34 -6.09
CA PHE E 83 20.70 -15.44 -6.96
C PHE E 83 21.12 -16.91 -7.05
N PRO E 84 21.31 -17.50 -8.26
CA PRO E 84 21.60 -18.93 -8.40
C PRO E 84 23.05 -19.37 -8.12
N LEU E 85 23.49 -19.24 -6.86
CA LEU E 85 24.72 -19.90 -6.48
C LEU E 85 24.38 -21.29 -5.89
N LEU E 86 24.81 -22.38 -6.56
CA LEU E 86 24.50 -23.78 -6.18
C LEU E 86 24.76 -24.05 -4.69
N THR E 87 23.87 -24.83 -4.08
CA THR E 87 23.96 -25.06 -2.66
C THR E 87 24.36 -26.53 -2.37
N THR E 88 24.33 -27.39 -3.40
CA THR E 88 24.53 -28.80 -3.17
C THR E 88 26.03 -29.06 -3.11
N LYS E 89 26.80 -27.98 -3.34
CA LYS E 89 28.20 -27.93 -2.93
C LYS E 89 28.57 -26.47 -2.76
N ARG E 90 29.59 -26.21 -1.94
CA ARG E 90 30.05 -24.85 -1.74
C ARG E 90 30.72 -24.39 -3.02
N VAL E 91 30.19 -23.32 -3.60
CA VAL E 91 30.81 -22.81 -4.80
C VAL E 91 31.73 -21.67 -4.40
N PHE E 92 32.91 -21.60 -5.04
CA PHE E 92 33.95 -20.63 -4.67
C PHE E 92 33.59 -19.25 -5.20
N TRP E 93 32.80 -18.56 -4.37
CA TRP E 93 32.10 -17.37 -4.84
C TRP E 93 33.06 -16.25 -5.20
N LYS E 94 33.97 -15.92 -4.27
CA LYS E 94 35.04 -14.97 -4.51
C LYS E 94 35.77 -15.31 -5.84
N GLY E 95 35.91 -16.63 -6.09
CA GLY E 95 36.34 -17.08 -7.41
C GLY E 95 35.47 -16.49 -8.51
N VAL E 96 34.15 -16.59 -8.36
CA VAL E 96 33.27 -16.09 -9.40
C VAL E 96 33.45 -14.56 -9.50
N LEU E 97 33.47 -13.86 -8.39
CA LEU E 97 33.40 -12.41 -8.39
C LEU E 97 34.63 -11.88 -9.13
N GLU E 98 35.83 -12.28 -8.67
CA GLU E 98 37.08 -11.75 -9.22
C GLU E 98 37.17 -12.07 -10.70
N GLU E 99 36.67 -13.25 -11.09
CA GLU E 99 36.85 -13.65 -12.48
C GLU E 99 36.06 -12.73 -13.42
N LEU E 100 34.85 -12.30 -12.99
CA LEU E 100 34.02 -11.44 -13.83
C LEU E 100 34.67 -10.07 -13.97
N LEU E 101 35.22 -9.54 -12.88
CA LEU E 101 35.90 -8.21 -12.90
C LEU E 101 37.12 -8.29 -13.83
N TRP E 102 37.79 -9.43 -13.80
CA TRP E 102 38.95 -9.71 -14.66
C TRP E 102 38.54 -9.63 -16.14
N PHE E 103 37.38 -10.16 -16.57
CA PHE E 103 36.84 -10.07 -17.93
C PHE E 103 36.47 -8.61 -18.20
N ILE E 104 35.78 -7.98 -17.26
CA ILE E 104 35.32 -6.57 -17.43
C ILE E 104 36.55 -5.70 -17.66
N LYS E 105 37.61 -5.90 -16.86
CA LYS E 105 38.84 -5.15 -16.99
C LYS E 105 39.37 -5.32 -18.40
N GLY E 106 39.01 -6.40 -19.11
CA GLY E 106 39.59 -6.71 -20.42
C GLY E 106 40.95 -7.43 -20.39
N SER E 107 41.28 -7.96 -19.21
CA SER E 107 42.54 -8.58 -18.85
C SER E 107 42.63 -9.95 -19.52
N THR E 108 43.84 -10.38 -19.90
CA THR E 108 44.02 -11.70 -20.51
C THR E 108 45.24 -12.34 -19.85
N ASN E 109 45.50 -11.92 -18.63
CA ASN E 109 46.70 -12.26 -17.92
C ASN E 109 46.36 -13.05 -16.66
N ALA E 110 46.51 -14.37 -16.71
CA ALA E 110 46.14 -15.24 -15.61
C ALA E 110 46.72 -14.77 -14.25
N LYS E 111 48.00 -14.35 -14.29
CA LYS E 111 48.68 -13.73 -13.17
C LYS E 111 47.83 -12.63 -12.54
N GLU E 112 47.05 -11.93 -13.37
CA GLU E 112 46.25 -10.78 -12.89
C GLU E 112 45.11 -11.27 -11.99
N LEU E 113 44.64 -12.49 -12.23
CA LEU E 113 43.56 -13.05 -11.43
C LEU E 113 44.17 -13.81 -10.26
N SER E 114 45.20 -14.58 -10.55
CA SER E 114 45.98 -15.27 -9.52
C SER E 114 46.32 -14.38 -8.32
N SER E 115 46.80 -13.18 -8.62
CA SER E 115 47.25 -12.28 -7.57
C SER E 115 46.07 -11.90 -6.66
N LYS E 116 44.82 -12.24 -7.04
CA LYS E 116 43.66 -11.89 -6.24
C LYS E 116 43.25 -13.06 -5.37
N GLY E 117 44.03 -14.13 -5.46
CA GLY E 117 43.80 -15.34 -4.70
C GLY E 117 42.86 -16.32 -5.38
N VAL E 118 42.90 -16.35 -6.74
CA VAL E 118 41.97 -17.13 -7.54
C VAL E 118 42.79 -17.83 -8.61
N LYS E 119 42.83 -19.16 -8.51
CA LYS E 119 43.85 -19.92 -9.21
C LYS E 119 43.30 -20.51 -10.51
N ILE E 120 42.00 -20.29 -10.81
CA ILE E 120 41.24 -21.14 -11.74
C ILE E 120 41.82 -21.04 -13.16
N TRP E 121 42.52 -19.95 -13.49
CA TRP E 121 43.03 -19.72 -14.85
C TRP E 121 44.53 -20.01 -15.00
N ASP E 122 45.19 -20.35 -13.88
CA ASP E 122 46.63 -20.58 -13.82
C ASP E 122 47.09 -21.69 -14.78
N ALA E 123 46.40 -22.84 -14.75
CA ALA E 123 46.78 -24.01 -15.53
C ALA E 123 46.74 -23.72 -17.04
N ASN E 124 45.76 -22.92 -17.50
CA ASN E 124 45.66 -22.60 -18.91
C ASN E 124 46.70 -21.57 -19.32
N GLY E 125 47.32 -20.90 -18.33
CA GLY E 125 48.30 -19.85 -18.60
C GLY E 125 49.75 -20.27 -18.37
N SER E 126 49.94 -21.54 -17.96
CA SER E 126 51.20 -22.07 -17.49
C SER E 126 52.17 -22.20 -18.66
N ARG E 127 53.45 -22.31 -18.30
CA ARG E 127 54.58 -22.49 -19.20
C ARG E 127 54.36 -23.76 -20.00
N ASP E 128 53.95 -24.84 -19.30
CA ASP E 128 53.80 -26.15 -19.91
C ASP E 128 52.71 -26.13 -20.97
N PHE E 129 51.59 -25.45 -20.65
CA PHE E 129 50.41 -25.48 -21.50
C PHE E 129 50.60 -24.59 -22.73
N LEU E 130 51.22 -23.42 -22.51
CA LEU E 130 51.43 -22.53 -23.61
C LEU E 130 52.44 -23.15 -24.59
N ASP E 131 53.44 -23.88 -24.05
CA ASP E 131 54.36 -24.60 -24.93
C ASP E 131 53.64 -25.65 -25.75
N SER E 132 52.69 -26.37 -25.12
CA SER E 132 51.92 -27.42 -25.79
C SER E 132 51.13 -26.85 -26.96
N LEU E 133 50.81 -25.55 -26.88
CA LEU E 133 50.04 -24.91 -27.94
C LEU E 133 50.94 -24.29 -28.99
N GLY E 134 52.26 -24.31 -28.76
CA GLY E 134 53.17 -23.66 -29.69
C GLY E 134 53.37 -22.18 -29.40
N PHE E 135 53.15 -21.77 -28.15
CA PHE E 135 53.48 -20.39 -27.80
C PHE E 135 54.67 -20.36 -26.83
N SER E 136 55.84 -20.80 -27.32
CA SER E 136 57.03 -20.90 -26.47
C SER E 136 57.61 -19.53 -26.14
N THR E 137 57.37 -18.58 -27.05
CA THR E 137 57.88 -17.22 -26.95
C THR E 137 56.92 -16.44 -26.07
N ARG E 138 55.78 -17.04 -25.70
CA ARG E 138 54.76 -16.30 -24.99
C ARG E 138 55.14 -16.26 -23.50
N GLU E 139 54.92 -15.09 -22.90
CA GLU E 139 55.13 -14.85 -21.48
C GLU E 139 54.13 -15.66 -20.63
N GLU E 140 54.62 -16.41 -19.63
CA GLU E 140 53.75 -17.19 -18.76
C GLU E 140 52.66 -16.32 -18.15
N GLY E 141 51.41 -16.81 -18.22
CA GLY E 141 50.24 -16.06 -17.79
C GLY E 141 49.42 -15.54 -18.97
N ASP E 142 50.00 -15.54 -20.20
CA ASP E 142 49.41 -14.91 -21.38
C ASP E 142 48.44 -15.81 -22.12
N LEU E 143 47.14 -15.53 -21.90
CA LEU E 143 46.07 -16.42 -22.32
C LEU E 143 45.77 -16.27 -23.80
N GLY E 144 46.32 -15.24 -24.45
CA GLY E 144 45.83 -14.83 -25.77
C GLY E 144 44.64 -13.89 -25.60
N PRO E 145 43.98 -13.52 -26.70
CA PRO E 145 42.81 -12.67 -26.69
C PRO E 145 41.55 -13.49 -26.37
N VAL E 146 41.39 -13.85 -25.11
CA VAL E 146 40.22 -14.63 -24.61
C VAL E 146 38.99 -13.74 -24.33
N TYR E 147 38.13 -14.18 -23.44
CA TYR E 147 36.85 -13.58 -22.98
C TYR E 147 36.73 -12.07 -22.85
N GLY E 148 37.50 -11.47 -21.95
CA GLY E 148 37.51 -10.02 -21.72
C GLY E 148 38.11 -9.25 -22.88
N PHE E 149 39.05 -9.81 -23.61
CA PHE E 149 39.58 -9.04 -24.75
C PHE E 149 38.45 -8.77 -25.73
N GLN E 150 37.72 -9.81 -26.11
CA GLN E 150 36.57 -9.72 -27.05
C GLN E 150 35.47 -8.88 -26.42
N TRP E 151 35.23 -9.03 -25.12
CA TRP E 151 34.12 -8.27 -24.53
C TRP E 151 34.30 -6.76 -24.75
N ARG E 152 35.52 -6.21 -24.61
CA ARG E 152 35.76 -4.79 -24.56
C ARG E 152 36.48 -4.26 -25.80
N HIS E 153 37.17 -5.16 -26.55
CA HIS E 153 38.10 -4.86 -27.64
C HIS E 153 37.91 -5.77 -28.85
N PHE E 154 36.74 -6.34 -29.04
CA PHE E 154 36.49 -7.25 -30.11
C PHE E 154 36.99 -6.68 -31.43
N GLY E 155 37.75 -7.51 -32.16
CA GLY E 155 38.26 -7.13 -33.47
C GLY E 155 39.65 -6.52 -33.46
N ALA E 156 40.16 -6.11 -32.28
CA ALA E 156 41.46 -5.45 -32.12
C ALA E 156 42.58 -6.44 -32.44
N GLU E 157 43.68 -5.94 -33.00
CA GLU E 157 44.89 -6.73 -33.17
C GLU E 157 45.59 -6.84 -31.84
N TYR E 158 45.72 -8.04 -31.37
CA TYR E 158 46.05 -8.24 -29.99
C TYR E 158 47.56 -8.33 -29.95
N ARG E 159 48.17 -7.83 -28.89
CA ARG E 159 49.62 -7.75 -28.80
C ARG E 159 50.12 -8.73 -27.74
N ASP E 160 50.18 -8.27 -26.49
CA ASP E 160 50.50 -9.13 -25.37
C ASP E 160 49.53 -8.76 -24.24
N MET E 161 49.59 -9.51 -23.13
CA MET E 161 48.69 -9.30 -21.97
C MET E 161 48.94 -7.94 -21.30
N GLU E 162 50.11 -7.34 -21.51
CA GLU E 162 50.42 -6.06 -20.88
C GLU E 162 50.09 -4.84 -21.74
N SER E 163 49.87 -5.02 -23.05
CA SER E 163 49.45 -3.89 -23.88
C SER E 163 48.25 -3.14 -23.28
N ASP E 164 48.01 -1.93 -23.81
CA ASP E 164 46.89 -1.12 -23.38
C ASP E 164 45.92 -0.88 -24.55
N TYR E 165 44.67 -1.38 -24.40
CA TYR E 165 43.78 -1.52 -25.56
C TYR E 165 42.75 -0.41 -25.64
N SER E 166 42.81 0.58 -24.74
CA SER E 166 41.66 1.45 -24.58
C SER E 166 41.34 2.08 -25.93
N GLY E 167 40.03 2.09 -26.26
CA GLY E 167 39.48 2.70 -27.45
C GLY E 167 39.77 1.90 -28.73
N GLN E 168 40.28 0.68 -28.54
CA GLN E 168 40.61 -0.27 -29.59
C GLN E 168 39.48 -1.32 -29.68
N GLY E 169 39.18 -1.75 -30.92
CA GLY E 169 38.13 -2.72 -31.28
C GLY E 169 36.75 -2.25 -30.80
N VAL E 170 35.72 -3.15 -30.84
CA VAL E 170 34.35 -2.85 -30.43
C VAL E 170 34.17 -3.07 -28.90
N ASP E 171 33.67 -2.05 -28.20
CA ASP E 171 33.35 -2.33 -26.82
C ASP E 171 31.88 -2.80 -26.65
N GLN E 172 31.68 -4.12 -26.78
CA GLN E 172 30.40 -4.79 -26.71
C GLN E 172 29.75 -4.54 -25.37
N LEU E 173 30.54 -4.67 -24.28
CA LEU E 173 30.00 -4.58 -22.92
C LEU E 173 29.27 -3.25 -22.81
N GLN E 174 30.00 -2.15 -23.08
CA GLN E 174 29.48 -0.79 -23.00
C GLN E 174 28.37 -0.56 -24.02
N ARG E 175 28.46 -1.13 -25.24
CA ARG E 175 27.43 -0.91 -26.23
C ARG E 175 26.11 -1.49 -25.69
N VAL E 176 26.17 -2.73 -25.17
CA VAL E 176 25.06 -3.40 -24.54
C VAL E 176 24.46 -2.44 -23.50
N ILE E 177 25.31 -1.89 -22.60
CA ILE E 177 24.84 -0.88 -21.65
C ILE E 177 24.23 0.35 -22.34
N ASP E 178 24.87 0.89 -23.37
CA ASP E 178 24.30 2.06 -24.00
C ASP E 178 22.92 1.71 -24.59
N THR E 179 22.73 0.54 -25.23
CA THR E 179 21.46 0.18 -25.87
C THR E 179 20.34 -0.01 -24.81
N ILE E 180 20.62 -0.69 -23.70
CA ILE E 180 19.54 -0.88 -22.73
C ILE E 180 18.99 0.48 -22.31
N LYS E 181 19.87 1.50 -22.22
CA LYS E 181 19.47 2.84 -21.81
C LYS E 181 18.74 3.62 -22.91
N THR E 182 19.36 3.79 -24.08
CA THR E 182 18.73 4.54 -25.17
C THR E 182 17.50 3.83 -25.72
N ASN E 183 17.64 2.56 -26.15
CA ASN E 183 16.65 1.86 -26.98
C ASN E 183 16.44 0.42 -26.46
N PRO E 184 15.84 0.21 -25.26
CA PRO E 184 15.71 -1.15 -24.71
C PRO E 184 14.92 -2.19 -25.53
N ASP E 185 14.23 -1.77 -26.59
CA ASP E 185 13.42 -2.67 -27.38
C ASP E 185 14.21 -3.35 -28.49
N ASP E 186 15.43 -2.87 -28.70
CA ASP E 186 16.37 -3.29 -29.73
C ASP E 186 16.53 -4.80 -29.67
N ARG E 187 16.64 -5.45 -30.82
CA ARG E 187 16.71 -6.91 -30.81
C ARG E 187 18.16 -7.38 -31.01
N ARG E 188 19.12 -6.44 -30.94
CA ARG E 188 20.51 -6.65 -31.26
C ARG E 188 21.41 -6.54 -30.01
N ILE E 189 20.86 -6.68 -28.79
CA ILE E 189 21.68 -6.43 -27.61
C ILE E 189 22.48 -7.69 -27.25
N ILE E 190 23.62 -7.80 -27.93
CA ILE E 190 24.44 -8.99 -27.91
C ILE E 190 25.89 -8.64 -27.56
N MET E 191 26.47 -9.49 -26.72
CA MET E 191 27.91 -9.50 -26.53
C MET E 191 28.35 -10.88 -27.00
N CYS E 192 29.21 -10.92 -28.03
CA CYS E 192 29.75 -12.18 -28.56
C CYS E 192 31.27 -12.33 -28.41
N ALA E 193 31.73 -13.50 -27.90
CA ALA E 193 33.14 -13.76 -27.58
C ALA E 193 33.71 -14.74 -28.58
N TRP E 194 32.86 -15.36 -29.39
CA TRP E 194 33.43 -16.29 -30.37
C TRP E 194 34.06 -15.60 -31.60
N ASN E 195 35.38 -15.64 -31.74
CA ASN E 195 35.95 -14.84 -32.82
C ASN E 195 36.82 -15.77 -33.70
N PRO E 196 36.30 -16.24 -34.85
CA PRO E 196 37.01 -17.24 -35.65
C PRO E 196 38.47 -16.87 -35.99
N ARG E 197 38.76 -15.56 -36.12
CA ARG E 197 40.06 -15.05 -36.57
C ARG E 197 41.08 -15.22 -35.45
N ASP E 198 40.64 -14.87 -34.22
CA ASP E 198 41.50 -14.85 -33.05
C ASP E 198 41.66 -16.23 -32.44
N LEU E 199 40.74 -17.15 -32.71
CA LEU E 199 40.66 -18.39 -31.95
C LEU E 199 42.03 -19.05 -31.77
N PRO E 200 42.83 -19.21 -32.86
CA PRO E 200 44.12 -19.92 -32.76
C PRO E 200 45.09 -19.28 -31.76
N LEU E 201 44.91 -17.98 -31.48
CA LEU E 201 45.75 -17.29 -30.54
C LEU E 201 45.38 -17.60 -29.10
N MET E 202 44.23 -18.24 -28.91
CA MET E 202 43.63 -18.30 -27.59
C MET E 202 44.04 -19.59 -26.88
N ALA E 203 44.34 -19.44 -25.57
CA ALA E 203 44.63 -20.54 -24.66
C ALA E 203 43.48 -21.56 -24.77
N LEU E 204 42.24 -21.05 -24.78
CA LEU E 204 41.09 -21.90 -24.99
C LEU E 204 40.04 -21.07 -25.68
N PRO E 205 39.34 -21.62 -26.70
CA PRO E 205 38.24 -20.92 -27.38
C PRO E 205 37.15 -20.63 -26.34
N PRO E 206 36.38 -19.50 -26.33
CA PRO E 206 35.33 -19.30 -25.34
C PRO E 206 34.32 -20.47 -25.19
N HIS E 208 31.52 -20.32 -22.80
CA HIS E 208 30.37 -19.44 -22.86
C HIS E 208 30.62 -18.39 -23.93
N ALA E 209 30.15 -18.70 -25.17
CA ALA E 209 30.42 -18.07 -26.47
C ALA E 209 29.74 -16.71 -26.71
N LEU E 210 28.41 -16.57 -26.49
CA LEU E 210 27.63 -15.41 -26.92
C LEU E 210 26.45 -15.25 -25.98
N CYS E 211 26.11 -14.01 -25.63
CA CYS E 211 25.00 -13.83 -24.72
C CYS E 211 24.10 -12.65 -25.16
N GLN E 212 22.83 -12.68 -24.74
CA GLN E 212 21.85 -11.73 -25.27
C GLN E 212 21.04 -11.19 -24.08
N PHE E 213 20.75 -9.88 -24.13
CA PHE E 213 19.95 -9.23 -23.11
C PHE E 213 18.64 -8.80 -23.75
N TYR E 214 17.65 -8.63 -22.88
CA TYR E 214 16.33 -8.34 -23.34
C TYR E 214 15.60 -7.68 -22.17
N VAL E 215 14.78 -6.66 -22.46
CA VAL E 215 14.13 -5.87 -21.42
C VAL E 215 12.61 -5.97 -21.61
N VAL E 216 11.89 -6.24 -20.52
CA VAL E 216 10.43 -6.23 -20.58
C VAL E 216 9.91 -5.76 -19.24
N ASN E 217 9.12 -4.68 -19.28
CA ASN E 217 8.49 -4.22 -18.05
C ASN E 217 9.58 -4.00 -16.99
N SER E 218 10.64 -3.27 -17.36
CA SER E 218 11.62 -2.84 -16.38
C SER E 218 12.44 -3.97 -15.76
N GLU E 219 12.40 -5.18 -16.34
CA GLU E 219 13.26 -6.28 -15.93
C GLU E 219 14.22 -6.62 -17.06
N LEU E 220 15.46 -6.95 -16.70
CA LEU E 220 16.48 -7.28 -17.66
C LEU E 220 16.77 -8.77 -17.57
N SER E 221 16.69 -9.48 -18.70
CA SER E 221 17.04 -10.90 -18.75
C SER E 221 18.24 -11.16 -19.65
N CYS E 222 18.84 -12.34 -19.51
CA CYS E 222 20.08 -12.68 -20.20
C CYS E 222 19.97 -14.12 -20.67
N GLN E 223 20.28 -14.38 -21.96
CA GLN E 223 20.36 -15.73 -22.46
C GLN E 223 21.83 -16.00 -22.81
N LEU E 224 22.41 -17.07 -22.22
CA LEU E 224 23.78 -17.41 -22.57
C LEU E 224 23.79 -18.62 -23.50
N TYR E 225 24.53 -18.55 -24.62
CA TYR E 225 24.79 -19.73 -25.44
C TYR E 225 26.15 -20.27 -25.06
N GLN E 226 26.13 -21.44 -24.42
CA GLN E 226 27.36 -21.99 -23.93
C GLN E 226 27.66 -23.09 -24.89
N ARG E 227 28.65 -22.87 -25.76
CA ARG E 227 29.03 -23.87 -26.80
C ARG E 227 29.82 -25.05 -26.20
N SER E 228 30.12 -25.03 -24.89
CA SER E 228 30.87 -26.12 -24.26
C SER E 228 30.81 -25.93 -22.74
N GLY E 229 30.41 -27.02 -22.04
CA GLY E 229 30.05 -26.99 -20.64
C GLY E 229 30.64 -28.18 -19.90
N ASP E 230 31.61 -27.82 -19.07
CA ASP E 230 32.28 -28.68 -18.14
C ASP E 230 31.31 -28.73 -16.98
N MET E 231 30.51 -29.80 -16.94
CA MET E 231 29.29 -29.70 -16.16
C MET E 231 29.61 -29.75 -14.65
N GLY E 232 30.68 -30.52 -14.27
CA GLY E 232 31.14 -30.64 -12.90
C GLY E 232 31.72 -29.33 -12.35
N LEU E 233 32.75 -28.79 -13.07
CA LEU E 233 33.58 -27.70 -12.56
C LEU E 233 33.16 -26.33 -13.07
N GLY E 234 33.03 -26.12 -14.39
CA GLY E 234 32.82 -24.78 -14.93
C GLY E 234 31.39 -24.26 -14.75
N VAL E 235 30.40 -25.14 -14.95
CA VAL E 235 29.06 -24.62 -15.19
C VAL E 235 28.50 -24.04 -13.89
N PRO E 236 28.81 -24.57 -12.69
CA PRO E 236 28.38 -23.90 -11.46
C PRO E 236 28.98 -22.48 -11.39
N PHE E 237 30.23 -22.30 -11.87
CA PHE E 237 30.80 -20.95 -11.94
C PHE E 237 30.05 -20.08 -12.96
N ASN E 238 29.86 -20.64 -14.19
CA ASN E 238 29.41 -19.89 -15.34
C ASN E 238 28.00 -19.35 -15.10
N ILE E 239 27.17 -20.17 -14.42
CA ILE E 239 25.81 -19.75 -14.13
C ILE E 239 25.88 -18.58 -13.17
N ALA E 240 26.71 -18.68 -12.11
CA ALA E 240 26.78 -17.62 -11.10
C ALA E 240 27.27 -16.34 -11.78
N SER E 241 28.26 -16.53 -12.63
CA SER E 241 29.00 -15.50 -13.39
C SER E 241 28.10 -14.59 -14.26
N TYR E 242 27.18 -15.17 -15.02
CA TYR E 242 26.22 -14.43 -15.83
C TYR E 242 25.07 -13.85 -15.01
N ALA E 243 24.61 -14.56 -13.93
CA ALA E 243 23.66 -13.98 -13.00
C ALA E 243 24.24 -12.67 -12.44
N LEU E 244 25.55 -12.71 -12.10
CA LEU E 244 26.19 -11.54 -11.51
C LEU E 244 26.29 -10.41 -12.56
N LEU E 245 26.75 -10.84 -13.74
CA LEU E 245 26.78 -9.91 -14.85
C LEU E 245 25.40 -9.25 -15.09
N THR E 246 24.33 -10.05 -15.04
CA THR E 246 22.99 -9.51 -15.25
C THR E 246 22.59 -8.58 -14.10
N TYR E 247 23.00 -8.92 -12.84
CA TYR E 247 22.65 -8.01 -11.76
C TYR E 247 23.42 -6.70 -11.91
N MET E 248 24.67 -6.78 -12.39
CA MET E 248 25.48 -5.60 -12.45
C MET E 248 24.91 -4.67 -13.51
N ILE E 249 24.56 -5.22 -14.68
CA ILE E 249 24.04 -4.37 -15.75
C ILE E 249 22.70 -3.79 -15.32
N ALA E 250 21.85 -4.59 -14.69
CA ALA E 250 20.55 -4.09 -14.27
C ALA E 250 20.73 -2.86 -13.35
N HIS E 251 21.65 -3.02 -12.40
CA HIS E 251 21.89 -1.97 -11.42
C HIS E 251 22.31 -0.67 -12.10
N ILE E 252 23.17 -0.77 -13.12
CA ILE E 252 23.74 0.36 -13.80
C ILE E 252 22.69 1.04 -14.65
N THR E 253 21.67 0.31 -15.09
CA THR E 253 20.73 0.81 -16.10
C THR E 253 19.37 1.12 -15.48
N GLY E 254 19.26 0.93 -14.15
CA GLY E 254 18.08 1.26 -13.39
C GLY E 254 16.98 0.23 -13.61
N LEU E 255 17.31 -1.04 -13.94
CA LEU E 255 16.33 -2.10 -14.17
C LEU E 255 16.39 -3.15 -13.07
N LYS E 256 15.42 -4.04 -13.02
CA LYS E 256 15.51 -5.05 -11.97
C LYS E 256 15.90 -6.34 -12.66
N PRO E 257 16.75 -7.20 -12.08
CA PRO E 257 17.09 -8.47 -12.75
C PRO E 257 15.87 -9.38 -12.97
N GLY E 258 15.83 -10.12 -14.10
CA GLY E 258 14.67 -10.94 -14.46
C GLY E 258 14.99 -12.43 -14.41
N ASP E 259 15.39 -12.96 -15.56
CA ASP E 259 15.78 -14.34 -15.73
C ASP E 259 17.15 -14.45 -16.40
N PHE E 260 17.91 -15.50 -16.02
CA PHE E 260 19.06 -15.98 -16.73
C PHE E 260 18.73 -17.34 -17.31
N ILE E 261 18.82 -17.42 -18.64
CA ILE E 261 18.42 -18.56 -19.43
C ILE E 261 19.71 -19.18 -19.96
N HIS E 262 19.90 -20.47 -19.67
CA HIS E 262 21.19 -21.09 -19.93
C HIS E 262 21.00 -22.13 -21.02
N THR E 263 21.51 -21.85 -22.22
CA THR E 263 21.43 -22.83 -23.28
C THR E 263 22.82 -23.42 -23.48
N LEU E 264 22.81 -24.75 -23.52
CA LEU E 264 24.00 -25.58 -23.60
C LEU E 264 23.99 -26.29 -24.96
N GLY E 265 25.23 -26.28 -25.53
CA GLY E 265 25.66 -26.99 -26.71
C GLY E 265 26.20 -28.34 -26.27
N ASP E 266 27.52 -28.42 -26.14
CA ASP E 266 28.15 -29.70 -25.93
C ASP E 266 28.28 -29.85 -24.43
N ALA E 267 27.38 -30.61 -23.81
CA ALA E 267 27.39 -30.65 -22.35
C ALA E 267 28.07 -31.91 -21.82
N HIS E 268 29.12 -31.74 -21.01
CA HIS E 268 29.96 -32.89 -20.74
C HIS E 268 30.36 -32.98 -19.28
N ILE E 269 30.39 -34.21 -18.72
CA ILE E 269 31.01 -34.58 -17.46
C ILE E 269 32.33 -35.34 -17.71
N TYR E 270 33.44 -34.84 -17.18
CA TYR E 270 34.66 -35.63 -17.21
C TYR E 270 34.54 -36.90 -16.34
N LEU E 271 35.25 -38.00 -16.69
CA LEU E 271 35.06 -39.28 -16.03
C LEU E 271 35.37 -39.18 -14.55
N ASN E 272 36.39 -38.35 -14.23
CA ASN E 272 36.94 -38.18 -12.88
C ASN E 272 36.02 -37.29 -12.04
N HIS E 273 34.87 -36.93 -12.62
CA HIS E 273 33.91 -36.13 -11.92
C HIS E 273 32.70 -37.00 -11.62
N ILE E 274 32.67 -38.21 -12.21
CA ILE E 274 31.47 -39.00 -12.04
C ILE E 274 31.25 -39.36 -10.56
N GLU E 275 32.29 -39.93 -9.90
CA GLU E 275 32.15 -40.28 -8.51
C GLU E 275 31.73 -39.05 -7.69
N PRO E 276 32.48 -37.91 -7.72
CA PRO E 276 32.09 -36.71 -6.96
C PRO E 276 30.65 -36.20 -7.20
N LEU E 277 30.26 -36.06 -8.48
CA LEU E 277 28.89 -35.64 -8.76
C LEU E 277 27.85 -36.59 -8.13
N LYS E 278 28.22 -37.90 -7.99
CA LYS E 278 27.27 -38.82 -7.43
C LYS E 278 27.08 -38.49 -5.94
N ILE E 279 28.16 -38.08 -5.25
CA ILE E 279 28.02 -37.56 -3.88
C ILE E 279 27.06 -36.38 -3.89
N GLN E 280 27.21 -35.51 -4.91
CA GLN E 280 26.46 -34.26 -4.98
C GLN E 280 24.95 -34.54 -5.02
N LEU E 281 24.57 -35.43 -5.96
CA LEU E 281 23.19 -35.70 -6.34
C LEU E 281 22.35 -36.15 -5.15
N GLN E 282 23.00 -36.75 -4.18
CA GLN E 282 22.28 -37.28 -3.01
C GLN E 282 21.86 -36.14 -2.10
N ARG E 283 22.44 -34.95 -2.30
CA ARG E 283 22.16 -33.78 -1.42
C ARG E 283 20.89 -33.05 -1.86
N GLU E 284 20.17 -32.46 -0.91
CA GLU E 284 18.95 -31.70 -1.21
C GLU E 284 19.31 -30.22 -1.27
N PRO E 285 18.91 -29.48 -2.31
CA PRO E 285 19.18 -28.06 -2.41
C PRO E 285 18.64 -27.35 -1.18
N ARG E 286 19.38 -26.33 -0.73
CA ARG E 286 18.94 -25.36 0.24
C ARG E 286 18.56 -24.08 -0.51
N PRO E 287 17.71 -23.20 0.03
CA PRO E 287 17.23 -22.05 -0.74
C PRO E 287 18.38 -21.20 -1.25
N PHE E 288 18.18 -20.65 -2.45
CA PHE E 288 19.16 -19.78 -3.07
C PHE E 288 19.45 -18.59 -2.15
N PRO E 289 20.72 -18.13 -2.11
CA PRO E 289 21.05 -16.91 -1.40
C PRO E 289 20.50 -15.69 -2.15
N LYS E 290 20.79 -14.49 -1.62
CA LYS E 290 20.47 -13.22 -2.25
C LYS E 290 21.80 -12.53 -2.59
N LEU E 291 21.82 -11.69 -3.62
CA LEU E 291 22.96 -10.83 -3.88
C LEU E 291 22.57 -9.40 -3.57
N ARG E 292 23.47 -8.66 -2.91
CA ARG E 292 23.23 -7.24 -2.52
C ARG E 292 24.42 -6.38 -2.93
N ILE E 293 24.15 -5.30 -3.69
CA ILE E 293 25.13 -4.35 -4.15
C ILE E 293 25.04 -3.25 -3.15
N LEU E 294 26.19 -2.83 -2.62
CA LEU E 294 26.17 -2.06 -1.38
C LEU E 294 26.34 -0.57 -1.61
N ARG E 295 26.43 -0.12 -2.85
CA ARG E 295 26.44 1.33 -3.11
C ARG E 295 25.99 1.54 -4.54
N LYS E 296 25.38 2.71 -4.79
CA LYS E 296 25.10 3.17 -6.15
C LYS E 296 26.45 3.26 -6.87
N VAL E 297 26.51 2.74 -8.11
CA VAL E 297 27.65 2.74 -9.01
C VAL E 297 27.05 3.16 -10.34
N GLU E 298 27.76 4.00 -11.12
CA GLU E 298 27.26 4.60 -12.36
C GLU E 298 27.81 3.88 -13.61
N LYS E 299 28.99 3.28 -13.46
CA LYS E 299 29.70 2.75 -14.61
C LYS E 299 30.17 1.32 -14.32
N ILE E 300 30.17 0.47 -15.34
CA ILE E 300 30.55 -0.92 -15.17
C ILE E 300 32.00 -1.02 -14.70
N ASP E 301 32.87 -0.13 -15.21
CA ASP E 301 34.24 -0.17 -14.81
C ASP E 301 34.44 0.23 -13.35
N ASP E 302 33.46 0.70 -12.58
CA ASP E 302 33.67 1.14 -11.20
C ASP E 302 33.33 0.08 -10.15
N PHE E 303 32.51 -0.95 -10.47
CA PHE E 303 32.24 -2.01 -9.52
C PHE E 303 33.53 -2.59 -8.93
N LYS E 304 33.60 -2.65 -7.60
CA LYS E 304 34.71 -3.26 -6.86
C LYS E 304 34.25 -4.57 -6.25
N ALA E 305 35.21 -5.38 -5.77
CA ALA E 305 34.88 -6.68 -5.13
C ALA E 305 34.19 -6.47 -3.78
N GLU E 306 34.45 -5.32 -3.14
CA GLU E 306 33.91 -4.93 -1.85
C GLU E 306 32.44 -4.49 -1.90
N ASP E 307 31.91 -4.32 -3.12
CA ASP E 307 30.61 -3.71 -3.39
C ASP E 307 29.45 -4.72 -3.40
N PHE E 308 29.78 -6.03 -3.37
CA PHE E 308 28.79 -7.09 -3.40
C PHE E 308 28.86 -7.91 -2.12
N GLN E 309 27.72 -8.34 -1.59
CA GLN E 309 27.79 -9.45 -0.65
C GLN E 309 26.72 -10.49 -0.97
N ILE E 310 27.12 -11.76 -0.91
CA ILE E 310 26.21 -12.89 -1.03
C ILE E 310 25.59 -13.15 0.36
N GLU E 311 24.25 -13.20 0.42
CA GLU E 311 23.55 -13.21 1.71
C GLU E 311 22.77 -14.51 1.87
N GLY E 312 22.93 -15.19 2.99
CA GLY E 312 22.12 -16.34 3.32
C GLY E 312 22.54 -17.61 2.57
N TYR E 313 23.85 -17.81 2.37
CA TYR E 313 24.34 -18.89 1.56
C TYR E 313 24.78 -20.01 2.48
N ASN E 314 24.04 -21.12 2.52
CA ASN E 314 24.29 -22.19 3.47
C ASN E 314 24.48 -23.49 2.72
N PRO E 315 25.55 -23.62 1.91
CA PRO E 315 25.72 -24.76 1.00
C PRO E 315 26.10 -26.00 1.81
N HIS E 316 25.87 -27.19 1.22
CA HIS E 316 26.51 -28.41 1.66
C HIS E 316 28.01 -28.27 1.44
N PRO E 317 28.86 -29.14 2.02
CA PRO E 317 30.32 -29.03 1.89
C PRO E 317 30.84 -29.09 0.45
N THR E 318 31.97 -28.40 0.25
CA THR E 318 32.85 -28.41 -0.92
C THR E 318 33.08 -29.84 -1.38
N ILE E 319 33.00 -30.08 -2.71
CA ILE E 319 33.38 -31.36 -3.28
C ILE E 319 34.57 -31.13 -4.19
N LYS E 320 35.70 -31.80 -3.89
CA LYS E 320 36.93 -31.77 -4.68
C LYS E 320 36.64 -32.32 -6.07
N MET E 321 36.90 -31.52 -7.12
CA MET E 321 36.95 -31.99 -8.49
C MET E 321 38.20 -31.41 -9.15
N GLU E 322 38.96 -32.24 -9.87
CA GLU E 322 40.18 -31.84 -10.55
C GLU E 322 39.84 -31.28 -11.93
N MET E 323 40.50 -30.18 -12.29
CA MET E 323 40.35 -29.55 -13.60
C MET E 323 41.06 -30.33 -14.72
N ALA E 324 40.35 -30.57 -15.84
CA ALA E 324 40.90 -31.12 -17.06
C ALA E 324 41.70 -30.02 -17.76
N VAL E 325 43.02 -30.20 -17.84
CA VAL E 325 43.79 -29.09 -18.40
C VAL E 325 43.94 -29.28 -19.92
N PRO F 38 -16.19 3.36 11.91
CA PRO F 38 -16.70 2.03 12.25
C PRO F 38 -18.08 1.90 11.63
N PRO F 39 -19.13 1.68 12.45
CA PRO F 39 -20.50 1.67 11.97
C PRO F 39 -20.98 3.10 11.69
N HIS F 40 -22.06 3.21 10.94
CA HIS F 40 -22.65 4.50 10.51
C HIS F 40 -23.05 5.41 11.68
N GLY F 41 -22.58 6.65 11.63
CA GLY F 41 -22.91 7.73 12.56
C GLY F 41 -24.37 7.75 12.96
N GLU F 42 -25.22 7.60 11.96
CA GLU F 42 -26.67 7.71 12.07
C GLU F 42 -27.26 6.61 12.96
N LEU F 43 -26.59 5.46 13.06
CA LEU F 43 -27.03 4.46 14.03
C LEU F 43 -27.07 5.04 15.43
N GLN F 44 -26.22 6.02 15.71
CA GLN F 44 -26.34 6.62 17.01
C GLN F 44 -27.67 7.36 17.21
N TYR F 45 -28.11 8.15 16.23
CA TYR F 45 -29.35 8.90 16.33
C TYR F 45 -30.53 7.92 16.42
N LEU F 46 -30.51 6.85 15.60
CA LEU F 46 -31.63 5.94 15.53
C LEU F 46 -31.69 5.09 16.81
N GLY F 47 -30.54 4.78 17.45
CA GLY F 47 -30.53 4.09 18.74
C GLY F 47 -31.15 4.93 19.87
N GLN F 48 -30.87 6.22 19.84
CA GLN F 48 -31.36 7.18 20.83
C GLN F 48 -32.87 7.29 20.77
N ILE F 49 -33.38 7.36 19.51
CA ILE F 49 -34.80 7.41 19.22
C ILE F 49 -35.42 6.15 19.81
N GLN F 50 -34.84 4.99 19.42
CA GLN F 50 -35.25 3.68 19.87
C GLN F 50 -35.22 3.64 21.42
N HIS F 51 -34.14 4.15 22.04
CA HIS F 51 -34.16 4.24 23.50
C HIS F 51 -35.37 5.06 24.03
N ILE F 52 -35.68 6.21 23.42
CA ILE F 52 -36.67 7.04 24.06
C ILE F 52 -38.00 6.31 23.98
N LEU F 53 -38.25 5.72 22.79
CA LEU F 53 -39.46 4.95 22.59
C LEU F 53 -39.59 3.79 23.58
N ARG F 54 -38.47 3.17 23.96
CA ARG F 54 -38.50 1.99 24.87
C ARG F 54 -38.27 2.36 26.35
N GLY F 56 -38.62 6.19 27.44
CA GLY F 56 -39.16 7.53 27.72
C GLY F 56 -40.29 7.51 28.76
N VAL F 57 -40.25 8.37 29.76
CA VAL F 57 -41.42 8.73 30.53
C VAL F 57 -42.34 9.67 29.74
N ARG F 58 -43.61 9.60 30.13
CA ARG F 58 -44.63 10.39 29.46
C ARG F 58 -44.83 11.61 30.33
N LYS F 59 -44.61 12.81 29.78
CA LYS F 59 -44.93 14.05 30.49
C LYS F 59 -45.75 15.04 29.64
N ASP F 60 -46.31 15.99 30.40
CA ASP F 60 -46.83 17.25 29.91
C ASP F 60 -45.73 18.26 29.65
N ASP F 61 -45.73 18.77 28.42
CA ASP F 61 -44.90 19.89 28.06
C ASP F 61 -45.73 21.16 27.92
N ARG F 62 -45.03 22.30 27.95
CA ARG F 62 -45.67 23.64 27.88
C ARG F 62 -46.41 23.85 26.54
N THR F 63 -46.23 22.95 25.57
CA THR F 63 -46.89 23.09 24.28
C THR F 63 -48.24 22.39 24.29
N GLY F 64 -48.49 21.48 25.23
CA GLY F 64 -49.74 20.72 25.17
C GLY F 64 -49.71 19.56 24.16
N THR F 65 -48.50 19.20 23.71
CA THR F 65 -48.35 18.07 22.82
C THR F 65 -48.17 16.76 23.60
N GLY F 66 -47.37 16.77 24.69
CA GLY F 66 -46.98 15.60 25.45
C GLY F 66 -45.76 14.93 24.84
N THR F 67 -44.94 14.28 25.70
CA THR F 67 -43.67 13.72 25.27
C THR F 67 -43.38 12.44 26.04
N LEU F 68 -42.56 11.64 25.38
CA LEU F 68 -41.71 10.59 25.93
C LEU F 68 -40.38 11.29 26.11
N SER F 69 -39.74 11.12 27.29
CA SER F 69 -38.43 11.77 27.35
C SER F 69 -37.47 11.02 28.24
N VAL F 70 -36.18 11.35 28.10
CA VAL F 70 -35.11 10.66 28.81
C VAL F 70 -34.06 11.72 29.09
N PHE F 71 -33.18 11.50 30.07
CA PHE F 71 -32.22 12.55 30.42
C PHE F 71 -30.81 12.05 30.21
N GLY F 72 -30.03 12.75 29.39
CA GLY F 72 -28.60 12.58 29.27
C GLY F 72 -28.21 11.52 28.24
N MET F 73 -27.73 11.92 27.08
CA MET F 73 -27.24 10.97 26.11
C MET F 73 -26.03 11.61 25.44
N ARG F 74 -25.20 10.82 24.73
CA ARG F 74 -24.03 11.30 24.00
C ARG F 74 -23.91 10.58 22.65
N ALA F 75 -23.28 11.25 21.67
CA ALA F 75 -22.97 10.68 20.36
C ALA F 75 -21.80 11.47 19.74
N ARG F 76 -21.02 10.76 18.93
CA ARG F 76 -19.82 11.29 18.24
C ARG F 76 -19.92 11.04 16.74
N TYR F 77 -20.14 12.10 15.98
CA TYR F 77 -20.27 12.09 14.53
C TYR F 77 -18.93 12.49 13.90
N SER F 78 -18.31 11.59 13.14
CA SER F 78 -17.00 11.89 12.51
C SER F 78 -17.16 12.87 11.35
N LEU F 79 -16.47 14.02 11.41
CA LEU F 79 -16.55 15.02 10.35
C LEU F 79 -15.39 14.91 9.34
N ARG F 80 -14.61 13.81 9.39
CA ARG F 80 -13.48 13.55 8.50
C ARG F 80 -13.95 12.90 7.19
N ASP F 81 -14.05 13.72 6.15
CA ASP F 81 -14.48 13.28 4.84
C ASP F 81 -15.93 12.80 4.83
N GLU F 82 -16.73 13.24 5.80
CA GLU F 82 -18.15 12.98 5.73
C GLU F 82 -18.87 14.09 6.47
N PHE F 83 -20.13 14.27 6.13
CA PHE F 83 -20.87 15.27 6.85
C PHE F 83 -22.13 14.57 7.35
N PRO F 84 -22.47 14.73 8.66
CA PRO F 84 -23.65 14.09 9.26
C PRO F 84 -25.06 14.65 8.95
N LEU F 85 -25.44 14.73 7.69
CA LEU F 85 -26.78 15.17 7.42
C LEU F 85 -27.57 13.87 7.24
N LEU F 86 -28.59 13.62 8.03
CA LEU F 86 -29.21 12.29 8.09
C LEU F 86 -29.76 11.75 6.75
N THR F 87 -29.66 10.42 6.60
CA THR F 87 -30.17 9.81 5.38
C THR F 87 -31.56 9.21 5.55
N THR F 88 -31.97 8.83 6.76
CA THR F 88 -33.12 7.95 6.87
C THR F 88 -34.35 8.79 6.67
N LYS F 89 -34.14 10.10 6.51
CA LYS F 89 -35.10 11.03 5.93
C LYS F 89 -34.38 12.19 5.23
N ARG F 90 -35.11 12.86 4.35
CA ARG F 90 -34.55 14.04 3.70
C ARG F 90 -34.53 15.17 4.72
N VAL F 91 -33.33 15.63 5.04
CA VAL F 91 -33.23 16.83 5.86
C VAL F 91 -33.19 18.10 4.99
N PHE F 92 -33.98 19.11 5.40
CA PHE F 92 -34.05 20.38 4.70
C PHE F 92 -32.73 21.13 4.82
N TRP F 93 -31.80 20.81 3.93
CA TRP F 93 -30.45 21.34 4.05
C TRP F 93 -30.43 22.86 3.96
N LYS F 94 -31.10 23.45 2.96
CA LYS F 94 -31.22 24.89 2.84
C LYS F 94 -31.69 25.51 4.16
N GLY F 95 -32.68 24.89 4.80
CA GLY F 95 -33.08 25.28 6.14
C GLY F 95 -31.90 25.35 7.12
N VAL F 96 -31.06 24.29 7.15
CA VAL F 96 -29.90 24.29 8.00
C VAL F 96 -28.96 25.45 7.67
N LEU F 97 -28.58 25.53 6.39
CA LEU F 97 -27.58 26.46 5.92
C LEU F 97 -28.05 27.89 6.18
N GLU F 98 -29.28 28.20 5.79
CA GLU F 98 -29.76 29.56 5.86
C GLU F 98 -29.93 29.98 7.33
N GLU F 99 -30.27 29.04 8.21
CA GLU F 99 -30.46 29.33 9.64
C GLU F 99 -29.13 29.68 10.33
N LEU F 100 -28.06 28.94 9.96
CA LEU F 100 -26.74 29.16 10.54
C LEU F 100 -26.23 30.55 10.13
N LEU F 101 -26.51 30.94 8.85
CA LEU F 101 -26.09 32.23 8.28
C LEU F 101 -26.83 33.33 9.01
N TRP F 102 -28.14 33.10 9.24
CA TRP F 102 -29.00 33.93 10.05
C TRP F 102 -28.40 34.12 11.47
N PHE F 103 -28.04 33.01 12.16
CA PHE F 103 -27.39 33.08 13.48
C PHE F 103 -26.10 33.91 13.46
N ILE F 104 -25.20 33.64 12.51
CA ILE F 104 -23.92 34.32 12.43
C ILE F 104 -24.11 35.84 12.28
N LYS F 105 -25.21 36.27 11.64
CA LYS F 105 -25.52 37.68 11.40
C LYS F 105 -25.72 38.44 12.71
N GLY F 106 -26.17 37.69 13.74
CA GLY F 106 -26.68 38.25 14.99
C GLY F 106 -28.17 38.61 14.87
N SER F 107 -28.83 38.17 13.78
CA SER F 107 -30.21 38.49 13.47
C SER F 107 -31.12 37.86 14.52
N THR F 108 -32.19 38.53 14.92
CA THR F 108 -33.17 37.92 15.79
C THR F 108 -34.53 38.13 15.19
N ASN F 109 -34.53 38.38 13.89
CA ASN F 109 -35.74 38.66 13.15
C ASN F 109 -36.17 37.45 12.35
N ALA F 110 -37.26 36.83 12.74
CA ALA F 110 -37.80 35.67 12.02
C ALA F 110 -38.07 35.98 10.53
N LYS F 111 -38.60 37.18 10.24
CA LYS F 111 -38.87 37.57 8.86
C LYS F 111 -37.62 37.49 7.98
N GLU F 112 -36.42 37.70 8.58
CA GLU F 112 -35.16 37.71 7.85
C GLU F 112 -34.85 36.31 7.30
N LEU F 113 -35.15 35.27 8.09
CA LEU F 113 -34.92 33.90 7.66
C LEU F 113 -36.03 33.53 6.70
N SER F 114 -37.23 33.95 7.04
CA SER F 114 -38.43 33.54 6.32
C SER F 114 -38.35 34.02 4.87
N SER F 115 -37.68 35.16 4.67
CA SER F 115 -37.55 35.78 3.37
C SER F 115 -36.52 35.05 2.50
N LYS F 116 -35.83 34.03 3.03
CA LYS F 116 -34.84 33.26 2.28
C LYS F 116 -35.43 31.92 1.88
N GLY F 117 -36.72 31.77 2.20
CA GLY F 117 -37.44 30.57 1.84
C GLY F 117 -37.41 29.49 2.93
N VAL F 118 -37.28 29.95 4.20
CA VAL F 118 -37.06 29.06 5.33
C VAL F 118 -37.95 29.53 6.48
N LYS F 119 -38.92 28.67 6.81
CA LYS F 119 -40.09 29.06 7.57
C LYS F 119 -39.98 28.58 9.02
N ILE F 120 -38.92 27.84 9.39
CA ILE F 120 -38.87 27.11 10.65
C ILE F 120 -39.06 27.99 11.90
N TRP F 121 -38.78 29.30 11.79
CA TRP F 121 -38.83 30.16 12.97
C TRP F 121 -40.09 31.01 12.98
N ASP F 122 -40.82 31.05 11.86
CA ASP F 122 -42.08 31.79 11.79
C ASP F 122 -43.02 31.55 12.98
N ALA F 123 -43.34 30.29 13.28
CA ALA F 123 -44.31 30.01 14.34
C ALA F 123 -43.91 30.70 15.66
N ASN F 124 -42.60 30.72 16.00
CA ASN F 124 -42.08 31.19 17.28
C ASN F 124 -42.03 32.72 17.29
N GLY F 125 -42.14 33.36 16.11
CA GLY F 125 -42.18 34.81 15.94
C GLY F 125 -43.55 35.38 15.58
N SER F 126 -44.58 34.53 15.55
CA SER F 126 -45.93 34.91 15.19
C SER F 126 -46.57 35.83 16.24
N ARG F 127 -47.51 36.66 15.74
CA ARG F 127 -48.43 37.50 16.51
C ARG F 127 -49.00 36.74 17.71
N ASP F 128 -49.66 35.61 17.45
CA ASP F 128 -50.25 34.81 18.52
C ASP F 128 -49.20 34.35 19.53
N PHE F 129 -48.06 33.86 19.05
CA PHE F 129 -47.13 33.30 20.01
C PHE F 129 -46.51 34.40 20.90
N LEU F 130 -46.18 35.53 20.27
CA LEU F 130 -45.62 36.62 21.02
C LEU F 130 -46.65 37.20 22.01
N ASP F 131 -47.93 37.27 21.57
CA ASP F 131 -49.05 37.66 22.43
C ASP F 131 -49.14 36.76 23.67
N SER F 132 -48.95 35.44 23.46
CA SER F 132 -49.10 34.46 24.55
C SER F 132 -47.99 34.63 25.59
N LEU F 133 -46.84 35.20 25.19
CA LEU F 133 -45.70 35.41 26.09
C LEU F 133 -45.74 36.76 26.80
N GLY F 134 -46.74 37.60 26.47
CA GLY F 134 -46.91 38.89 27.11
C GLY F 134 -46.14 40.02 26.43
N PHE F 135 -45.85 39.84 25.12
CA PHE F 135 -45.10 40.77 24.29
C PHE F 135 -45.98 41.35 23.17
N SER F 136 -47.17 41.85 23.50
CA SER F 136 -48.20 42.18 22.51
C SER F 136 -47.85 43.42 21.65
N THR F 137 -46.83 44.16 22.14
CA THR F 137 -46.34 45.40 21.58
C THR F 137 -45.12 45.14 20.72
N ARG F 138 -44.68 43.88 20.63
CA ARG F 138 -43.53 43.54 19.81
C ARG F 138 -43.96 43.41 18.34
N GLU F 139 -43.12 43.83 17.42
CA GLU F 139 -43.27 43.58 16.00
C GLU F 139 -43.15 42.07 15.67
N GLU F 140 -44.14 41.57 14.92
CA GLU F 140 -44.15 40.21 14.41
C GLU F 140 -42.79 39.90 13.79
N GLY F 141 -42.23 38.73 14.17
CA GLY F 141 -40.94 38.24 13.77
C GLY F 141 -39.89 38.50 14.86
N ASP F 142 -40.28 39.38 15.82
CA ASP F 142 -39.34 39.82 16.84
C ASP F 142 -39.07 38.76 17.92
N LEU F 143 -38.04 37.89 17.69
CA LEU F 143 -37.76 36.70 18.48
C LEU F 143 -37.23 37.05 19.89
N GLY F 144 -36.73 38.29 20.05
CA GLY F 144 -35.97 38.64 21.24
C GLY F 144 -34.48 38.29 21.09
N PRO F 145 -33.72 38.39 22.21
CA PRO F 145 -32.28 38.13 22.23
C PRO F 145 -31.94 36.63 22.24
N VAL F 146 -32.23 35.96 21.14
CA VAL F 146 -32.00 34.49 20.96
C VAL F 146 -30.56 34.22 20.50
N TYR F 147 -30.29 33.00 20.06
CA TYR F 147 -29.01 32.41 19.58
C TYR F 147 -27.96 33.34 18.94
N GLY F 148 -28.29 33.93 17.82
CA GLY F 148 -27.39 34.84 17.08
C GLY F 148 -27.01 36.06 17.88
N PHE F 149 -27.94 36.64 18.62
CA PHE F 149 -27.63 37.81 19.46
C PHE F 149 -26.57 37.48 20.51
N GLN F 150 -26.71 36.34 21.20
CA GLN F 150 -25.76 35.95 22.26
C GLN F 150 -24.44 35.53 21.62
N TRP F 151 -24.48 34.97 20.42
CA TRP F 151 -23.22 34.50 19.84
C TRP F 151 -22.35 35.70 19.52
N ARG F 152 -22.98 36.80 19.04
CA ARG F 152 -22.26 37.94 18.50
C ARG F 152 -22.26 39.12 19.47
N HIS F 153 -23.19 39.17 20.45
CA HIS F 153 -23.31 40.33 21.33
C HIS F 153 -23.66 39.95 22.79
N PHE F 154 -23.11 38.86 23.31
CA PHE F 154 -23.49 38.44 24.65
C PHE F 154 -23.42 39.60 25.66
N GLY F 155 -24.52 39.79 26.40
CA GLY F 155 -24.52 40.73 27.51
C GLY F 155 -24.95 42.17 27.15
N ALA F 156 -25.24 42.44 25.87
CA ALA F 156 -25.75 43.72 25.39
C ALA F 156 -27.25 43.83 25.60
N GLU F 157 -27.65 45.03 26.08
CA GLU F 157 -29.05 45.42 26.21
C GLU F 157 -29.70 45.29 24.86
N TYR F 158 -30.70 44.44 24.78
CA TYR F 158 -31.33 44.23 23.51
C TYR F 158 -32.36 45.32 23.39
N ARG F 159 -32.53 45.81 22.17
CA ARG F 159 -33.41 46.94 21.90
C ARG F 159 -34.56 46.39 21.10
N ASP F 160 -34.30 46.10 19.81
CA ASP F 160 -35.17 45.33 18.93
C ASP F 160 -34.43 44.76 17.71
N MET F 161 -35.20 44.10 16.84
CA MET F 161 -34.61 43.27 15.83
C MET F 161 -34.08 44.09 14.66
N GLU F 162 -34.32 45.40 14.55
CA GLU F 162 -33.76 46.08 13.38
C GLU F 162 -32.47 46.83 13.72
N SER F 163 -32.26 47.09 15.02
CA SER F 163 -31.07 47.74 15.58
C SER F 163 -29.72 47.20 15.09
N ASP F 164 -28.73 48.10 15.19
CA ASP F 164 -27.32 47.88 14.89
C ASP F 164 -26.64 47.66 16.25
N TYR F 165 -26.16 46.43 16.48
CA TYR F 165 -25.58 46.09 17.77
C TYR F 165 -24.06 45.95 17.68
N SER F 166 -23.53 46.18 16.47
CA SER F 166 -22.11 45.96 16.24
C SER F 166 -21.28 46.78 17.21
N GLY F 167 -20.22 46.09 17.67
CA GLY F 167 -19.32 46.50 18.73
C GLY F 167 -19.97 46.48 20.11
N GLN F 168 -21.20 45.94 20.21
CA GLN F 168 -21.91 45.84 21.47
C GLN F 168 -21.80 44.40 22.02
N GLY F 169 -21.65 44.28 23.36
CA GLY F 169 -21.56 43.04 24.11
C GLY F 169 -20.33 42.22 23.72
N VAL F 170 -20.28 40.92 24.07
CA VAL F 170 -19.12 40.08 23.80
C VAL F 170 -19.31 39.31 22.49
N ASP F 171 -18.38 39.48 21.53
CA ASP F 171 -18.47 38.71 20.29
C ASP F 171 -17.75 37.37 20.46
N GLN F 172 -18.52 36.39 20.97
CA GLN F 172 -18.05 35.05 21.31
C GLN F 172 -17.60 34.29 20.05
N LEU F 173 -18.34 34.41 18.94
CA LEU F 173 -17.97 33.69 17.72
C LEU F 173 -16.56 34.10 17.25
N GLN F 174 -16.34 35.42 17.11
CA GLN F 174 -15.04 35.99 16.76
C GLN F 174 -13.98 35.61 17.81
N ARG F 175 -14.33 35.60 19.09
CA ARG F 175 -13.34 35.29 20.11
C ARG F 175 -12.85 33.84 19.99
N VAL F 176 -13.78 32.92 19.68
CA VAL F 176 -13.46 31.53 19.47
C VAL F 176 -12.49 31.40 18.29
N ILE F 177 -12.85 32.00 17.15
CA ILE F 177 -11.99 32.03 15.98
C ILE F 177 -10.61 32.63 16.33
N ASP F 178 -10.57 33.67 17.17
CA ASP F 178 -9.26 34.26 17.42
C ASP F 178 -8.39 33.37 18.31
N THR F 179 -9.02 32.62 19.22
CA THR F 179 -8.27 31.76 20.12
C THR F 179 -7.73 30.56 19.34
N ILE F 180 -8.56 29.96 18.48
CA ILE F 180 -8.08 28.82 17.72
C ILE F 180 -6.83 29.20 16.94
N LYS F 181 -6.83 30.41 16.37
CA LYS F 181 -5.74 30.96 15.57
C LYS F 181 -4.44 31.23 16.36
N THR F 182 -4.55 31.79 17.58
CA THR F 182 -3.38 32.30 18.26
C THR F 182 -2.95 31.41 19.41
N ASN F 183 -3.91 30.91 20.20
CA ASN F 183 -3.58 29.97 21.27
C ASN F 183 -4.47 28.72 21.23
N PRO F 184 -4.29 27.79 20.25
CA PRO F 184 -5.15 26.61 20.14
C PRO F 184 -5.17 25.65 21.34
N ASP F 185 -4.27 25.82 22.30
CA ASP F 185 -4.18 24.90 23.42
C ASP F 185 -5.05 25.34 24.59
N ASP F 186 -5.68 26.50 24.42
CA ASP F 186 -6.49 27.17 25.43
C ASP F 186 -7.68 26.27 25.80
N ARG F 187 -8.05 26.25 27.09
CA ARG F 187 -9.09 25.35 27.58
C ARG F 187 -10.44 26.06 27.65
N ARG F 188 -10.53 27.29 27.15
CA ARG F 188 -11.64 28.17 27.42
C ARG F 188 -12.37 28.48 26.11
N ILE F 189 -12.23 27.64 25.06
CA ILE F 189 -12.75 28.02 23.76
C ILE F 189 -14.26 27.73 23.70
N ILE F 190 -15.07 28.65 24.26
CA ILE F 190 -16.48 28.40 24.44
C ILE F 190 -17.38 29.49 23.83
N MET F 191 -18.50 29.01 23.24
CA MET F 191 -19.58 29.92 22.90
C MET F 191 -20.82 29.48 23.68
N CYS F 192 -21.36 30.36 24.54
CA CYS F 192 -22.52 30.09 25.38
C CYS F 192 -23.70 30.97 24.94
N ALA F 193 -24.86 30.35 24.67
CA ALA F 193 -26.07 31.08 24.32
C ALA F 193 -27.00 31.23 25.52
N TRP F 194 -26.73 30.51 26.62
CA TRP F 194 -27.62 30.52 27.78
C TRP F 194 -27.34 31.77 28.61
N ASN F 195 -28.31 32.67 28.68
CA ASN F 195 -28.17 33.99 29.29
C ASN F 195 -29.32 34.20 30.28
N PRO F 196 -29.10 33.81 31.54
CA PRO F 196 -30.18 33.82 32.53
C PRO F 196 -30.86 35.18 32.57
N ARG F 197 -30.08 36.25 32.26
CA ARG F 197 -30.54 37.62 32.38
C ARG F 197 -31.53 37.83 31.26
N ASP F 198 -31.22 37.29 30.10
CA ASP F 198 -32.10 37.60 29.00
C ASP F 198 -33.23 36.59 28.80
N LEU F 199 -33.18 35.42 29.47
CA LEU F 199 -34.15 34.36 29.20
C LEU F 199 -35.57 34.90 29.01
N PRO F 200 -36.18 35.70 29.92
CA PRO F 200 -37.56 36.12 29.72
C PRO F 200 -37.84 36.95 28.47
N LEU F 201 -36.80 37.57 27.90
CA LEU F 201 -37.06 38.24 26.65
C LEU F 201 -37.20 37.30 25.45
N MET F 202 -36.72 36.05 25.55
CA MET F 202 -36.61 35.25 24.33
C MET F 202 -37.94 34.54 24.03
N ALA F 203 -38.20 34.32 22.73
CA ALA F 203 -39.32 33.50 22.28
C ALA F 203 -39.18 32.11 22.88
N LEU F 204 -37.95 31.57 22.87
CA LEU F 204 -37.69 30.50 23.79
C LEU F 204 -36.21 30.45 24.08
N PRO F 205 -35.85 29.94 25.28
CA PRO F 205 -34.45 29.83 25.70
C PRO F 205 -33.72 28.90 24.75
N PRO F 206 -32.41 29.07 24.53
CA PRO F 206 -31.68 28.23 23.55
C PRO F 206 -31.70 26.71 23.82
N HIS F 208 -29.90 24.39 22.03
CA HIS F 208 -28.45 24.22 21.95
C HIS F 208 -27.81 25.40 22.68
N ALA F 209 -27.52 25.13 23.96
CA ALA F 209 -27.18 26.08 25.00
C ALA F 209 -25.69 26.51 24.89
N LEU F 210 -24.75 25.58 24.82
CA LEU F 210 -23.33 25.94 24.89
C LEU F 210 -22.45 24.95 24.14
N CYS F 211 -21.46 25.48 23.41
CA CYS F 211 -20.59 24.59 22.67
C CYS F 211 -19.12 24.93 22.93
N GLN F 212 -18.25 23.93 22.73
CA GLN F 212 -16.84 24.05 23.04
C GLN F 212 -16.03 23.45 21.89
N PHE F 213 -14.88 24.06 21.63
CA PHE F 213 -14.01 23.67 20.54
C PHE F 213 -12.67 23.25 21.12
N TYR F 214 -11.97 22.45 20.34
CA TYR F 214 -10.76 21.82 20.79
C TYR F 214 -9.97 21.45 19.54
N VAL F 215 -8.65 21.68 19.63
CA VAL F 215 -7.71 21.43 18.55
C VAL F 215 -6.68 20.39 18.97
N VAL F 216 -6.51 19.36 18.17
CA VAL F 216 -5.45 18.43 18.45
C VAL F 216 -4.89 18.03 17.10
N ASN F 217 -3.58 18.16 16.95
CA ASN F 217 -2.91 17.71 15.74
C ASN F 217 -3.66 18.21 14.50
N SER F 218 -3.93 19.52 14.45
CA SER F 218 -4.44 20.21 13.26
C SER F 218 -5.91 19.93 12.93
N GLU F 219 -6.64 19.20 13.80
CA GLU F 219 -8.07 18.90 13.68
C GLU F 219 -8.89 19.66 14.72
N LEU F 220 -10.06 20.13 14.30
CA LEU F 220 -10.87 20.99 15.14
C LEU F 220 -12.12 20.20 15.50
N SER F 221 -12.42 20.06 16.78
CA SER F 221 -13.62 19.31 17.19
C SER F 221 -14.59 20.21 17.96
N CYS F 222 -15.88 19.81 17.97
CA CYS F 222 -16.89 20.63 18.61
C CYS F 222 -17.68 19.78 19.58
N GLN F 223 -17.88 20.29 20.81
CA GLN F 223 -18.77 19.62 21.73
C GLN F 223 -20.00 20.52 21.98
N LEU F 224 -21.23 19.98 21.75
CA LEU F 224 -22.48 20.69 21.99
C LEU F 224 -23.18 20.14 23.24
N TYR F 225 -23.45 21.02 24.20
CA TYR F 225 -24.36 20.69 25.28
C TYR F 225 -25.75 21.18 24.89
N GLN F 226 -26.62 20.21 24.57
CA GLN F 226 -27.96 20.59 24.20
C GLN F 226 -28.85 20.31 25.39
N ARG F 227 -29.34 21.34 26.10
CA ARG F 227 -30.14 21.16 27.29
C ARG F 227 -31.53 20.62 26.99
N SER F 228 -32.10 20.94 25.83
CA SER F 228 -33.40 20.37 25.41
C SER F 228 -33.34 19.96 23.94
N GLY F 229 -33.86 18.78 23.60
CA GLY F 229 -33.72 18.23 22.25
C GLY F 229 -35.02 17.59 21.74
N ASP F 230 -35.63 18.29 20.77
CA ASP F 230 -36.75 17.87 19.94
C ASP F 230 -36.24 16.79 18.99
N MET F 231 -36.44 15.49 19.34
CA MET F 231 -35.52 14.52 18.71
C MET F 231 -35.87 14.25 17.25
N GLY F 232 -37.18 14.29 16.95
CA GLY F 232 -37.77 14.17 15.63
C GLY F 232 -37.39 15.30 14.67
N LEU F 233 -37.62 16.55 15.13
CA LEU F 233 -37.59 17.75 14.31
C LEU F 233 -36.29 18.58 14.42
N GLY F 234 -35.93 19.03 15.65
CA GLY F 234 -34.82 19.95 15.91
C GLY F 234 -33.51 19.22 15.71
N VAL F 235 -33.44 17.98 16.17
CA VAL F 235 -32.13 17.43 16.40
C VAL F 235 -31.50 17.03 15.09
N PRO F 236 -32.21 16.47 14.08
CA PRO F 236 -31.63 16.31 12.74
C PRO F 236 -31.03 17.64 12.22
N PHE F 237 -31.73 18.76 12.41
CA PHE F 237 -31.14 20.02 11.99
C PHE F 237 -29.90 20.39 12.83
N ASN F 238 -30.01 20.27 14.16
CA ASN F 238 -29.01 20.77 15.11
C ASN F 238 -27.69 20.05 14.84
N ILE F 239 -27.74 18.73 14.63
CA ILE F 239 -26.53 17.97 14.29
C ILE F 239 -25.93 18.56 13.03
N ALA F 240 -26.75 18.74 12.00
CA ALA F 240 -26.24 19.36 10.78
C ALA F 240 -25.66 20.79 11.00
N SER F 241 -26.23 21.64 11.89
CA SER F 241 -25.77 23.03 12.05
C SER F 241 -24.39 23.13 12.71
N TYR F 242 -24.17 22.35 13.77
CA TYR F 242 -22.87 22.37 14.41
C TYR F 242 -21.78 21.75 13.56
N ALA F 243 -22.10 20.72 12.74
CA ALA F 243 -21.12 20.14 11.82
C ALA F 243 -20.69 21.22 10.82
N LEU F 244 -21.71 22.00 10.36
CA LEU F 244 -21.47 23.04 9.36
C LEU F 244 -20.64 24.16 10.00
N LEU F 245 -21.05 24.58 11.23
CA LEU F 245 -20.29 25.60 11.95
C LEU F 245 -18.83 25.15 12.20
N THR F 246 -18.63 23.84 12.53
CA THR F 246 -17.29 23.30 12.68
C THR F 246 -16.50 23.37 11.36
N TYR F 247 -17.14 22.99 10.23
CA TYR F 247 -16.48 23.02 8.93
C TYR F 247 -16.02 24.45 8.61
N MET F 248 -16.91 25.42 8.88
CA MET F 248 -16.70 26.83 8.59
C MET F 248 -15.56 27.36 9.45
N ILE F 249 -15.62 27.10 10.77
CA ILE F 249 -14.55 27.62 11.58
C ILE F 249 -13.23 26.97 11.20
N ALA F 250 -13.26 25.66 10.93
CA ALA F 250 -12.08 24.93 10.51
C ALA F 250 -11.44 25.61 9.29
N HIS F 251 -12.23 25.87 8.26
CA HIS F 251 -11.74 26.39 6.99
C HIS F 251 -11.11 27.77 7.19
N ILE F 252 -11.69 28.60 8.06
CA ILE F 252 -11.16 29.93 8.16
C ILE F 252 -9.92 29.93 9.05
N THR F 253 -9.72 28.90 9.89
CA THR F 253 -8.56 28.85 10.76
C THR F 253 -7.44 27.94 10.18
N GLY F 254 -7.68 27.39 8.98
CA GLY F 254 -6.81 26.46 8.29
C GLY F 254 -6.66 25.11 9.00
N LEU F 255 -7.68 24.64 9.74
CA LEU F 255 -7.66 23.31 10.32
C LEU F 255 -8.64 22.39 9.59
N LYS F 256 -8.48 21.10 9.83
CA LYS F 256 -9.37 20.12 9.23
C LYS F 256 -10.44 19.80 10.28
N PRO F 257 -11.71 19.56 9.89
CA PRO F 257 -12.74 19.17 10.87
C PRO F 257 -12.43 17.80 11.46
N GLY F 258 -12.71 17.62 12.77
CA GLY F 258 -12.46 16.35 13.43
C GLY F 258 -13.74 15.60 13.81
N ASP F 259 -14.14 15.73 15.09
CA ASP F 259 -15.40 15.23 15.60
C ASP F 259 -16.41 16.35 15.96
N PHE F 260 -17.69 16.01 15.85
CA PHE F 260 -18.76 16.66 16.56
C PHE F 260 -19.34 15.71 17.62
N ILE F 261 -19.23 16.11 18.88
CA ILE F 261 -19.74 15.39 20.05
C ILE F 261 -21.03 16.06 20.53
N HIS F 262 -22.11 15.28 20.52
CA HIS F 262 -23.44 15.78 20.79
C HIS F 262 -23.85 15.28 22.17
N THR F 263 -23.96 16.16 23.13
CA THR F 263 -24.42 15.79 24.43
C THR F 263 -25.78 16.44 24.66
N LEU F 264 -26.67 15.58 25.16
CA LEU F 264 -28.06 15.88 25.41
C LEU F 264 -28.35 15.78 26.89
N GLY F 265 -29.22 16.69 27.31
CA GLY F 265 -29.88 16.85 28.59
C GLY F 265 -31.25 16.18 28.45
N ASP F 266 -32.26 17.03 28.27
CA ASP F 266 -33.65 16.61 28.17
C ASP F 266 -33.99 16.27 26.73
N ALA F 267 -34.04 14.98 26.47
CA ALA F 267 -34.22 14.55 25.08
C ALA F 267 -35.64 13.99 24.91
N HIS F 268 -36.42 14.57 23.97
CA HIS F 268 -37.81 14.18 24.01
C HIS F 268 -38.25 13.91 22.62
N ILE F 269 -39.20 12.95 22.53
CA ILE F 269 -40.07 12.79 21.37
C ILE F 269 -41.50 13.25 21.68
N TYR F 270 -42.02 14.21 20.88
CA TYR F 270 -43.46 14.53 20.81
C TYR F 270 -44.27 13.32 20.29
N LEU F 271 -45.48 13.14 20.86
CA LEU F 271 -46.35 11.99 20.63
C LEU F 271 -46.72 11.89 19.16
N ASN F 272 -46.97 13.05 18.51
CA ASN F 272 -47.34 13.10 17.09
C ASN F 272 -46.12 12.76 16.22
N HIS F 273 -44.98 12.56 16.88
CA HIS F 273 -43.77 12.19 16.19
C HIS F 273 -43.54 10.68 16.30
N ILE F 274 -44.21 9.99 17.22
CA ILE F 274 -43.96 8.53 17.36
C ILE F 274 -44.22 7.76 16.06
N GLU F 275 -45.50 7.81 15.56
CA GLU F 275 -45.83 7.04 14.32
C GLU F 275 -44.81 7.41 13.23
N PRO F 276 -44.57 8.70 12.91
CA PRO F 276 -43.60 9.08 11.89
C PRO F 276 -42.21 8.48 12.16
N LEU F 277 -41.68 8.59 13.36
CA LEU F 277 -40.40 7.95 13.64
C LEU F 277 -40.47 6.41 13.55
N LYS F 278 -41.60 5.75 13.92
CA LYS F 278 -41.58 4.30 13.84
C LYS F 278 -41.31 3.96 12.39
N ILE F 279 -41.79 4.79 11.46
CA ILE F 279 -41.47 4.66 10.03
C ILE F 279 -39.99 4.88 9.72
N GLN F 280 -39.41 5.98 10.26
CA GLN F 280 -38.00 6.27 10.04
C GLN F 280 -37.14 5.13 10.53
N LEU F 281 -37.52 4.47 11.62
CA LEU F 281 -36.63 3.48 12.20
C LEU F 281 -36.55 2.25 11.28
N GLN F 282 -37.47 2.10 10.34
CA GLN F 282 -37.44 0.93 9.47
C GLN F 282 -36.41 1.07 8.34
N ARG F 283 -35.81 2.26 8.09
CA ARG F 283 -34.98 2.46 6.92
C ARG F 283 -33.51 2.30 7.27
N GLU F 284 -32.76 1.58 6.43
CA GLU F 284 -31.33 1.44 6.59
C GLU F 284 -30.65 2.75 6.17
N PRO F 285 -29.63 3.28 6.90
CA PRO F 285 -28.94 4.47 6.44
C PRO F 285 -28.13 4.24 5.18
N ARG F 286 -28.13 5.26 4.31
CA ARG F 286 -27.24 5.40 3.18
C ARG F 286 -25.97 6.09 3.67
N PRO F 287 -24.76 5.77 3.18
CA PRO F 287 -23.55 6.52 3.53
C PRO F 287 -23.73 8.02 3.41
N PHE F 288 -23.26 8.75 4.44
CA PHE F 288 -23.31 10.20 4.58
C PHE F 288 -22.68 10.96 3.38
N PRO F 289 -23.20 12.16 3.02
CA PRO F 289 -22.54 12.97 1.99
C PRO F 289 -21.23 13.60 2.48
N LYS F 290 -20.71 14.45 1.58
CA LYS F 290 -19.56 15.30 1.80
C LYS F 290 -20.05 16.73 1.66
N LEU F 291 -19.36 17.63 2.34
CA LEU F 291 -19.62 19.04 2.22
C LEU F 291 -18.39 19.65 1.59
N ARG F 292 -18.57 20.32 0.44
CA ARG F 292 -17.47 21.07 -0.15
C ARG F 292 -17.77 22.56 0.01
N ILE F 293 -16.73 23.28 0.45
CA ILE F 293 -16.68 24.73 0.44
C ILE F 293 -15.97 25.14 -0.85
N LEU F 294 -16.57 26.07 -1.58
CA LEU F 294 -16.29 26.27 -3.00
C LEU F 294 -15.31 27.40 -3.28
N ARG F 295 -15.05 28.28 -2.32
CA ARG F 295 -13.98 29.25 -2.51
C ARG F 295 -13.24 29.40 -1.20
N LYS F 296 -11.96 29.78 -1.27
CA LYS F 296 -11.22 30.30 -0.14
C LYS F 296 -12.05 31.43 0.48
N VAL F 297 -12.30 31.42 1.80
CA VAL F 297 -12.97 32.48 2.56
C VAL F 297 -12.14 32.80 3.81
N GLU F 298 -12.05 34.08 4.19
CA GLU F 298 -11.09 34.49 5.22
C GLU F 298 -11.79 34.80 6.55
N LYS F 299 -13.05 35.26 6.50
CA LYS F 299 -13.72 35.70 7.70
C LYS F 299 -15.11 35.10 7.75
N ILE F 300 -15.58 34.79 8.95
CA ILE F 300 -16.81 34.02 9.15
C ILE F 300 -18.00 34.80 8.55
N ASP F 301 -17.98 36.12 8.72
CA ASP F 301 -19.06 36.97 8.24
C ASP F 301 -19.12 36.97 6.72
N ASP F 302 -18.17 36.36 6.00
CA ASP F 302 -18.15 36.49 4.54
C ASP F 302 -18.73 35.28 3.83
N PHE F 303 -18.97 34.18 4.55
CA PHE F 303 -19.58 33.00 3.96
C PHE F 303 -21.01 33.29 3.43
N LYS F 304 -21.26 32.78 2.22
CA LYS F 304 -22.53 32.92 1.53
C LYS F 304 -23.08 31.51 1.27
N ALA F 305 -24.40 31.39 1.21
CA ALA F 305 -25.08 30.14 0.92
C ALA F 305 -24.55 29.49 -0.35
N GLU F 306 -23.94 30.28 -1.23
CA GLU F 306 -23.52 29.84 -2.55
C GLU F 306 -22.16 29.14 -2.45
N ASP F 307 -21.46 29.35 -1.32
CA ASP F 307 -20.12 28.84 -1.13
C ASP F 307 -20.13 27.37 -0.71
N PHE F 308 -21.31 26.75 -0.59
CA PHE F 308 -21.41 25.36 -0.13
C PHE F 308 -22.23 24.52 -1.10
N GLN F 309 -21.88 23.24 -1.20
CA GLN F 309 -22.72 22.26 -1.86
C GLN F 309 -22.53 20.92 -1.17
N ILE F 310 -23.64 20.26 -0.82
CA ILE F 310 -23.61 18.92 -0.24
C ILE F 310 -23.50 17.93 -1.39
N GLU F 311 -22.43 17.11 -1.39
CA GLU F 311 -22.20 16.21 -2.52
C GLU F 311 -22.61 14.79 -2.14
N GLY F 312 -23.43 14.11 -2.93
CA GLY F 312 -23.67 12.69 -2.71
C GLY F 312 -24.77 12.39 -1.68
N TYR F 313 -25.83 13.18 -1.61
CA TYR F 313 -26.77 12.96 -0.53
C TYR F 313 -27.92 12.17 -1.12
N ASN F 314 -28.14 10.94 -0.65
CA ASN F 314 -29.22 10.13 -1.18
C ASN F 314 -30.19 9.73 -0.08
N PRO F 315 -30.89 10.68 0.58
CA PRO F 315 -31.77 10.30 1.70
C PRO F 315 -32.97 9.46 1.23
N HIS F 316 -33.60 8.73 2.16
CA HIS F 316 -34.94 8.23 1.92
C HIS F 316 -35.91 9.41 1.86
N PRO F 317 -37.18 9.17 1.47
CA PRO F 317 -38.15 10.26 1.34
C PRO F 317 -38.36 11.06 2.63
N THR F 318 -38.80 12.32 2.47
CA THR F 318 -39.27 13.25 3.48
C THR F 318 -40.29 12.57 4.40
N ILE F 319 -40.15 12.77 5.72
CA ILE F 319 -41.25 12.43 6.62
C ILE F 319 -41.80 13.70 7.24
N LYS F 320 -43.07 14.05 6.90
CA LYS F 320 -43.84 15.12 7.54
C LYS F 320 -43.92 14.94 9.07
N MET F 321 -43.41 15.94 9.78
CA MET F 321 -43.63 16.05 11.20
C MET F 321 -44.02 17.49 11.58
N GLU F 322 -45.08 17.58 12.38
CA GLU F 322 -45.58 18.86 12.80
C GLU F 322 -44.73 19.38 13.97
N MET F 323 -44.51 20.69 13.94
CA MET F 323 -43.70 21.35 14.92
C MET F 323 -44.58 21.62 16.12
N ALA F 324 -44.04 21.47 17.32
CA ALA F 324 -44.79 21.81 18.53
C ALA F 324 -44.51 23.28 18.80
N VAL F 325 -45.52 24.12 18.74
CA VAL F 325 -45.28 25.57 18.97
C VAL F 325 -45.39 25.87 20.47
N PRO G 38 5.60 -40.37 -30.42
CA PRO G 38 6.11 -38.97 -30.56
C PRO G 38 5.13 -38.02 -31.28
N PRO G 39 4.80 -36.82 -30.71
CA PRO G 39 4.05 -35.78 -31.45
C PRO G 39 4.70 -35.23 -32.74
N HIS G 40 3.90 -34.48 -33.48
CA HIS G 40 4.41 -33.90 -34.71
C HIS G 40 5.29 -32.71 -34.32
N GLY G 41 6.51 -32.67 -34.87
CA GLY G 41 7.41 -31.56 -34.59
C GLY G 41 6.77 -30.19 -34.88
N GLU G 42 5.78 -30.08 -35.78
CA GLU G 42 5.24 -28.77 -36.16
C GLU G 42 4.43 -28.15 -35.02
N LEU G 43 4.02 -28.99 -34.06
CA LEU G 43 3.28 -28.52 -32.91
C LEU G 43 4.17 -27.63 -32.02
N GLN G 44 5.48 -27.75 -32.16
CA GLN G 44 6.35 -26.88 -31.39
C GLN G 44 6.26 -25.45 -31.94
N TYR G 45 6.44 -25.36 -33.27
CA TYR G 45 6.22 -24.09 -33.94
C TYR G 45 4.87 -23.50 -33.55
N LEU G 46 3.77 -24.25 -33.74
CA LEU G 46 2.43 -23.68 -33.64
C LEU G 46 2.17 -23.24 -32.21
N GLY G 47 2.69 -24.03 -31.26
CA GLY G 47 2.73 -23.73 -29.83
C GLY G 47 3.47 -22.43 -29.53
N GLN G 48 4.56 -22.19 -30.27
CA GLN G 48 5.35 -20.98 -30.06
C GLN G 48 4.52 -19.75 -30.45
N ILE G 49 4.01 -19.81 -31.68
CA ILE G 49 3.04 -18.88 -32.22
C ILE G 49 1.93 -18.61 -31.21
N GLN G 50 1.35 -19.68 -30.67
CA GLN G 50 0.22 -19.50 -29.79
C GLN G 50 0.65 -18.81 -28.49
N HIS G 51 1.82 -19.19 -27.97
CA HIS G 51 2.25 -18.59 -26.74
C HIS G 51 2.49 -17.08 -26.99
N ILE G 52 3.08 -16.75 -28.14
CA ILE G 52 3.35 -15.34 -28.32
C ILE G 52 2.05 -14.52 -28.41
N LEU G 53 1.02 -15.02 -29.14
CA LEU G 53 -0.20 -14.26 -29.27
C LEU G 53 -0.84 -14.07 -27.90
N ARG G 54 -0.77 -15.13 -27.10
CA ARG G 54 -1.42 -15.11 -25.80
C ARG G 54 -0.62 -14.28 -24.81
N GLY G 56 2.77 -12.62 -25.47
CA GLY G 56 3.84 -11.72 -25.87
C GLY G 56 3.59 -10.28 -25.41
N VAL G 57 4.65 -9.49 -25.22
CA VAL G 57 4.39 -8.08 -24.96
C VAL G 57 4.55 -7.24 -26.22
N ARG G 58 3.75 -6.18 -26.30
CA ARG G 58 3.75 -5.29 -27.44
C ARG G 58 4.95 -4.33 -27.34
N LYS G 59 5.76 -4.25 -28.41
CA LYS G 59 6.81 -3.23 -28.50
C LYS G 59 6.71 -2.46 -29.81
N ASP G 60 7.18 -1.18 -29.84
CA ASP G 60 7.46 -0.44 -31.08
C ASP G 60 8.73 -1.06 -31.64
N ASP G 61 8.83 -1.19 -32.95
CA ASP G 61 10.11 -1.76 -33.36
C ASP G 61 10.73 -0.87 -34.42
N ARG G 62 11.94 -1.24 -34.83
CA ARG G 62 12.72 -0.47 -35.84
C ARG G 62 12.02 -0.48 -37.21
N THR G 63 11.01 -1.34 -37.44
CA THR G 63 10.43 -1.29 -38.77
C THR G 63 9.21 -0.38 -38.83
N GLY G 64 8.71 0.05 -37.65
CA GLY G 64 7.43 0.72 -37.51
C GLY G 64 6.17 -0.17 -37.49
N THR G 65 6.25 -1.50 -37.43
CA THR G 65 5.01 -2.27 -37.47
C THR G 65 4.47 -2.49 -36.06
N GLY G 66 5.38 -2.64 -35.08
CA GLY G 66 5.01 -3.08 -33.75
C GLY G 66 5.05 -4.59 -33.69
N THR G 67 5.41 -5.12 -32.55
CA THR G 67 5.42 -6.57 -32.42
C THR G 67 4.79 -7.02 -31.12
N LEU G 68 4.48 -8.31 -31.09
CA LEU G 68 4.27 -9.08 -29.89
C LEU G 68 5.52 -9.95 -29.72
N SER G 69 6.11 -9.92 -28.52
CA SER G 69 7.38 -10.58 -28.37
C SER G 69 7.59 -11.27 -27.00
N VAL G 70 8.34 -12.37 -27.07
CA VAL G 70 8.76 -13.18 -25.95
C VAL G 70 10.28 -13.46 -26.06
N PHE G 71 10.95 -13.66 -24.94
CA PHE G 71 12.40 -13.93 -24.95
C PHE G 71 12.70 -15.35 -24.46
N GLY G 72 13.44 -16.14 -25.23
CA GLY G 72 14.00 -17.43 -24.82
C GLY G 72 13.13 -18.64 -25.09
N MET G 73 12.95 -19.06 -26.34
CA MET G 73 12.27 -20.32 -26.63
C MET G 73 13.22 -21.37 -27.20
N ARG G 74 12.69 -22.58 -27.45
CA ARG G 74 13.55 -23.66 -28.01
C ARG G 74 12.73 -24.87 -28.44
N ALA G 75 12.86 -25.28 -29.70
CA ALA G 75 12.20 -26.46 -30.26
C ALA G 75 13.26 -27.42 -30.79
N ARG G 76 12.93 -28.72 -30.76
CA ARG G 76 13.82 -29.81 -31.25
C ARG G 76 13.12 -30.48 -32.42
N TYR G 77 13.58 -30.22 -33.65
CA TYR G 77 12.97 -30.74 -34.86
C TYR G 77 13.76 -31.97 -35.26
N SER G 78 13.09 -33.11 -35.30
CA SER G 78 13.74 -34.31 -35.84
C SER G 78 14.00 -34.27 -37.37
N LEU G 79 15.17 -34.79 -37.79
CA LEU G 79 15.60 -34.88 -39.19
C LEU G 79 15.72 -36.36 -39.54
N ARG G 80 15.44 -37.23 -38.57
CA ARG G 80 15.48 -38.66 -38.80
C ARG G 80 14.34 -39.09 -39.73
N ASP G 81 14.65 -39.38 -40.99
CA ASP G 81 13.67 -40.07 -41.77
C ASP G 81 12.56 -39.10 -42.17
N GLU G 82 12.84 -37.80 -42.12
CA GLU G 82 11.84 -36.78 -42.43
C GLU G 82 12.53 -35.42 -42.51
N PHE G 83 11.85 -34.46 -43.13
CA PHE G 83 12.30 -33.08 -43.21
C PHE G 83 11.20 -32.08 -42.78
N PRO G 84 11.49 -31.20 -41.76
CA PRO G 84 10.47 -30.37 -41.15
C PRO G 84 10.31 -29.13 -42.03
N LEU G 85 9.72 -29.34 -43.21
CA LEU G 85 9.13 -28.22 -43.95
C LEU G 85 7.68 -28.04 -43.46
N LEU G 86 7.30 -26.88 -42.90
CA LEU G 86 5.98 -26.77 -42.27
C LEU G 86 4.85 -27.09 -43.23
N THR G 87 3.73 -27.59 -42.68
CA THR G 87 2.64 -28.14 -43.48
C THR G 87 1.35 -27.35 -43.27
N THR G 88 1.35 -26.44 -42.33
CA THR G 88 0.15 -25.72 -41.97
C THR G 88 0.04 -24.49 -42.87
N LYS G 89 1.03 -24.30 -43.73
CA LYS G 89 0.93 -23.35 -44.84
C LYS G 89 1.98 -23.83 -45.84
N ARG G 90 1.80 -23.48 -47.11
CA ARG G 90 2.83 -23.82 -48.08
C ARG G 90 4.05 -22.90 -47.92
N VAL G 91 5.20 -23.49 -47.61
CA VAL G 91 6.45 -22.75 -47.48
C VAL G 91 7.12 -22.80 -48.84
N PHE G 92 7.57 -21.62 -49.29
CA PHE G 92 8.24 -21.48 -50.59
C PHE G 92 9.59 -22.21 -50.60
N TRP G 93 9.59 -23.54 -50.82
CA TRP G 93 10.81 -24.34 -50.75
C TRP G 93 11.95 -23.79 -51.62
N LYS G 94 11.68 -23.51 -52.90
CA LYS G 94 12.63 -22.94 -53.85
C LYS G 94 13.42 -21.78 -53.24
N GLY G 95 12.70 -20.89 -52.54
CA GLY G 95 13.23 -19.82 -51.70
C GLY G 95 14.27 -20.27 -50.67
N VAL G 96 13.98 -21.32 -49.89
CA VAL G 96 14.89 -21.85 -48.88
C VAL G 96 16.18 -22.38 -49.52
N LEU G 97 15.95 -23.20 -50.56
CA LEU G 97 17.01 -23.87 -51.31
C LEU G 97 17.92 -22.86 -52.01
N GLU G 98 17.29 -21.92 -52.71
CA GLU G 98 18.05 -20.92 -53.44
C GLU G 98 18.84 -20.03 -52.47
N GLU G 99 18.25 -19.65 -51.33
CA GLU G 99 18.88 -18.74 -50.40
C GLU G 99 20.03 -19.46 -49.69
N LEU G 100 19.89 -20.78 -49.43
CA LEU G 100 21.03 -21.45 -48.81
C LEU G 100 22.22 -21.49 -49.77
N LEU G 101 21.96 -21.91 -51.01
CA LEU G 101 23.03 -21.99 -51.99
C LEU G 101 23.70 -20.60 -52.17
N TRP G 102 22.89 -19.54 -52.18
CA TRP G 102 23.36 -18.18 -52.27
C TRP G 102 24.32 -17.96 -51.08
N PHE G 103 23.92 -18.28 -49.84
CA PHE G 103 24.80 -18.10 -48.67
C PHE G 103 26.07 -18.95 -48.82
N ILE G 104 25.96 -20.20 -49.28
CA ILE G 104 27.09 -21.12 -49.38
C ILE G 104 28.15 -20.54 -50.29
N LYS G 105 27.73 -19.79 -51.29
CA LYS G 105 28.72 -19.38 -52.26
C LYS G 105 29.29 -18.02 -51.88
N GLY G 106 28.75 -17.43 -50.80
CA GLY G 106 29.40 -16.30 -50.17
C GLY G 106 28.99 -14.95 -50.75
N SER G 107 27.92 -14.96 -51.57
CA SER G 107 27.25 -13.79 -52.12
C SER G 107 26.68 -12.85 -51.05
N THR G 108 26.82 -11.54 -51.30
CA THR G 108 26.27 -10.47 -50.47
C THR G 108 25.44 -9.55 -51.36
N ASN G 109 25.01 -10.07 -52.53
CA ASN G 109 24.33 -9.35 -53.60
C ASN G 109 22.87 -9.82 -53.71
N ALA G 110 21.94 -9.06 -53.12
CA ALA G 110 20.53 -9.38 -53.24
C ALA G 110 20.14 -9.77 -54.67
N LYS G 111 20.79 -9.20 -55.69
CA LYS G 111 20.40 -9.41 -57.08
C LYS G 111 20.68 -10.82 -57.60
N GLU G 112 21.78 -11.46 -57.16
CA GLU G 112 22.16 -12.80 -57.60
C GLU G 112 21.17 -13.86 -57.11
N LEU G 113 20.51 -13.63 -55.96
CA LEU G 113 19.42 -14.46 -55.46
C LEU G 113 18.14 -14.16 -56.20
N SER G 114 17.84 -12.86 -56.38
CA SER G 114 16.72 -12.28 -57.11
C SER G 114 16.59 -12.87 -58.52
N SER G 115 17.74 -13.18 -59.12
CA SER G 115 17.80 -13.65 -60.49
C SER G 115 17.48 -15.15 -60.54
N LYS G 116 17.40 -15.81 -59.36
CA LYS G 116 16.96 -17.20 -59.37
C LYS G 116 15.47 -17.34 -59.11
N GLY G 117 14.75 -16.21 -59.19
CA GLY G 117 13.31 -16.16 -58.96
C GLY G 117 12.95 -16.14 -57.46
N VAL G 118 13.86 -15.66 -56.62
CA VAL G 118 13.66 -15.62 -55.18
C VAL G 118 13.87 -14.17 -54.78
N LYS G 119 12.85 -13.55 -54.16
CA LYS G 119 12.81 -12.09 -54.08
C LYS G 119 13.03 -11.68 -52.63
N ILE G 120 13.11 -12.68 -51.76
CA ILE G 120 13.00 -12.38 -50.36
C ILE G 120 13.97 -11.27 -49.94
N TRP G 121 15.22 -11.21 -50.48
CA TRP G 121 16.20 -10.25 -49.96
C TRP G 121 16.21 -8.90 -50.71
N ASP G 122 15.32 -8.70 -51.69
CA ASP G 122 15.32 -7.52 -52.55
C ASP G 122 14.99 -6.24 -51.79
N ALA G 123 14.07 -6.33 -50.84
CA ALA G 123 13.67 -5.10 -50.19
C ALA G 123 14.81 -4.59 -49.32
N ASN G 124 15.68 -5.50 -48.88
CA ASN G 124 16.71 -5.19 -47.90
C ASN G 124 17.93 -4.64 -48.64
N GLY G 125 17.93 -4.78 -49.97
CA GLY G 125 19.08 -4.39 -50.78
C GLY G 125 18.82 -3.17 -51.65
N SER G 126 17.60 -2.64 -51.51
CA SER G 126 17.11 -1.53 -52.30
C SER G 126 17.76 -0.21 -51.88
N ARG G 127 17.74 0.71 -52.85
CA ARG G 127 18.22 2.10 -52.78
C ARG G 127 17.65 2.85 -51.56
N ASP G 128 16.31 2.89 -51.43
CA ASP G 128 15.67 3.52 -50.29
C ASP G 128 16.06 2.84 -48.98
N PHE G 129 16.13 1.49 -48.95
CA PHE G 129 16.57 0.85 -47.71
C PHE G 129 18.05 1.17 -47.41
N LEU G 130 18.93 1.01 -48.42
CA LEU G 130 20.36 1.37 -48.32
C LEU G 130 20.60 2.84 -47.95
N ASP G 131 19.91 3.80 -48.61
CA ASP G 131 20.04 5.21 -48.29
C ASP G 131 19.67 5.46 -46.82
N SER G 132 18.62 4.76 -46.34
CA SER G 132 17.99 4.94 -45.03
C SER G 132 19.00 4.66 -43.91
N LEU G 133 19.98 3.81 -44.23
CA LEU G 133 21.07 3.47 -43.33
C LEU G 133 22.30 4.33 -43.63
N GLY G 134 22.21 5.27 -44.58
CA GLY G 134 23.35 6.08 -44.97
C GLY G 134 24.33 5.44 -45.95
N PHE G 135 24.13 4.20 -46.43
CA PHE G 135 24.99 3.58 -47.45
C PHE G 135 24.72 4.11 -48.85
N SER G 136 24.91 5.43 -49.03
CA SER G 136 24.56 6.25 -50.18
C SER G 136 25.39 5.96 -51.44
N THR G 137 26.56 5.30 -51.35
CA THR G 137 27.44 5.17 -52.52
C THR G 137 27.64 3.73 -52.99
N ARG G 138 27.02 2.75 -52.32
CA ARG G 138 27.14 1.36 -52.72
C ARG G 138 26.04 0.98 -53.71
N GLU G 139 26.31 -0.06 -54.51
CA GLU G 139 25.36 -0.49 -55.54
C GLU G 139 24.08 -1.00 -54.88
N GLU G 140 22.92 -0.63 -55.45
CA GLU G 140 21.67 -1.30 -55.17
C GLU G 140 21.90 -2.80 -55.26
N GLY G 141 21.57 -3.47 -54.14
CA GLY G 141 21.75 -4.90 -54.03
C GLY G 141 22.92 -5.27 -53.12
N ASP G 142 23.84 -4.34 -52.84
CA ASP G 142 24.95 -4.63 -51.94
C ASP G 142 24.47 -4.64 -50.47
N LEU G 143 24.37 -5.82 -49.85
CA LEU G 143 23.86 -5.99 -48.48
C LEU G 143 24.93 -5.75 -47.42
N GLY G 144 26.17 -5.65 -47.88
CA GLY G 144 27.26 -5.56 -46.96
C GLY G 144 27.70 -6.97 -46.63
N PRO G 145 28.49 -7.11 -45.54
CA PRO G 145 29.08 -8.41 -45.21
C PRO G 145 28.13 -9.23 -44.35
N VAL G 146 27.03 -9.69 -44.93
CA VAL G 146 26.08 -10.55 -44.24
C VAL G 146 26.45 -12.01 -44.44
N TYR G 147 25.58 -12.95 -43.97
CA TYR G 147 25.85 -14.38 -43.76
C TYR G 147 26.86 -14.99 -44.76
N GLY G 148 26.54 -14.97 -46.07
CA GLY G 148 27.47 -15.38 -47.12
C GLY G 148 28.92 -14.95 -46.82
N PHE G 149 29.15 -13.66 -46.70
CA PHE G 149 30.45 -13.14 -46.40
C PHE G 149 31.05 -13.83 -45.19
N GLN G 150 30.36 -13.90 -44.05
CA GLN G 150 30.96 -14.37 -42.79
C GLN G 150 31.20 -15.90 -42.67
N TRP G 151 30.43 -16.73 -43.40
CA TRP G 151 30.58 -18.19 -43.41
C TRP G 151 31.86 -18.59 -44.14
N ARG G 152 32.29 -17.84 -45.16
CA ARG G 152 33.48 -18.30 -45.94
C ARG G 152 34.63 -17.30 -45.90
N HIS G 153 34.38 -16.09 -45.40
CA HIS G 153 35.41 -15.05 -45.33
C HIS G 153 35.48 -14.34 -43.95
N PHE G 154 35.01 -14.94 -42.84
CA PHE G 154 34.97 -14.20 -41.58
C PHE G 154 36.30 -13.48 -41.36
N GLY G 155 36.26 -12.17 -41.14
CA GLY G 155 37.50 -11.48 -40.80
C GLY G 155 38.25 -10.78 -41.95
N ALA G 156 37.93 -11.11 -43.20
CA ALA G 156 38.42 -10.30 -44.30
C ALA G 156 37.78 -8.90 -44.26
N GLU G 157 38.51 -7.87 -44.76
CA GLU G 157 38.02 -6.51 -45.02
C GLU G 157 37.05 -6.50 -46.21
N TYR G 158 35.80 -6.10 -45.89
CA TYR G 158 34.73 -6.07 -46.87
C TYR G 158 34.90 -4.84 -47.77
N ARG G 159 34.94 -5.09 -49.08
CA ARG G 159 35.08 -4.02 -50.05
C ARG G 159 33.71 -3.74 -50.68
N ASP G 160 33.38 -4.43 -51.78
CA ASP G 160 31.99 -4.41 -52.22
C ASP G 160 31.57 -5.82 -52.64
N MET G 161 30.31 -5.94 -53.05
CA MET G 161 29.65 -7.20 -53.32
C MET G 161 30.27 -7.90 -54.52
N GLU G 162 30.98 -7.18 -55.44
CA GLU G 162 31.50 -7.80 -56.66
C GLU G 162 32.99 -8.19 -56.49
N SER G 163 33.57 -7.86 -55.33
CA SER G 163 34.98 -8.12 -55.02
C SER G 163 35.30 -9.61 -54.97
N ASP G 164 36.57 -9.89 -55.32
CA ASP G 164 37.15 -11.20 -55.15
C ASP G 164 37.75 -11.34 -53.76
N TYR G 165 37.32 -12.38 -53.03
CA TYR G 165 37.69 -12.67 -51.65
C TYR G 165 38.29 -14.08 -51.48
N SER G 166 38.71 -14.70 -52.58
CA SER G 166 39.32 -16.02 -52.56
C SER G 166 40.52 -16.03 -51.60
N GLY G 167 40.55 -17.04 -50.73
CA GLY G 167 41.67 -17.23 -49.82
C GLY G 167 41.66 -16.28 -48.63
N GLN G 168 40.70 -15.34 -48.60
CA GLN G 168 40.65 -14.32 -47.54
C GLN G 168 39.64 -14.68 -46.44
N GLY G 169 40.02 -14.28 -45.22
CA GLY G 169 39.25 -14.52 -44.02
C GLY G 169 39.22 -16.00 -43.62
N VAL G 170 38.44 -16.28 -42.58
CA VAL G 170 38.28 -17.64 -42.10
C VAL G 170 37.08 -18.30 -42.77
N ASP G 171 37.37 -19.40 -43.46
CA ASP G 171 36.29 -20.11 -44.11
C ASP G 171 35.69 -21.05 -43.07
N GLN G 172 34.66 -20.59 -42.33
CA GLN G 172 34.22 -21.34 -41.15
C GLN G 172 33.44 -22.57 -41.60
N LEU G 173 32.75 -22.47 -42.74
CA LEU G 173 31.91 -23.58 -43.20
C LEU G 173 32.75 -24.83 -43.54
N GLN G 174 33.89 -24.60 -44.22
CA GLN G 174 34.78 -25.67 -44.62
C GLN G 174 35.46 -26.22 -43.37
N ARG G 175 35.69 -25.38 -42.35
CA ARG G 175 36.32 -25.84 -41.12
C ARG G 175 35.45 -26.86 -40.39
N VAL G 176 34.16 -26.57 -40.45
CA VAL G 176 33.15 -27.37 -39.80
C VAL G 176 33.15 -28.75 -40.42
N ILE G 177 33.11 -28.78 -41.76
CA ILE G 177 33.10 -30.01 -42.56
C ILE G 177 34.39 -30.77 -42.25
N ASP G 178 35.54 -30.06 -42.19
CA ASP G 178 36.82 -30.73 -42.04
C ASP G 178 36.89 -31.38 -40.66
N THR G 179 36.40 -30.67 -39.63
CA THR G 179 36.42 -31.20 -38.28
C THR G 179 35.49 -32.39 -38.17
N ILE G 180 34.29 -32.38 -38.79
CA ILE G 180 33.40 -33.51 -38.61
C ILE G 180 34.11 -34.77 -39.10
N LYS G 181 34.81 -34.64 -40.25
CA LYS G 181 35.36 -35.76 -41.00
C LYS G 181 36.53 -36.35 -40.23
N THR G 182 37.37 -35.47 -39.67
CA THR G 182 38.67 -35.91 -39.19
C THR G 182 38.61 -35.99 -37.67
N ASN G 183 37.83 -35.15 -36.98
CA ASN G 183 37.83 -35.21 -35.53
C ASN G 183 36.42 -34.99 -34.98
N PRO G 184 35.44 -35.92 -35.15
CA PRO G 184 34.07 -35.55 -34.81
C PRO G 184 33.84 -35.33 -33.31
N ASP G 185 34.74 -35.64 -32.44
CA ASP G 185 34.72 -35.54 -30.96
C ASP G 185 34.84 -34.07 -30.50
N ASP G 186 35.49 -33.25 -31.40
CA ASP G 186 35.82 -31.86 -31.15
C ASP G 186 34.60 -31.11 -30.58
N ARG G 187 34.81 -30.23 -29.62
CA ARG G 187 33.67 -29.52 -29.03
C ARG G 187 33.60 -28.07 -29.54
N ARG G 188 34.31 -27.77 -30.63
CA ARG G 188 34.36 -26.38 -31.17
C ARG G 188 33.92 -26.33 -32.64
N ILE G 189 32.92 -27.12 -33.02
CA ILE G 189 32.36 -27.13 -34.41
C ILE G 189 31.29 -26.05 -34.52
N ILE G 190 31.69 -24.84 -34.82
CA ILE G 190 30.77 -23.73 -34.73
C ILE G 190 30.98 -22.83 -35.95
N MET G 191 29.87 -22.29 -36.45
CA MET G 191 29.94 -21.28 -37.49
C MET G 191 29.22 -20.04 -36.97
N CYS G 192 29.87 -18.88 -37.03
CA CYS G 192 29.31 -17.71 -36.40
C CYS G 192 29.18 -16.52 -37.35
N ALA G 193 27.96 -16.14 -37.73
CA ALA G 193 27.60 -14.97 -38.54
C ALA G 193 27.78 -13.63 -37.80
N TRP G 194 27.80 -13.67 -36.47
CA TRP G 194 27.77 -12.43 -35.68
C TRP G 194 29.13 -11.71 -35.58
N ASN G 195 29.32 -10.72 -36.45
CA ASN G 195 30.63 -10.10 -36.61
C ASN G 195 30.49 -8.66 -36.14
N PRO G 196 30.73 -8.38 -34.83
CA PRO G 196 30.63 -7.01 -34.30
C PRO G 196 31.46 -6.00 -35.12
N ARG G 197 32.65 -6.39 -35.59
CA ARG G 197 33.53 -5.46 -36.36
C ARG G 197 32.88 -5.07 -37.70
N ASP G 198 32.01 -5.95 -38.22
CA ASP G 198 31.33 -5.80 -39.48
C ASP G 198 29.93 -5.19 -39.28
N LEU G 199 29.38 -5.12 -38.03
CA LEU G 199 27.95 -4.85 -37.90
C LEU G 199 27.57 -3.56 -38.63
N PRO G 200 28.33 -2.44 -38.52
CA PRO G 200 27.88 -1.19 -39.13
C PRO G 200 27.83 -1.13 -40.66
N LEU G 201 28.35 -2.19 -41.34
CA LEU G 201 28.36 -2.27 -42.79
C LEU G 201 27.18 -3.06 -43.31
N MET G 202 26.56 -3.90 -42.50
CA MET G 202 25.55 -4.83 -42.96
C MET G 202 24.20 -4.17 -43.22
N ALA G 203 23.52 -4.52 -44.30
CA ALA G 203 22.18 -4.03 -44.48
C ALA G 203 21.37 -4.51 -43.28
N LEU G 204 21.68 -5.72 -42.81
CA LEU G 204 21.02 -6.25 -41.64
C LEU G 204 21.94 -7.16 -40.79
N PRO G 205 21.99 -7.05 -39.45
CA PRO G 205 22.73 -8.03 -38.65
C PRO G 205 22.07 -9.42 -38.65
N PRO G 206 22.88 -10.49 -38.57
CA PRO G 206 22.34 -11.86 -38.61
C PRO G 206 21.21 -12.06 -37.61
N HIS G 208 19.82 -15.32 -37.72
CA HIS G 208 20.39 -16.57 -37.30
C HIS G 208 21.90 -16.38 -37.12
N ALA G 209 22.35 -16.33 -35.86
CA ALA G 209 23.58 -15.68 -35.42
C ALA G 209 24.75 -16.65 -35.29
N LEU G 210 24.53 -17.83 -34.74
CA LEU G 210 25.54 -18.88 -34.69
C LEU G 210 24.93 -20.26 -34.52
N CYS G 211 25.58 -21.24 -35.13
CA CYS G 211 25.13 -22.61 -35.01
C CYS G 211 26.33 -23.52 -34.75
N GLN G 212 25.99 -24.72 -34.25
CA GLN G 212 26.94 -25.66 -33.71
C GLN G 212 26.55 -27.02 -34.20
N PHE G 213 27.54 -27.85 -34.47
CA PHE G 213 27.33 -29.22 -34.97
C PHE G 213 27.91 -30.17 -33.95
N TYR G 214 27.36 -31.37 -33.89
CA TYR G 214 27.75 -32.35 -32.90
C TYR G 214 27.49 -33.74 -33.47
N VAL G 215 28.35 -34.69 -33.10
CA VAL G 215 28.17 -36.03 -33.60
C VAL G 215 28.14 -37.01 -32.42
N VAL G 216 27.20 -37.97 -32.47
CA VAL G 216 27.14 -39.13 -31.58
C VAL G 216 26.77 -40.31 -32.48
N ASN G 217 27.62 -41.37 -32.44
CA ASN G 217 27.35 -42.66 -33.03
C ASN G 217 26.82 -42.43 -34.46
N SER G 218 27.62 -41.76 -35.32
CA SER G 218 27.36 -41.53 -36.75
C SER G 218 26.14 -40.64 -37.03
N GLU G 219 25.66 -39.96 -36.00
CA GLU G 219 24.51 -39.03 -36.08
C GLU G 219 24.98 -37.59 -35.84
N LEU G 220 24.65 -36.71 -36.79
CA LEU G 220 24.97 -35.28 -36.79
C LEU G 220 23.75 -34.45 -36.45
N SER G 221 23.91 -33.62 -35.40
CA SER G 221 22.84 -32.66 -35.04
C SER G 221 23.35 -31.21 -35.07
N CYS G 222 22.48 -30.23 -35.30
CA CYS G 222 22.89 -28.83 -35.35
C CYS G 222 22.06 -28.09 -34.29
N GLN G 223 22.65 -27.08 -33.66
CA GLN G 223 21.86 -26.16 -32.82
C GLN G 223 22.04 -24.74 -33.38
N LEU G 224 20.93 -24.01 -33.57
CA LEU G 224 21.03 -22.62 -34.02
C LEU G 224 20.67 -21.73 -32.84
N TYR G 225 21.52 -20.72 -32.64
CA TYR G 225 21.15 -19.62 -31.77
C TYR G 225 20.62 -18.50 -32.64
N GLN G 226 19.30 -18.39 -32.68
CA GLN G 226 18.65 -17.35 -33.45
C GLN G 226 18.35 -16.14 -32.55
N ARG G 227 19.12 -15.07 -32.67
CA ARG G 227 18.99 -13.95 -31.74
C ARG G 227 17.67 -13.17 -31.96
N SER G 228 17.10 -13.26 -33.17
CA SER G 228 15.91 -12.51 -33.55
C SER G 228 15.18 -13.37 -34.59
N GLY G 229 13.93 -13.73 -34.28
CA GLY G 229 13.17 -14.61 -35.15
C GLY G 229 11.85 -13.97 -35.56
N ASP G 230 11.74 -13.66 -36.87
CA ASP G 230 10.46 -13.22 -37.43
C ASP G 230 9.54 -14.45 -37.50
N MET G 231 8.72 -14.61 -36.46
CA MET G 231 8.05 -15.90 -36.21
C MET G 231 7.17 -16.32 -37.38
N GLY G 232 6.34 -15.38 -37.90
CA GLY G 232 5.47 -15.61 -39.03
C GLY G 232 6.16 -15.83 -40.39
N LEU G 233 7.12 -14.96 -40.77
CA LEU G 233 7.78 -15.04 -42.09
C LEU G 233 9.17 -15.72 -42.11
N GLY G 234 10.12 -15.24 -41.29
CA GLY G 234 11.49 -15.73 -41.32
C GLY G 234 11.64 -17.19 -40.84
N VAL G 235 11.07 -17.47 -39.67
CA VAL G 235 11.37 -18.68 -38.93
C VAL G 235 11.01 -19.95 -39.70
N PRO G 236 9.82 -20.08 -40.35
CA PRO G 236 9.54 -21.22 -41.24
C PRO G 236 10.63 -21.46 -42.30
N PHE G 237 11.21 -20.38 -42.82
CA PHE G 237 12.33 -20.53 -43.75
C PHE G 237 13.55 -21.07 -43.01
N ASN G 238 13.87 -20.43 -41.86
CA ASN G 238 15.10 -20.67 -41.12
C ASN G 238 15.20 -22.15 -40.70
N ILE G 239 14.07 -22.70 -40.23
CA ILE G 239 14.04 -24.07 -39.79
C ILE G 239 14.47 -24.95 -40.94
N ALA G 240 13.86 -24.73 -42.12
CA ALA G 240 14.06 -25.54 -43.30
C ALA G 240 15.54 -25.43 -43.72
N SER G 241 15.98 -24.17 -43.72
CA SER G 241 17.31 -23.81 -44.17
C SER G 241 18.39 -24.63 -43.42
N TYR G 242 18.33 -24.61 -42.07
CA TYR G 242 19.32 -25.21 -41.17
C TYR G 242 19.16 -26.73 -41.15
N ALA G 243 17.91 -27.22 -41.33
CA ALA G 243 17.66 -28.64 -41.52
C ALA G 243 18.35 -29.10 -42.80
N LEU G 244 18.32 -28.22 -43.81
CA LEU G 244 18.85 -28.64 -45.10
C LEU G 244 20.37 -28.53 -45.04
N LEU G 245 20.87 -27.47 -44.41
CA LEU G 245 22.33 -27.45 -44.23
C LEU G 245 22.84 -28.75 -43.55
N THR G 246 22.09 -29.25 -42.56
CA THR G 246 22.50 -30.43 -41.81
C THR G 246 22.46 -31.66 -42.71
N TYR G 247 21.38 -31.81 -43.51
CA TYR G 247 21.39 -32.90 -44.49
C TYR G 247 22.53 -32.80 -45.49
N MET G 248 22.79 -31.58 -45.98
CA MET G 248 23.96 -31.37 -46.80
C MET G 248 25.23 -31.84 -46.12
N ILE G 249 25.48 -31.37 -44.87
CA ILE G 249 26.77 -31.63 -44.24
C ILE G 249 26.82 -33.09 -43.83
N ALA G 250 25.65 -33.55 -43.36
CA ALA G 250 25.47 -34.99 -43.22
C ALA G 250 25.95 -35.80 -44.43
N HIS G 251 25.46 -35.44 -45.63
CA HIS G 251 25.60 -36.24 -46.84
C HIS G 251 27.09 -36.35 -47.25
N ILE G 252 27.82 -35.22 -47.21
CA ILE G 252 29.21 -35.28 -47.64
C ILE G 252 30.14 -35.87 -46.58
N THR G 253 29.68 -35.98 -45.34
CA THR G 253 30.54 -36.52 -44.30
C THR G 253 30.19 -37.98 -44.03
N GLY G 254 29.22 -38.51 -44.79
CA GLY G 254 28.74 -39.88 -44.65
C GLY G 254 28.10 -40.15 -43.29
N LEU G 255 27.43 -39.17 -42.69
CA LEU G 255 26.71 -39.46 -41.48
C LEU G 255 25.23 -39.31 -41.73
N LYS G 256 24.47 -39.62 -40.70
CA LYS G 256 23.03 -39.57 -40.75
C LYS G 256 22.56 -38.33 -40.01
N PRO G 257 21.53 -37.60 -40.50
CA PRO G 257 21.08 -36.41 -39.76
C PRO G 257 20.28 -36.84 -38.49
N GLY G 258 20.44 -36.11 -37.37
CA GLY G 258 19.72 -36.40 -36.14
C GLY G 258 18.66 -35.34 -35.77
N ASP G 259 19.01 -34.41 -34.88
CA ASP G 259 18.08 -33.36 -34.58
C ASP G 259 18.53 -31.98 -35.03
N PHE G 260 17.56 -31.05 -35.29
CA PHE G 260 17.82 -29.60 -35.37
C PHE G 260 17.25 -28.91 -34.11
N ILE G 261 18.13 -28.42 -33.26
CA ILE G 261 17.70 -27.68 -32.05
C ILE G 261 17.64 -26.21 -32.44
N HIS G 262 16.45 -25.62 -32.29
CA HIS G 262 16.15 -24.24 -32.61
C HIS G 262 16.01 -23.52 -31.28
N THR G 263 16.97 -22.64 -30.98
CA THR G 263 16.97 -21.78 -29.80
C THR G 263 16.71 -20.33 -30.22
N LEU G 264 15.67 -19.71 -29.64
CA LEU G 264 15.30 -18.35 -29.99
C LEU G 264 15.67 -17.44 -28.80
N GLY G 265 16.27 -16.27 -29.13
CA GLY G 265 16.37 -15.09 -28.29
C GLY G 265 15.06 -14.31 -28.36
N ASP G 266 15.04 -13.24 -29.18
CA ASP G 266 13.92 -12.35 -29.27
C ASP G 266 12.98 -12.89 -30.35
N ALA G 267 11.92 -13.59 -29.92
CA ALA G 267 10.92 -14.17 -30.80
C ALA G 267 9.72 -13.23 -30.92
N HIS G 268 9.47 -12.75 -32.14
CA HIS G 268 8.46 -11.71 -32.31
C HIS G 268 7.48 -12.06 -33.44
N ILE G 269 6.19 -11.75 -33.22
CA ILE G 269 5.16 -11.70 -34.25
C ILE G 269 4.86 -10.23 -34.56
N TYR G 270 5.00 -9.84 -35.86
CA TYR G 270 4.62 -8.52 -36.38
C TYR G 270 3.10 -8.32 -36.27
N LEU G 271 2.66 -7.11 -35.86
CA LEU G 271 1.25 -6.90 -35.59
C LEU G 271 0.39 -7.20 -36.83
N ASN G 272 0.93 -6.95 -38.04
CA ASN G 272 0.21 -7.22 -39.29
C ASN G 272 0.24 -8.70 -39.69
N HIS G 273 0.71 -9.58 -38.80
CA HIS G 273 0.79 -11.01 -39.07
C HIS G 273 -0.18 -11.79 -38.18
N ILE G 274 -0.80 -11.12 -37.19
CA ILE G 274 -1.72 -11.72 -36.23
C ILE G 274 -2.90 -12.42 -36.93
N GLU G 275 -3.65 -11.72 -37.78
CA GLU G 275 -4.80 -12.38 -38.43
C GLU G 275 -4.37 -13.62 -39.21
N PRO G 276 -3.36 -13.54 -40.11
CA PRO G 276 -2.86 -14.72 -40.83
C PRO G 276 -2.36 -15.88 -39.96
N LEU G 277 -1.75 -15.58 -38.79
CA LEU G 277 -1.29 -16.65 -37.93
C LEU G 277 -2.47 -17.31 -37.22
N LYS G 278 -3.54 -16.55 -36.98
CA LYS G 278 -4.73 -17.14 -36.38
C LYS G 278 -5.36 -18.15 -37.34
N ILE G 279 -5.27 -17.86 -38.66
CA ILE G 279 -5.76 -18.77 -39.68
C ILE G 279 -4.87 -20.02 -39.72
N GLN G 280 -3.54 -19.84 -39.66
CA GLN G 280 -2.60 -20.96 -39.61
C GLN G 280 -2.92 -21.87 -38.41
N LEU G 281 -3.22 -21.25 -37.27
CA LEU G 281 -3.46 -22.10 -36.10
C LEU G 281 -4.75 -22.93 -36.25
N GLN G 282 -5.59 -22.62 -37.22
CA GLN G 282 -6.79 -23.44 -37.36
C GLN G 282 -6.43 -24.80 -37.96
N ARG G 283 -5.24 -24.99 -38.56
CA ARG G 283 -5.02 -26.19 -39.35
C ARG G 283 -4.19 -27.23 -38.59
N GLU G 284 -4.56 -28.50 -38.73
CA GLU G 284 -3.81 -29.61 -38.11
C GLU G 284 -2.66 -29.92 -39.07
N PRO G 285 -1.42 -30.12 -38.59
CA PRO G 285 -0.28 -30.40 -39.48
C PRO G 285 -0.52 -31.74 -40.16
N ARG G 286 0.03 -31.89 -41.36
CA ARG G 286 0.08 -33.18 -42.02
C ARG G 286 1.49 -33.74 -41.91
N PRO G 287 1.76 -35.07 -42.04
CA PRO G 287 3.14 -35.60 -41.89
C PRO G 287 4.20 -34.80 -42.66
N PHE G 288 5.36 -34.50 -42.05
CA PHE G 288 6.39 -33.80 -42.80
C PHE G 288 6.77 -34.55 -44.06
N PRO G 289 7.29 -33.89 -45.09
CA PRO G 289 7.82 -34.63 -46.25
C PRO G 289 9.17 -35.28 -45.93
N LYS G 290 9.83 -35.79 -46.99
CA LYS G 290 11.18 -36.36 -47.05
C LYS G 290 12.05 -35.59 -48.08
N LEU G 291 13.33 -35.36 -47.74
CA LEU G 291 14.27 -34.72 -48.63
C LEU G 291 15.11 -35.83 -49.21
N ARG G 292 15.24 -35.84 -50.54
CA ARG G 292 16.09 -36.81 -51.22
C ARG G 292 17.26 -36.09 -51.91
N ILE G 293 18.49 -36.56 -51.67
CA ILE G 293 19.63 -36.08 -52.45
C ILE G 293 19.88 -36.98 -53.66
N LEU G 294 19.89 -36.41 -54.88
CA LEU G 294 19.71 -37.26 -56.05
C LEU G 294 21.02 -37.79 -56.64
N ARG G 295 22.18 -37.41 -56.08
CA ARG G 295 23.45 -37.98 -56.50
C ARG G 295 24.47 -37.79 -55.39
N LYS G 296 25.57 -38.54 -55.48
CA LYS G 296 26.70 -38.43 -54.56
C LYS G 296 27.41 -37.10 -54.78
N VAL G 297 27.48 -36.25 -53.77
CA VAL G 297 28.15 -34.98 -53.95
C VAL G 297 29.33 -35.00 -52.98
N GLU G 298 30.48 -34.44 -53.39
CA GLU G 298 31.72 -34.64 -52.66
C GLU G 298 32.01 -33.42 -51.82
N LYS G 299 31.69 -32.23 -52.36
CA LYS G 299 32.06 -30.94 -51.78
C LYS G 299 30.82 -30.05 -51.66
N ILE G 300 30.78 -29.25 -50.58
CA ILE G 300 29.63 -28.45 -50.22
C ILE G 300 29.34 -27.44 -51.34
N ASP G 301 30.40 -26.97 -52.03
CA ASP G 301 30.25 -26.02 -53.12
C ASP G 301 29.70 -26.64 -54.40
N ASP G 302 29.61 -27.98 -54.50
CA ASP G 302 29.21 -28.65 -55.73
C ASP G 302 27.69 -28.82 -55.79
N PHE G 303 27.00 -28.68 -54.64
CA PHE G 303 25.56 -28.84 -54.62
C PHE G 303 24.86 -27.85 -55.55
N LYS G 304 23.91 -28.35 -56.36
CA LYS G 304 23.10 -27.56 -57.27
C LYS G 304 21.63 -27.70 -56.84
N ALA G 305 20.75 -26.80 -57.29
CA ALA G 305 19.33 -26.88 -56.93
C ALA G 305 18.73 -28.22 -57.34
N GLU G 306 19.23 -28.78 -58.47
CA GLU G 306 18.64 -29.94 -59.12
C GLU G 306 19.01 -31.26 -58.42
N ASP G 307 19.77 -31.14 -57.34
CA ASP G 307 20.27 -32.24 -56.53
C ASP G 307 19.25 -32.69 -55.48
N PHE G 308 18.20 -31.90 -55.30
CA PHE G 308 17.31 -32.01 -54.16
C PHE G 308 15.87 -32.20 -54.62
N GLN G 309 15.17 -33.10 -53.94
CA GLN G 309 13.77 -33.40 -54.19
C GLN G 309 13.06 -33.58 -52.85
N ILE G 310 12.09 -32.70 -52.58
CA ILE G 310 11.17 -32.87 -51.47
C ILE G 310 10.10 -33.83 -51.96
N GLU G 311 9.88 -34.95 -51.24
CA GLU G 311 8.86 -35.93 -51.57
C GLU G 311 7.71 -35.82 -50.58
N GLY G 312 6.48 -35.99 -51.09
CA GLY G 312 5.36 -36.25 -50.20
C GLY G 312 4.96 -35.03 -49.36
N TYR G 313 5.24 -33.84 -49.91
CA TYR G 313 4.88 -32.56 -49.32
C TYR G 313 3.43 -32.22 -49.68
N ASN G 314 2.58 -32.14 -48.65
CA ASN G 314 1.16 -32.01 -48.85
C ASN G 314 0.67 -30.90 -47.94
N PRO G 315 1.15 -29.64 -48.15
CA PRO G 315 0.87 -28.54 -47.21
C PRO G 315 -0.54 -28.02 -47.41
N HIS G 316 -1.13 -27.47 -46.32
CA HIS G 316 -2.27 -26.60 -46.40
C HIS G 316 -1.92 -25.40 -47.28
N PRO G 317 -2.91 -24.58 -47.69
CA PRO G 317 -2.65 -23.45 -48.62
C PRO G 317 -1.76 -22.33 -48.11
N THR G 318 -1.06 -21.64 -49.04
CA THR G 318 -0.38 -20.39 -48.76
C THR G 318 -1.26 -19.44 -47.93
N ILE G 319 -0.65 -18.85 -46.88
CA ILE G 319 -1.10 -17.71 -46.10
C ILE G 319 -0.15 -16.52 -46.37
N LYS G 320 -0.67 -15.42 -46.90
CA LYS G 320 0.15 -14.28 -47.29
C LYS G 320 0.37 -13.37 -46.11
N MET G 321 1.64 -13.03 -46.00
CA MET G 321 2.04 -12.13 -44.96
C MET G 321 3.04 -11.16 -45.58
N GLU G 322 2.93 -9.86 -45.25
CA GLU G 322 3.81 -8.85 -45.82
C GLU G 322 5.11 -8.72 -45.00
N MET G 323 6.25 -8.59 -45.68
CA MET G 323 7.54 -8.50 -45.00
C MET G 323 7.72 -7.13 -44.33
N ALA G 324 8.16 -7.08 -43.07
CA ALA G 324 8.49 -5.79 -42.46
C ALA G 324 9.85 -5.30 -42.99
N VAL G 325 9.87 -4.07 -43.50
CA VAL G 325 11.13 -3.46 -44.05
C VAL G 325 11.53 -2.28 -43.15
N PRO H 38 -23.90 -5.00 38.54
CA PRO H 38 -23.60 -3.57 38.29
C PRO H 38 -22.17 -3.20 38.72
N PRO H 39 -21.26 -2.79 37.79
CA PRO H 39 -19.86 -2.45 38.14
C PRO H 39 -19.70 -1.23 39.06
N HIS H 40 -18.61 -1.21 39.84
CA HIS H 40 -18.37 -0.09 40.74
C HIS H 40 -18.19 1.18 39.90
N GLY H 41 -18.83 2.29 40.28
CA GLY H 41 -18.83 3.51 39.47
C GLY H 41 -17.49 4.24 39.44
N GLU H 42 -16.63 3.98 40.41
CA GLU H 42 -15.29 4.53 40.38
C GLU H 42 -14.49 4.01 39.17
N LEU H 43 -14.86 2.85 38.59
CA LEU H 43 -14.08 2.33 37.49
C LEU H 43 -14.19 3.26 36.30
N GLN H 44 -15.27 4.05 36.25
CA GLN H 44 -15.43 5.05 35.20
C GLN H 44 -14.30 6.06 35.32
N TYR H 45 -14.21 6.67 36.52
CA TYR H 45 -13.14 7.62 36.80
C TYR H 45 -11.78 7.00 36.44
N LEU H 46 -11.49 5.75 36.92
CA LEU H 46 -10.13 5.23 36.79
C LEU H 46 -9.75 5.00 35.33
N GLY H 47 -10.73 4.43 34.58
CA GLY H 47 -10.63 4.17 33.14
C GLY H 47 -10.34 5.47 32.42
N GLN H 48 -10.92 6.56 32.96
CA GLN H 48 -10.67 7.85 32.38
C GLN H 48 -9.19 8.20 32.54
N ILE H 49 -8.69 8.16 33.79
CA ILE H 49 -7.29 8.37 34.08
C ILE H 49 -6.46 7.49 33.16
N GLN H 50 -6.85 6.22 33.00
CA GLN H 50 -6.09 5.24 32.25
C GLN H 50 -6.06 5.62 30.79
N HIS H 51 -7.16 6.17 30.29
CA HIS H 51 -7.20 6.49 28.88
C HIS H 51 -6.32 7.71 28.62
N ILE H 52 -6.32 8.66 29.58
CA ILE H 52 -5.56 9.85 29.29
C ILE H 52 -4.04 9.53 29.32
N LEU H 53 -3.59 8.78 30.34
CA LEU H 53 -2.20 8.32 30.33
C LEU H 53 -1.88 7.56 29.05
N ARG H 54 -2.83 6.76 28.54
CA ARG H 54 -2.52 5.92 27.40
C ARG H 54 -2.57 6.75 26.12
N GLY H 56 -3.73 10.35 25.77
CA GLY H 56 -3.75 11.81 25.85
C GLY H 56 -2.66 12.44 24.97
N VAL H 57 -2.84 13.70 24.57
CA VAL H 57 -1.81 14.41 23.82
C VAL H 57 -1.11 15.43 24.72
N ARG H 58 0.22 15.57 24.59
CA ARG H 58 0.98 16.50 25.47
C ARG H 58 0.87 17.95 24.97
N LYS H 59 0.22 18.83 25.74
CA LYS H 59 0.14 20.24 25.39
C LYS H 59 0.90 21.07 26.43
N ASP H 60 1.42 22.25 26.05
CA ASP H 60 1.77 23.27 27.03
C ASP H 60 0.49 23.91 27.57
N ASP H 61 0.57 24.51 28.76
CA ASP H 61 -0.66 25.10 29.28
C ASP H 61 -0.38 26.40 30.03
N ARG H 62 -1.47 27.08 30.43
CA ARG H 62 -1.34 28.39 31.06
C ARG H 62 -0.45 28.38 32.31
N THR H 63 -0.55 27.34 33.14
CA THR H 63 0.20 27.18 34.38
C THR H 63 1.68 26.89 34.15
N GLY H 64 2.04 26.51 32.91
CA GLY H 64 3.39 26.11 32.52
C GLY H 64 3.76 24.69 32.91
N THR H 65 2.79 23.85 33.31
CA THR H 65 3.16 22.57 33.91
C THR H 65 3.29 21.50 32.82
N GLY H 66 2.48 21.67 31.76
CA GLY H 66 2.28 20.68 30.70
C GLY H 66 1.14 19.72 31.08
N THR H 67 0.43 19.25 30.07
CA THR H 67 -0.62 18.28 30.31
C THR H 67 -0.64 17.16 29.27
N LEU H 68 -1.30 16.07 29.65
CA LEU H 68 -1.92 15.09 28.77
C LEU H 68 -3.44 15.36 28.73
N SER H 69 -3.96 15.53 27.52
CA SER H 69 -5.40 15.80 27.46
C SER H 69 -6.11 15.03 26.35
N VAL H 70 -7.41 14.86 26.59
CA VAL H 70 -8.40 14.23 25.74
C VAL H 70 -9.62 15.16 25.74
N PHE H 71 -10.35 15.22 24.61
CA PHE H 71 -11.57 16.00 24.53
C PHE H 71 -12.77 15.07 24.41
N GLY H 72 -13.77 15.29 25.28
CA GLY H 72 -15.14 14.75 25.21
C GLY H 72 -15.38 13.40 25.89
N MET H 73 -15.31 13.29 27.23
CA MET H 73 -15.65 12.09 27.99
C MET H 73 -16.97 12.25 28.76
N ARG H 74 -17.45 11.14 29.36
CA ARG H 74 -18.75 11.01 30.02
C ARG H 74 -18.74 9.87 31.05
N ALA H 75 -19.19 10.16 32.26
CA ALA H 75 -19.36 9.12 33.26
C ALA H 75 -20.73 9.28 33.94
N ARG H 76 -21.28 8.18 34.49
CA ARG H 76 -22.56 8.31 35.15
C ARG H 76 -22.38 7.81 36.58
N TYR H 77 -22.66 8.66 37.55
CA TYR H 77 -22.44 8.21 38.93
C TYR H 77 -23.78 7.97 39.57
N SER H 78 -24.05 6.73 39.95
CA SER H 78 -25.30 6.53 40.66
C SER H 78 -25.22 7.19 42.06
N LEU H 79 -26.31 7.85 42.48
CA LEU H 79 -26.47 8.40 43.82
C LEU H 79 -27.55 7.60 44.54
N ARG H 80 -27.97 6.47 43.95
CA ARG H 80 -29.00 5.63 44.55
C ARG H 80 -28.39 4.84 45.72
N ASP H 81 -28.79 5.18 46.96
CA ASP H 81 -28.39 4.38 48.12
C ASP H 81 -26.86 4.47 48.35
N GLU H 82 -26.20 5.47 47.77
CA GLU H 82 -24.77 5.57 47.99
C GLU H 82 -24.35 6.96 47.56
N PHE H 83 -23.10 7.30 47.86
CA PHE H 83 -22.53 8.61 47.60
C PHE H 83 -21.12 8.46 47.03
N PRO H 84 -20.86 8.97 45.81
CA PRO H 84 -19.62 8.66 45.09
C PRO H 84 -18.47 9.56 45.54
N LEU H 85 -18.06 9.39 46.79
CA LEU H 85 -16.78 9.91 47.25
C LEU H 85 -15.65 8.92 46.87
N LEU H 86 -14.75 9.26 45.94
CA LEU H 86 -13.73 8.33 45.44
C LEU H 86 -13.01 7.57 46.56
N THR H 87 -12.75 6.28 46.38
CA THR H 87 -12.14 5.48 47.48
C THR H 87 -10.72 5.02 47.16
N THR H 88 -10.26 5.14 45.90
CA THR H 88 -8.91 4.67 45.61
C THR H 88 -7.83 5.64 46.12
N LYS H 89 -8.26 6.74 46.76
CA LYS H 89 -7.41 7.68 47.49
C LYS H 89 -8.34 8.40 48.47
N ARG H 90 -7.80 8.95 49.57
CA ARG H 90 -8.68 9.66 50.54
C ARG H 90 -9.03 11.06 50.03
N VAL H 91 -10.31 11.30 49.71
CA VAL H 91 -10.74 12.62 49.25
C VAL H 91 -11.15 13.45 50.46
N PHE H 92 -10.66 14.70 50.45
CA PHE H 92 -10.83 15.67 51.53
C PHE H 92 -12.30 16.13 51.67
N TRP H 93 -13.13 15.36 52.41
CA TRP H 93 -14.57 15.60 52.43
C TRP H 93 -14.90 17.01 52.92
N LYS H 94 -14.17 17.44 53.96
CA LYS H 94 -14.35 18.77 54.54
C LYS H 94 -14.20 19.85 53.48
N GLY H 95 -13.11 19.81 52.73
CA GLY H 95 -12.98 20.71 51.60
C GLY H 95 -14.26 20.81 50.77
N VAL H 96 -14.77 19.67 50.26
CA VAL H 96 -15.89 19.59 49.33
C VAL H 96 -17.14 20.22 49.92
N LEU H 97 -17.49 19.74 51.12
CA LEU H 97 -18.63 20.23 51.87
C LEU H 97 -18.49 21.74 52.06
N GLU H 98 -17.28 22.17 52.37
CA GLU H 98 -17.06 23.53 52.79
C GLU H 98 -17.06 24.46 51.57
N GLU H 99 -16.37 24.09 50.49
CA GLU H 99 -16.40 24.85 49.26
C GLU H 99 -17.83 24.94 48.72
N LEU H 100 -18.63 23.88 48.88
CA LEU H 100 -20.02 23.87 48.38
C LEU H 100 -20.88 24.86 49.18
N LEU H 101 -20.57 25.08 50.46
CA LEU H 101 -21.44 25.91 51.26
C LEU H 101 -21.07 27.36 50.98
N TRP H 102 -19.79 27.53 50.59
CA TRP H 102 -19.15 28.77 50.22
C TRP H 102 -19.74 29.22 48.90
N PHE H 103 -19.92 28.30 47.95
CA PHE H 103 -20.56 28.65 46.70
C PHE H 103 -21.97 29.14 46.99
N ILE H 104 -22.69 28.40 47.83
CA ILE H 104 -24.13 28.59 48.02
C ILE H 104 -24.37 29.95 48.68
N LYS H 105 -23.44 30.40 49.54
CA LYS H 105 -23.46 31.71 50.17
C LYS H 105 -23.21 32.84 49.15
N GLY H 106 -22.68 32.54 47.96
CA GLY H 106 -22.36 33.54 46.94
C GLY H 106 -21.05 34.29 47.21
N SER H 107 -20.18 33.69 48.04
CA SER H 107 -18.92 34.28 48.44
C SER H 107 -17.94 34.20 47.28
N THR H 108 -17.14 35.26 47.11
CA THR H 108 -16.08 35.27 46.13
C THR H 108 -14.76 35.63 46.83
N ASN H 109 -14.70 35.33 48.12
CA ASN H 109 -13.56 35.69 48.94
C ASN H 109 -12.85 34.42 49.40
N ALA H 110 -11.67 34.16 48.81
CA ALA H 110 -10.90 32.96 49.13
C ALA H 110 -10.65 32.82 50.63
N LYS H 111 -10.54 33.95 51.34
CA LYS H 111 -10.24 33.99 52.77
C LYS H 111 -11.40 33.46 53.61
N GLU H 112 -12.64 33.61 53.12
CA GLU H 112 -13.83 33.16 53.84
C GLU H 112 -13.87 31.62 53.93
N LEU H 113 -13.44 30.93 52.85
CA LEU H 113 -13.26 29.49 52.79
C LEU H 113 -12.03 29.03 53.60
N SER H 114 -10.87 29.66 53.32
CA SER H 114 -9.63 29.51 54.04
C SER H 114 -9.79 29.50 55.56
N SER H 115 -10.71 30.30 56.12
CA SER H 115 -10.95 30.35 57.55
C SER H 115 -11.65 29.09 58.08
N LYS H 116 -12.16 28.24 57.16
CA LYS H 116 -12.88 27.04 57.57
C LYS H 116 -11.96 25.83 57.68
N GLY H 117 -10.66 26.03 57.39
CA GLY H 117 -9.68 24.97 57.34
C GLY H 117 -9.41 24.46 55.92
N VAL H 118 -9.94 25.15 54.90
CA VAL H 118 -9.92 24.68 53.54
C VAL H 118 -9.17 25.67 52.69
N LYS H 119 -8.02 25.24 52.15
CA LYS H 119 -7.05 26.19 51.59
C LYS H 119 -7.06 26.18 50.06
N ILE H 120 -7.93 25.34 49.48
CA ILE H 120 -7.79 24.98 48.08
C ILE H 120 -7.89 26.21 47.15
N TRP H 121 -8.53 27.32 47.59
CA TRP H 121 -8.72 28.50 46.74
C TRP H 121 -7.71 29.63 47.04
N ASP H 122 -6.88 29.49 48.07
CA ASP H 122 -5.94 30.53 48.50
C ASP H 122 -5.00 30.97 47.39
N ALA H 123 -4.45 30.00 46.65
CA ALA H 123 -3.42 30.30 45.67
C ALA H 123 -4.01 31.07 44.48
N ASN H 124 -5.31 30.95 44.22
CA ASN H 124 -5.92 31.66 43.09
C ASN H 124 -6.32 33.07 43.53
N GLY H 125 -6.38 33.28 44.86
CA GLY H 125 -6.76 34.56 45.41
C GLY H 125 -5.57 35.37 45.95
N SER H 126 -4.36 34.89 45.69
CA SER H 126 -3.15 35.49 46.27
C SER H 126 -2.75 36.75 45.51
N ARG H 127 -2.04 37.66 46.21
CA ARG H 127 -1.49 38.90 45.65
C ARG H 127 -0.71 38.66 44.35
N ASP H 128 0.20 37.69 44.34
CA ASP H 128 0.98 37.37 43.14
C ASP H 128 0.09 36.83 42.01
N PHE H 129 -0.89 35.98 42.35
CA PHE H 129 -1.74 35.42 41.30
C PHE H 129 -2.61 36.52 40.69
N LEU H 130 -3.22 37.34 41.55
CA LEU H 130 -4.04 38.49 41.17
C LEU H 130 -3.21 39.51 40.37
N ASP H 131 -1.98 39.80 40.84
CA ASP H 131 -1.16 40.81 40.17
C ASP H 131 -0.82 40.35 38.75
N SER H 132 -0.65 39.03 38.58
CA SER H 132 -0.17 38.42 37.33
C SER H 132 -1.25 38.50 36.26
N LEU H 133 -2.46 38.90 36.68
CA LEU H 133 -3.63 38.96 35.82
C LEU H 133 -3.98 40.41 35.50
N GLY H 134 -3.28 41.33 36.18
CA GLY H 134 -3.56 42.77 36.13
C GLY H 134 -4.41 43.31 37.28
N PHE H 135 -4.88 42.45 38.20
CA PHE H 135 -5.83 42.84 39.22
C PHE H 135 -5.12 43.37 40.46
N SER H 136 -4.32 44.43 40.27
CA SER H 136 -3.34 44.87 41.25
C SER H 136 -3.96 45.70 42.38
N THR H 137 -5.25 46.07 42.28
CA THR H 137 -5.79 47.01 43.26
C THR H 137 -6.91 46.43 44.12
N ARG H 138 -7.38 45.21 43.81
CA ARG H 138 -8.36 44.56 44.66
C ARG H 138 -7.65 43.85 45.82
N GLU H 139 -8.36 43.71 46.94
CA GLU H 139 -7.85 43.07 48.15
C GLU H 139 -7.41 41.63 47.85
N GLU H 140 -6.37 41.18 48.56
CA GLU H 140 -6.04 39.77 48.51
C GLU H 140 -7.29 38.94 48.84
N GLY H 141 -7.52 37.90 48.02
CA GLY H 141 -8.57 36.94 48.27
C GLY H 141 -9.79 37.18 47.39
N ASP H 142 -9.79 38.29 46.61
CA ASP H 142 -10.92 38.67 45.79
C ASP H 142 -10.82 37.96 44.45
N LEU H 143 -11.65 36.92 44.28
CA LEU H 143 -11.55 36.04 43.14
C LEU H 143 -12.33 36.60 41.95
N GLY H 144 -13.02 37.74 42.16
CA GLY H 144 -13.86 38.29 41.13
C GLY H 144 -15.21 37.57 41.09
N PRO H 145 -16.02 37.77 40.03
CA PRO H 145 -17.34 37.13 39.89
C PRO H 145 -17.38 35.66 39.46
N VAL H 146 -16.86 34.79 40.33
CA VAL H 146 -16.73 33.35 40.12
C VAL H 146 -17.96 32.60 40.66
N TYR H 147 -17.93 31.27 40.62
CA TYR H 147 -19.06 30.39 40.88
C TYR H 147 -20.15 30.99 41.77
N GLY H 148 -19.78 31.27 43.02
CA GLY H 148 -20.75 31.69 44.01
C GLY H 148 -21.62 32.84 43.54
N PHE H 149 -20.97 33.94 43.17
CA PHE H 149 -21.56 35.10 42.57
C PHE H 149 -22.53 34.74 41.44
N GLN H 150 -22.06 34.02 40.41
CA GLN H 150 -22.91 33.67 39.29
C GLN H 150 -24.17 32.86 39.66
N TRP H 151 -24.08 32.03 40.70
CA TRP H 151 -25.16 31.12 41.01
C TRP H 151 -26.33 31.90 41.61
N ARG H 152 -25.96 32.95 42.38
CA ARG H 152 -26.91 33.71 43.18
C ARG H 152 -27.27 35.08 42.59
N HIS H 153 -26.39 35.67 41.77
CA HIS H 153 -26.49 37.06 41.32
C HIS H 153 -26.20 37.22 39.83
N PHE H 154 -26.48 36.19 39.05
CA PHE H 154 -26.05 36.25 37.67
C PHE H 154 -26.56 37.57 37.06
N GLY H 155 -25.62 38.28 36.43
CA GLY H 155 -25.94 39.46 35.66
C GLY H 155 -25.78 40.72 36.52
N ALA H 156 -25.66 40.59 37.85
CA ALA H 156 -25.47 41.79 38.64
C ALA H 156 -24.07 42.32 38.38
N GLU H 157 -23.86 43.64 38.53
CA GLU H 157 -22.55 44.24 38.35
C GLU H 157 -21.67 43.98 39.57
N TYR H 158 -20.52 43.33 39.35
CA TYR H 158 -19.53 43.06 40.39
C TYR H 158 -18.81 44.34 40.84
N ARG H 159 -18.91 44.62 42.15
CA ARG H 159 -18.21 45.68 42.85
C ARG H 159 -16.88 45.08 43.34
N ASP H 160 -16.80 44.67 44.63
CA ASP H 160 -15.70 43.84 45.10
C ASP H 160 -16.30 42.68 45.89
N MET H 161 -15.45 41.89 46.57
CA MET H 161 -15.84 40.67 47.24
C MET H 161 -16.63 40.96 48.51
N GLU H 162 -16.54 42.19 49.01
CA GLU H 162 -17.14 42.52 50.29
C GLU H 162 -18.53 43.15 50.09
N SER H 163 -18.90 43.49 48.85
CA SER H 163 -20.10 44.26 48.52
C SER H 163 -21.40 43.54 48.86
N ASP H 164 -22.44 44.32 49.23
CA ASP H 164 -23.75 43.71 49.42
C ASP H 164 -24.47 43.54 48.08
N TYR H 165 -24.86 42.30 47.79
CA TYR H 165 -25.45 41.99 46.50
C TYR H 165 -26.90 41.54 46.65
N SER H 166 -27.51 41.81 47.80
CA SER H 166 -28.84 41.26 48.04
C SER H 166 -29.83 41.70 46.96
N GLY H 167 -30.63 40.74 46.45
CA GLY H 167 -31.72 41.01 45.53
C GLY H 167 -31.28 41.40 44.12
N GLN H 168 -29.95 41.44 43.85
CA GLN H 168 -29.38 41.82 42.56
C GLN H 168 -29.02 40.60 41.73
N GLY H 169 -29.13 40.71 40.41
CA GLY H 169 -28.89 39.63 39.46
C GLY H 169 -29.86 38.46 39.61
N VAL H 170 -29.58 37.36 38.88
CA VAL H 170 -30.51 36.26 38.84
C VAL H 170 -30.09 35.20 39.85
N ASP H 171 -31.00 34.88 40.77
CA ASP H 171 -30.66 33.84 41.72
C ASP H 171 -31.09 32.55 41.07
N GLN H 172 -30.14 31.95 40.38
CA GLN H 172 -30.34 30.78 39.55
C GLN H 172 -30.57 29.53 40.38
N LEU H 173 -29.93 29.44 41.56
CA LEU H 173 -30.07 28.24 42.38
C LEU H 173 -31.51 28.20 42.97
N GLN H 174 -31.97 29.33 43.48
CA GLN H 174 -33.33 29.37 43.97
C GLN H 174 -34.31 29.05 42.87
N ARG H 175 -34.05 29.45 41.60
CA ARG H 175 -35.04 29.26 40.54
C ARG H 175 -35.13 27.77 40.19
N VAL H 176 -33.99 27.07 40.34
CA VAL H 176 -33.89 25.65 40.13
C VAL H 176 -34.79 24.98 41.16
N ILE H 177 -34.58 25.31 42.46
CA ILE H 177 -35.39 24.76 43.55
C ILE H 177 -36.87 25.04 43.26
N ASP H 178 -37.22 26.28 42.89
CA ASP H 178 -38.61 26.65 42.68
C ASP H 178 -39.19 25.80 41.54
N THR H 179 -38.49 25.69 40.39
CA THR H 179 -39.01 24.94 39.26
C THR H 179 -39.22 23.45 39.62
N ILE H 180 -38.21 22.81 40.25
CA ILE H 180 -38.34 21.44 40.71
C ILE H 180 -39.65 21.26 41.51
N LYS H 181 -39.89 22.16 42.48
CA LYS H 181 -41.05 22.02 43.37
C LYS H 181 -42.34 22.20 42.57
N THR H 182 -42.44 23.31 41.83
CA THR H 182 -43.71 23.75 41.27
C THR H 182 -43.92 23.07 39.90
N ASN H 183 -42.85 22.81 39.15
CA ASN H 183 -43.04 22.48 37.74
C ASN H 183 -41.97 21.51 37.21
N PRO H 184 -41.80 20.29 37.80
CA PRO H 184 -40.67 19.41 37.44
C PRO H 184 -40.50 18.91 36.00
N ASP H 185 -41.54 19.08 35.20
CA ASP H 185 -41.54 18.58 33.82
C ASP H 185 -40.82 19.58 32.92
N ASP H 186 -40.55 20.78 33.49
CA ASP H 186 -39.95 21.91 32.80
C ASP H 186 -38.60 21.46 32.24
N ARG H 187 -38.33 21.81 30.99
CA ARG H 187 -37.09 21.35 30.42
C ARG H 187 -35.97 22.40 30.56
N ARG H 188 -36.24 23.47 31.31
CA ARG H 188 -35.25 24.56 31.45
C ARG H 188 -34.83 24.69 32.92
N ILE H 189 -34.41 23.58 33.54
CA ILE H 189 -33.97 23.69 34.94
C ILE H 189 -32.45 23.67 34.98
N ILE H 190 -31.87 24.88 34.91
CA ILE H 190 -30.48 24.97 34.53
C ILE H 190 -29.83 26.04 35.36
N MET H 191 -28.54 25.83 35.58
CA MET H 191 -27.71 26.75 36.36
C MET H 191 -26.37 26.87 35.63
N CYS H 192 -26.01 28.11 35.33
CA CYS H 192 -24.90 28.39 34.44
C CYS H 192 -23.99 29.42 35.10
N ALA H 193 -22.72 29.04 35.28
CA ALA H 193 -21.65 29.89 35.79
C ALA H 193 -20.88 30.64 34.69
N TRP H 194 -20.89 30.08 33.47
CA TRP H 194 -20.18 30.66 32.33
C TRP H 194 -20.80 31.98 31.86
N ASN H 195 -20.17 33.09 32.27
CA ASN H 195 -20.69 34.44 32.06
C ASN H 195 -19.67 35.24 31.25
N PRO H 196 -19.78 35.24 29.90
CA PRO H 196 -18.78 35.90 29.03
C PRO H 196 -18.53 37.38 29.30
N ARG H 197 -19.54 38.08 29.82
CA ARG H 197 -19.39 39.48 30.17
C ARG H 197 -18.41 39.60 31.34
N ASP H 198 -18.44 38.62 32.26
CA ASP H 198 -17.71 38.72 33.50
C ASP H 198 -16.38 38.00 33.38
N LEU H 199 -16.11 37.29 32.26
CA LEU H 199 -14.91 36.46 32.21
C LEU H 199 -13.67 37.29 32.55
N PRO H 200 -13.45 38.52 32.00
CA PRO H 200 -12.19 39.23 32.21
C PRO H 200 -11.93 39.67 33.65
N LEU H 201 -12.95 39.54 34.54
CA LEU H 201 -12.80 39.94 35.94
C LEU H 201 -12.40 38.76 36.84
N MET H 202 -12.53 37.52 36.36
CA MET H 202 -12.48 36.33 37.20
C MET H 202 -11.03 35.91 37.41
N ALA H 203 -10.65 35.56 38.65
CA ALA H 203 -9.39 34.88 38.93
C ALA H 203 -9.22 33.71 37.97
N LEU H 204 -10.31 32.94 37.86
CA LEU H 204 -10.35 31.75 37.03
C LEU H 204 -11.80 31.59 36.49
N PRO H 205 -12.01 31.43 35.16
CA PRO H 205 -13.36 31.19 34.62
C PRO H 205 -13.83 29.79 35.00
N PRO H 206 -15.14 29.59 35.16
CA PRO H 206 -15.69 28.32 35.62
C PRO H 206 -15.19 27.05 34.93
N HIS H 208 -16.36 23.91 36.08
CA HIS H 208 -17.69 23.37 35.99
C HIS H 208 -18.64 24.52 35.60
N ALA H 209 -19.03 24.54 34.32
CA ALA H 209 -19.59 25.65 33.57
C ALA H 209 -21.11 25.72 33.71
N LEU H 210 -21.81 24.58 33.76
CA LEU H 210 -23.26 24.54 33.60
C LEU H 210 -23.78 23.14 33.98
N CYS H 211 -24.84 23.08 34.80
CA CYS H 211 -25.50 21.81 35.07
C CYS H 211 -27.00 21.93 34.83
N GLN H 212 -27.61 20.78 34.61
CA GLN H 212 -29.04 20.69 34.36
C GLN H 212 -29.61 19.70 35.37
N PHE H 213 -30.75 20.02 35.99
CA PHE H 213 -31.40 19.00 36.83
C PHE H 213 -32.60 18.49 36.03
N TYR H 214 -33.12 17.30 36.40
CA TYR H 214 -34.21 16.64 35.71
C TYR H 214 -34.87 15.67 36.66
N VAL H 215 -36.14 15.37 36.34
CA VAL H 215 -36.96 14.66 37.31
C VAL H 215 -37.76 13.63 36.56
N VAL H 216 -37.70 12.37 37.04
CA VAL H 216 -38.54 11.26 36.61
C VAL H 216 -39.00 10.50 37.86
N ASN H 217 -40.34 10.43 38.08
CA ASN H 217 -41.00 9.53 39.00
C ASN H 217 -40.37 9.77 40.37
N SER H 218 -40.27 11.04 40.80
CA SER H 218 -39.87 11.42 42.16
C SER H 218 -38.35 11.33 42.41
N GLU H 219 -37.62 11.25 41.29
CA GLU H 219 -36.18 11.02 41.23
C GLU H 219 -35.47 12.13 40.44
N LEU H 220 -34.61 12.87 41.14
CA LEU H 220 -33.89 14.04 40.64
C LEU H 220 -32.51 13.63 40.17
N SER H 221 -32.22 13.89 38.89
CA SER H 221 -30.85 13.71 38.39
C SER H 221 -30.23 15.04 37.94
N CYS H 222 -28.89 15.08 37.88
CA CYS H 222 -28.16 16.30 37.53
C CYS H 222 -27.21 15.94 36.40
N GLN H 223 -27.03 16.82 35.42
CA GLN H 223 -25.93 16.67 34.51
C GLN H 223 -25.01 17.88 34.63
N LEU H 224 -23.69 17.66 34.85
CA LEU H 224 -22.79 18.80 34.82
C LEU H 224 -22.02 18.79 33.52
N TYR H 225 -21.86 19.99 32.87
CA TYR H 225 -20.99 20.17 31.72
C TYR H 225 -19.73 20.85 32.24
N GLN H 226 -18.63 20.11 32.22
CA GLN H 226 -17.39 20.58 32.80
C GLN H 226 -16.44 20.82 31.65
N ARG H 227 -16.29 22.11 31.29
CA ARG H 227 -15.48 22.55 30.13
C ARG H 227 -14.00 22.24 30.35
N SER H 228 -13.57 22.12 31.61
CA SER H 228 -12.15 21.84 31.86
C SER H 228 -12.04 21.09 33.18
N GLY H 229 -11.40 19.91 33.15
CA GLY H 229 -11.29 19.08 34.31
C GLY H 229 -9.85 18.69 34.64
N ASP H 230 -9.43 19.13 35.81
CA ASP H 230 -8.21 18.67 36.44
C ASP H 230 -8.46 17.24 36.93
N MET H 231 -8.15 16.28 36.07
CA MET H 231 -8.47 14.90 36.33
C MET H 231 -7.90 14.42 37.66
N GLY H 232 -6.66 14.83 38.00
CA GLY H 232 -5.98 14.41 39.22
C GLY H 232 -6.49 15.06 40.51
N LEU H 233 -6.61 16.40 40.51
CA LEU H 233 -7.00 17.20 41.68
C LEU H 233 -8.46 17.69 41.68
N GLY H 234 -8.91 18.31 40.58
CA GLY H 234 -10.18 19.00 40.58
C GLY H 234 -11.37 18.04 40.56
N VAL H 235 -11.31 17.09 39.63
CA VAL H 235 -12.44 16.23 39.36
C VAL H 235 -12.93 15.45 40.58
N PRO H 236 -12.06 14.77 41.38
CA PRO H 236 -12.54 14.04 42.55
C PRO H 236 -13.31 14.97 43.47
N PHE H 237 -12.87 16.22 43.58
CA PHE H 237 -13.65 17.21 44.30
C PHE H 237 -14.99 17.44 43.59
N ASN H 238 -14.97 17.61 42.26
CA ASN H 238 -16.13 18.10 41.51
C ASN H 238 -17.23 17.03 41.50
N ILE H 239 -16.82 15.75 41.41
CA ILE H 239 -17.79 14.70 41.39
C ILE H 239 -18.54 14.81 42.70
N ALA H 240 -17.85 15.01 43.84
CA ALA H 240 -18.49 15.11 45.17
C ALA H 240 -19.42 16.33 45.36
N SER H 241 -19.04 17.50 44.88
CA SER H 241 -19.81 18.72 45.03
C SER H 241 -21.22 18.54 44.48
N TYR H 242 -21.25 18.11 43.21
CA TYR H 242 -22.48 18.00 42.42
C TYR H 242 -23.36 16.86 42.98
N ALA H 243 -22.67 15.76 43.40
CA ALA H 243 -23.43 14.67 43.96
C ALA H 243 -24.12 15.21 45.19
N LEU H 244 -23.37 16.06 45.92
CA LEU H 244 -23.81 16.62 47.21
C LEU H 244 -24.90 17.66 46.92
N LEU H 245 -24.70 18.47 45.87
CA LEU H 245 -25.72 19.48 45.60
C LEU H 245 -27.06 18.77 45.30
N THR H 246 -26.97 17.59 44.65
CA THR H 246 -28.14 16.88 44.12
C THR H 246 -28.89 16.34 45.32
N TYR H 247 -28.14 15.82 46.29
CA TYR H 247 -28.75 15.27 47.54
C TYR H 247 -29.41 16.42 48.30
N MET H 248 -28.72 17.55 48.39
CA MET H 248 -29.24 18.76 49.08
C MET H 248 -30.55 19.22 48.41
N ILE H 249 -30.62 19.25 47.09
CA ILE H 249 -31.81 19.74 46.42
C ILE H 249 -32.92 18.72 46.53
N ALA H 250 -32.61 17.47 46.14
CA ALA H 250 -33.43 16.29 46.37
C ALA H 250 -34.12 16.37 47.73
N HIS H 251 -33.36 16.77 48.78
CA HIS H 251 -33.80 16.75 50.17
C HIS H 251 -34.78 17.85 50.47
N ILE H 252 -34.52 19.08 49.95
CA ILE H 252 -35.46 20.15 50.23
C ILE H 252 -36.74 20.03 49.36
N THR H 253 -36.64 19.26 48.28
CA THR H 253 -37.72 19.18 47.33
C THR H 253 -38.56 17.91 47.56
N GLY H 254 -38.21 17.04 48.55
CA GLY H 254 -38.87 15.76 48.77
C GLY H 254 -38.62 14.72 47.66
N LEU H 255 -37.50 14.80 46.98
CA LEU H 255 -37.23 13.83 45.94
C LEU H 255 -36.06 12.94 46.37
N LYS H 256 -35.85 11.90 45.56
CA LYS H 256 -34.84 10.91 45.84
C LYS H 256 -33.69 11.20 44.88
N PRO H 257 -32.40 11.11 45.25
CA PRO H 257 -31.35 11.35 44.27
C PRO H 257 -31.28 10.11 43.38
N GLY H 258 -31.08 10.38 42.07
CA GLY H 258 -31.00 9.43 40.97
C GLY H 258 -29.59 9.26 40.41
N ASP H 259 -29.30 9.92 39.30
CA ASP H 259 -27.94 9.88 38.77
C ASP H 259 -27.32 11.27 38.72
N PHE H 260 -25.98 11.32 38.90
CA PHE H 260 -25.16 12.46 38.50
C PHE H 260 -24.29 12.06 37.31
N ILE H 261 -24.53 12.71 36.12
CA ILE H 261 -23.92 12.49 34.80
C ILE H 261 -22.87 13.58 34.57
N HIS H 262 -21.61 13.10 34.44
CA HIS H 262 -20.43 13.97 34.43
C HIS H 262 -19.93 13.99 33.02
N THR H 263 -20.09 15.11 32.31
CA THR H 263 -19.66 15.27 30.92
C THR H 263 -18.46 16.22 30.92
N LEU H 264 -17.34 15.78 30.33
CA LEU H 264 -16.13 16.59 30.27
C LEU H 264 -15.87 17.03 28.82
N GLY H 265 -15.45 18.31 28.71
CA GLY H 265 -14.84 18.86 27.51
C GLY H 265 -13.35 18.51 27.48
N ASP H 266 -12.54 19.47 27.98
CA ASP H 266 -11.10 19.34 28.04
C ASP H 266 -10.70 18.64 29.35
N ALA H 267 -10.38 17.34 29.26
CA ALA H 267 -9.97 16.56 30.43
C ALA H 267 -8.45 16.37 30.37
N HIS H 268 -7.75 16.93 31.36
CA HIS H 268 -6.28 16.93 31.34
C HIS H 268 -5.68 16.31 32.62
N ILE H 269 -4.59 15.55 32.43
CA ILE H 269 -3.72 15.19 33.53
C ILE H 269 -2.45 16.06 33.47
N TYR H 270 -2.17 16.86 34.54
CA TYR H 270 -0.93 17.60 34.73
C TYR H 270 0.30 16.66 34.78
N LEU H 271 1.44 17.04 34.15
CA LEU H 271 2.54 16.10 34.04
C LEU H 271 3.10 15.67 35.39
N ASN H 272 3.07 16.54 36.40
CA ASN H 272 3.57 16.18 37.72
C ASN H 272 2.53 15.41 38.56
N HIS H 273 1.50 14.87 37.90
CA HIS H 273 0.44 14.07 38.48
C HIS H 273 0.54 12.60 38.05
N ILE H 274 1.30 12.32 36.99
CA ILE H 274 1.41 11.01 36.39
C ILE H 274 1.85 9.95 37.40
N GLU H 275 2.91 10.21 38.16
CA GLU H 275 3.38 9.18 39.08
C GLU H 275 2.28 8.93 40.11
N PRO H 276 1.73 10.00 40.75
CA PRO H 276 0.62 9.83 41.69
C PRO H 276 -0.60 9.06 41.18
N LEU H 277 -0.96 9.30 39.92
CA LEU H 277 -2.10 8.64 39.32
C LEU H 277 -1.78 7.18 39.02
N LYS H 278 -0.54 6.84 38.62
CA LYS H 278 -0.14 5.44 38.37
C LYS H 278 -0.25 4.60 39.64
N ILE H 279 0.08 5.22 40.79
CA ILE H 279 -0.10 4.62 42.12
C ILE H 279 -1.59 4.45 42.36
N GLN H 280 -2.40 5.44 41.98
CA GLN H 280 -3.81 5.34 42.28
C GLN H 280 -4.37 4.14 41.53
N LEU H 281 -3.92 3.90 40.31
CA LEU H 281 -4.49 2.86 39.47
C LEU H 281 -4.07 1.44 39.93
N GLN H 282 -3.14 1.35 40.89
CA GLN H 282 -2.79 0.04 41.45
C GLN H 282 -3.93 -0.49 42.31
N ARG H 283 -4.60 0.43 43.03
CA ARG H 283 -5.64 0.06 44.03
C ARG H 283 -6.97 -0.31 43.38
N GLU H 284 -7.78 -1.06 44.15
CA GLU H 284 -9.14 -1.49 43.73
C GLU H 284 -10.14 -0.72 44.61
N PRO H 285 -11.25 -0.19 44.05
CA PRO H 285 -12.22 0.60 44.83
C PRO H 285 -12.86 -0.23 45.95
N ARG H 286 -13.11 0.39 47.09
CA ARG H 286 -13.92 -0.10 48.20
C ARG H 286 -15.36 0.38 47.96
N PRO H 287 -16.45 -0.29 48.42
CA PRO H 287 -17.80 0.29 48.27
C PRO H 287 -17.84 1.78 48.55
N PHE H 288 -18.52 2.56 47.69
CA PHE H 288 -18.77 3.97 48.00
C PHE H 288 -19.43 4.05 49.39
N PRO H 289 -19.22 5.14 50.16
CA PRO H 289 -20.04 5.36 51.36
C PRO H 289 -21.51 5.79 51.12
N LYS H 290 -22.20 6.07 52.22
CA LYS H 290 -23.54 6.61 52.26
C LYS H 290 -23.42 8.02 52.82
N LEU H 291 -24.31 8.91 52.37
CA LEU H 291 -24.35 10.22 52.96
C LEU H 291 -25.70 10.41 53.66
N ARG H 292 -25.59 10.93 54.87
CA ARG H 292 -26.74 11.06 55.77
C ARG H 292 -27.06 12.54 56.01
N ILE H 293 -28.33 12.91 55.89
CA ILE H 293 -28.67 14.28 56.24
C ILE H 293 -29.31 14.26 57.64
N LEU H 294 -28.76 15.04 58.59
CA LEU H 294 -29.04 14.75 59.98
C LEU H 294 -30.32 15.38 60.52
N ARG H 295 -30.83 16.41 59.85
CA ARG H 295 -32.13 16.97 60.20
C ARG H 295 -32.86 17.38 58.93
N LYS H 296 -34.18 17.61 59.09
CA LYS H 296 -35.06 18.16 58.08
C LYS H 296 -34.64 19.61 57.88
N VAL H 297 -34.29 19.99 56.65
CA VAL H 297 -33.86 21.35 56.37
C VAL H 297 -34.77 21.87 55.27
N GLU H 298 -35.18 23.16 55.36
CA GLU H 298 -36.25 23.63 54.49
C GLU H 298 -35.67 24.42 53.32
N LYS H 299 -34.63 25.23 53.58
CA LYS H 299 -34.10 26.16 52.56
C LYS H 299 -32.61 25.86 52.31
N ILE H 300 -32.18 25.98 51.04
CA ILE H 300 -30.84 25.61 50.67
C ILE H 300 -29.82 26.37 51.53
N ASP H 301 -30.21 27.57 51.98
CA ASP H 301 -29.30 28.48 52.66
C ASP H 301 -29.11 28.07 54.11
N ASP H 302 -29.92 27.10 54.58
CA ASP H 302 -29.95 26.75 56.00
C ASP H 302 -28.96 25.64 56.29
N PHE H 303 -28.52 24.95 55.24
CA PHE H 303 -27.59 23.85 55.40
C PHE H 303 -26.32 24.33 56.09
N LYS H 304 -25.97 23.64 57.19
CA LYS H 304 -24.75 23.87 57.94
C LYS H 304 -23.89 22.63 57.78
N ALA H 305 -22.58 22.77 57.84
CA ALA H 305 -21.65 21.65 57.75
C ALA H 305 -22.04 20.47 58.67
N GLU H 306 -22.64 20.75 59.82
CA GLU H 306 -22.94 19.77 60.85
C GLU H 306 -24.17 18.92 60.51
N ASP H 307 -24.88 19.26 59.44
CA ASP H 307 -26.08 18.56 59.00
C ASP H 307 -25.77 17.30 58.18
N PHE H 308 -24.49 17.00 57.97
CA PHE H 308 -24.09 15.98 57.02
C PHE H 308 -23.07 15.04 57.62
N GLN H 309 -23.29 13.73 57.47
CA GLN H 309 -22.42 12.73 58.04
C GLN H 309 -22.11 11.79 56.91
N ILE H 310 -20.84 11.70 56.53
CA ILE H 310 -20.44 10.68 55.59
C ILE H 310 -20.30 9.43 56.42
N GLU H 311 -20.80 8.32 55.88
CA GLU H 311 -20.95 7.10 56.65
C GLU H 311 -20.27 5.93 55.94
N GLY H 312 -19.49 5.14 56.68
CA GLY H 312 -18.87 3.96 56.08
C GLY H 312 -17.87 4.27 54.96
N TYR H 313 -17.04 5.30 55.15
CA TYR H 313 -16.06 5.68 54.15
C TYR H 313 -14.75 5.06 54.59
N ASN H 314 -14.14 4.23 53.72
CA ASN H 314 -12.93 3.43 53.98
C ASN H 314 -12.00 3.56 52.77
N PRO H 315 -11.33 4.72 52.55
CA PRO H 315 -10.55 4.91 51.34
C PRO H 315 -9.14 4.35 51.53
N HIS H 316 -8.46 4.05 50.38
CA HIS H 316 -7.05 3.77 50.33
C HIS H 316 -6.37 5.07 50.78
N PRO H 317 -5.07 5.10 51.14
CA PRO H 317 -4.47 6.31 51.70
C PRO H 317 -4.41 7.48 50.73
N THR H 318 -4.19 8.69 51.27
CA THR H 318 -4.01 9.97 50.58
C THR H 318 -2.85 9.87 49.58
N ILE H 319 -3.05 10.38 48.37
CA ILE H 319 -1.97 10.54 47.41
C ILE H 319 -1.73 12.05 47.30
N LYS H 320 -0.55 12.56 47.69
CA LYS H 320 -0.20 13.97 47.60
C LYS H 320 0.02 14.31 46.13
N MET H 321 -0.69 15.35 45.65
CA MET H 321 -0.55 15.93 44.32
C MET H 321 -0.49 17.46 44.42
N GLU H 322 0.40 18.08 43.62
CA GLU H 322 0.63 19.52 43.68
C GLU H 322 -0.41 20.27 42.85
N MET H 323 -1.03 21.32 43.39
CA MET H 323 -1.89 22.10 42.49
C MET H 323 -1.06 22.89 41.47
N ALA H 324 -1.66 23.12 40.31
CA ALA H 324 -1.05 23.93 39.24
C ALA H 324 -1.67 25.32 39.27
N VAL H 325 -0.91 26.35 39.63
CA VAL H 325 -1.49 27.72 39.68
C VAL H 325 -1.36 28.36 38.30
#